data_1JPC
# 
_entry.id   1JPC 
# 
_audit_conform.dict_name       mmcif_pdbx.dic 
_audit_conform.dict_version    5.397 
_audit_conform.dict_location   http://mmcif.pdb.org/dictionaries/ascii/mmcif_pdbx.dic 
# 
loop_
_database_2.database_id 
_database_2.database_code 
_database_2.pdbx_database_accession 
_database_2.pdbx_DOI 
PDB   1JPC         pdb_00001jpc 10.2210/pdb1jpc/pdb 
WWPDB D_1000174358 ?            ?                   
# 
loop_
_pdbx_audit_revision_history.ordinal 
_pdbx_audit_revision_history.data_content_type 
_pdbx_audit_revision_history.major_revision 
_pdbx_audit_revision_history.minor_revision 
_pdbx_audit_revision_history.revision_date 
1 'Structure model' 1 0 1997-01-27 
2 'Structure model' 1 1 2008-03-03 
3 'Structure model' 1 2 2011-07-13 
4 'Structure model' 1 3 2020-02-05 
5 'Structure model' 2 0 2020-07-29 
6 'Structure model' 2 1 2024-10-16 
# 
loop_
_pdbx_audit_revision_details.ordinal 
_pdbx_audit_revision_details.revision_ordinal 
_pdbx_audit_revision_details.data_content_type 
_pdbx_audit_revision_details.provider 
_pdbx_audit_revision_details.type 
_pdbx_audit_revision_details.description 
_pdbx_audit_revision_details.details 
1 1 'Structure model' repository 'Initial release' ?                          ? 
2 5 'Structure model' repository Remediation       'Carbohydrate remediation' ? 
# 
loop_
_pdbx_audit_revision_group.ordinal 
_pdbx_audit_revision_group.revision_ordinal 
_pdbx_audit_revision_group.data_content_type 
_pdbx_audit_revision_group.group 
1  2 'Structure model' 'Version format compliance' 
2  3 'Structure model' 'Derived calculations'      
3  3 'Structure model' 'Version format compliance' 
4  4 'Structure model' Advisory                    
5  4 'Structure model' 'Data collection'           
6  4 'Structure model' 'Derived calculations'      
7  4 'Structure model' 'Refinement description'    
8  5 'Structure model' 'Atomic model'              
9  5 'Structure model' 'Data collection'           
10 5 'Structure model' 'Derived calculations'      
11 5 'Structure model' 'Structure summary'         
12 6 'Structure model' 'Data collection'           
13 6 'Structure model' 'Database references'       
14 6 'Structure model' 'Structure summary'         
# 
loop_
_pdbx_audit_revision_category.ordinal 
_pdbx_audit_revision_category.revision_ordinal 
_pdbx_audit_revision_category.data_content_type 
_pdbx_audit_revision_category.category 
1  4 'Structure model' chem_comp                     
2  4 'Structure model' pdbx_distant_solvent_atoms    
3  4 'Structure model' pdbx_struct_assembly          
4  4 'Structure model' pdbx_struct_assembly_gen      
5  4 'Structure model' pdbx_struct_assembly_prop     
6  4 'Structure model' pdbx_struct_oper_list         
7  4 'Structure model' software                      
8  4 'Structure model' struct_conn                   
9  5 'Structure model' atom_site                     
10 5 'Structure model' chem_comp                     
11 5 'Structure model' entity                        
12 5 'Structure model' entity_name_com               
13 5 'Structure model' pdbx_branch_scheme            
14 5 'Structure model' pdbx_chem_comp_identifier     
15 5 'Structure model' pdbx_entity_branch            
16 5 'Structure model' pdbx_entity_branch_descriptor 
17 5 'Structure model' pdbx_entity_branch_link       
18 5 'Structure model' pdbx_entity_branch_list       
19 5 'Structure model' pdbx_entity_nonpoly           
20 5 'Structure model' pdbx_molecule_features        
21 5 'Structure model' pdbx_nonpoly_scheme           
22 5 'Structure model' pdbx_struct_assembly_gen      
23 5 'Structure model' pdbx_struct_special_symmetry  
24 5 'Structure model' struct_asym                   
25 5 'Structure model' struct_conn                   
26 5 'Structure model' struct_site                   
27 5 'Structure model' struct_site_gen               
28 6 'Structure model' chem_comp                     
29 6 'Structure model' chem_comp_atom                
30 6 'Structure model' chem_comp_bond                
31 6 'Structure model' database_2                    
32 6 'Structure model' pdbx_entry_details            
33 6 'Structure model' pdbx_modification_feature     
# 
loop_
_pdbx_audit_revision_item.ordinal 
_pdbx_audit_revision_item.revision_ordinal 
_pdbx_audit_revision_item.data_content_type 
_pdbx_audit_revision_item.item 
1  4 'Structure model' '_chem_comp.type'                             
2  4 'Structure model' '_pdbx_struct_assembly_prop.biol_id'          
3  4 'Structure model' '_software.name'                              
4  4 'Structure model' '_struct_conn.pdbx_leaving_atom_flag'         
5  5 'Structure model' '_atom_site.auth_asym_id'                     
6  5 'Structure model' '_atom_site.auth_seq_id'                      
7  5 'Structure model' '_atom_site.label_asym_id'                    
8  5 'Structure model' '_atom_site.label_entity_id'                  
9  5 'Structure model' '_chem_comp.name'                             
10 5 'Structure model' '_pdbx_struct_assembly_gen.asym_id_list'      
11 5 'Structure model' '_pdbx_struct_special_symmetry.label_asym_id' 
12 6 'Structure model' '_chem_comp.pdbx_synonyms'                    
13 6 'Structure model' '_database_2.pdbx_DOI'                        
14 6 'Structure model' '_database_2.pdbx_database_accession'         
# 
_pdbx_database_status.status_code                     REL 
_pdbx_database_status.entry_id                        1JPC 
_pdbx_database_status.recvd_initial_deposition_date   1996-07-30 
_pdbx_database_status.deposit_site                    ? 
_pdbx_database_status.process_site                    BNL 
_pdbx_database_status.SG_entry                        . 
_pdbx_database_status.pdb_format_compatible           Y 
_pdbx_database_status.status_code_mr                  ? 
_pdbx_database_status.status_code_sf                  ? 
_pdbx_database_status.status_code_cs                  ? 
_pdbx_database_status.methods_development_category    ? 
_pdbx_database_status.status_code_nmr_data            ? 
# 
loop_
_audit_author.name 
_audit_author.pdbx_ordinal 
'Wright, C.S.' 1 
'Hester, G.'   2 
# 
loop_
_citation.id 
_citation.title 
_citation.journal_abbrev 
_citation.journal_volume 
_citation.page_first 
_citation.page_last 
_citation.year 
_citation.journal_id_ASTM 
_citation.country 
_citation.journal_id_ISSN 
_citation.journal_id_CSD 
_citation.book_publisher 
_citation.pdbx_database_id_PubMed 
_citation.pdbx_database_id_DOI 
primary 
;The 2.0 A structure of a cross-linked complex between snowdrop lectin and a branched mannopentaose: evidence for two unique binding modes.
;
Structure        4   1339 1352 1996 STRUE6 UK 0969-2126 2005 ? 8939757 '10.1016/S0969-2126(96)00141-4' 
1       
;The Mannose-Specific Bulb Lectin from Galanthus Nivalis (Snowdrop) Binds Mono-and Dimannosides at Distinct Sites. Structure Analysis of Refined Complexes at 2.3 A and 3.0 A Resolution
;
J.Mol.Biol.      262 516  ?    1996 JMOBAK UK 0022-2836 0070 ? ?       ?                               
2       'Structure of Mannose-Specific Snowdrop (Galanthus Nivalis) Lectin is Representative of a New Plant Lectin Family' 
Nat.Struct.Biol. 2   472  ?    1995 NSBIEW US 1072-8368 2024 ? ?       ?                               
# 
loop_
_citation_author.citation_id 
_citation_author.name 
_citation_author.ordinal 
_citation_author.identifier_ORCID 
primary 'Wright, C.S.'    1 ? 
primary 'Hester, G.'      2 ? 
1       'Hester, G.'      3 ? 
1       'Wright, C.S.'    4 ? 
2       'Hester, G.'      5 ? 
2       'Kaku, H.'        6 ? 
2       'Goldstein, I.J.' 7 ? 
2       'Wright, C.S.'    8 ? 
# 
loop_
_entity.id 
_entity.type 
_entity.src_method 
_entity.pdbx_description 
_entity.formula_weight 
_entity.pdbx_number_of_molecules 
_entity.pdbx_ec 
_entity.pdbx_mutation 
_entity.pdbx_fragment 
_entity.details 
1 polymer  nat AGGLUTININ                                                                       12061.348 1  ? ? ? 
'FROM GALANTHUS NIVALIS PLANT FAMILY OF AMARYLLIDACEAE' 
2 branched man 'alpha-D-mannopyranose-(1-3)-[alpha-D-mannopyranose-(1-6)]alpha-D-mannopyranose' 504.438   2  ? ? ? ? 
3 branched man 'alpha-D-mannopyranose-(1-6)-alpha-D-mannopyranose'                              342.297   1  ? ? ? ? 
4 water    nat water                                                                            18.015    55 ? ? ? ? 
# 
loop_
_entity_name_com.entity_id 
_entity_name_com.name 
1 'SNOWDROP LECTIN'       
3 6alpha-alpha-mannobiose 
# 
_entity_poly.entity_id                      1 
_entity_poly.type                           'polypeptide(L)' 
_entity_poly.nstd_linkage                   no 
_entity_poly.nstd_monomer                   no 
_entity_poly.pdbx_seq_one_letter_code       
;DNILYSGETLSTGEFLNYGSFVFIMQEDCNLVLYDVDKPIWATNTGGLSRSCFLSMQTDGNLVVYNPSNKPIWASNTGGQ
NGNYVCILQKDRNVVIYGTDRWATGTHTG
;
_entity_poly.pdbx_seq_one_letter_code_can   
;DNILYSGETLSTGEFLNYGSFVFIMQEDCNLVLYDVDKPIWATNTGGLSRSCFLSMQTDGNLVVYNPSNKPIWASNTGGQ
NGNYVCILQKDRNVVIYGTDRWATGTHTG
;
_entity_poly.pdbx_strand_id                 A 
_entity_poly.pdbx_target_identifier         ? 
# 
_pdbx_entity_nonpoly.entity_id   4 
_pdbx_entity_nonpoly.name        water 
_pdbx_entity_nonpoly.comp_id     HOH 
# 
loop_
_entity_poly_seq.entity_id 
_entity_poly_seq.num 
_entity_poly_seq.mon_id 
_entity_poly_seq.hetero 
1 1   ASP n 
1 2   ASN n 
1 3   ILE n 
1 4   LEU n 
1 5   TYR n 
1 6   SER n 
1 7   GLY n 
1 8   GLU n 
1 9   THR n 
1 10  LEU n 
1 11  SER n 
1 12  THR n 
1 13  GLY n 
1 14  GLU n 
1 15  PHE n 
1 16  LEU n 
1 17  ASN n 
1 18  TYR n 
1 19  GLY n 
1 20  SER n 
1 21  PHE n 
1 22  VAL n 
1 23  PHE n 
1 24  ILE n 
1 25  MET n 
1 26  GLN n 
1 27  GLU n 
1 28  ASP n 
1 29  CYS n 
1 30  ASN n 
1 31  LEU n 
1 32  VAL n 
1 33  LEU n 
1 34  TYR n 
1 35  ASP n 
1 36  VAL n 
1 37  ASP n 
1 38  LYS n 
1 39  PRO n 
1 40  ILE n 
1 41  TRP n 
1 42  ALA n 
1 43  THR n 
1 44  ASN n 
1 45  THR n 
1 46  GLY n 
1 47  GLY n 
1 48  LEU n 
1 49  SER n 
1 50  ARG n 
1 51  SER n 
1 52  CYS n 
1 53  PHE n 
1 54  LEU n 
1 55  SER n 
1 56  MET n 
1 57  GLN n 
1 58  THR n 
1 59  ASP n 
1 60  GLY n 
1 61  ASN n 
1 62  LEU n 
1 63  VAL n 
1 64  VAL n 
1 65  TYR n 
1 66  ASN n 
1 67  PRO n 
1 68  SER n 
1 69  ASN n 
1 70  LYS n 
1 71  PRO n 
1 72  ILE n 
1 73  TRP n 
1 74  ALA n 
1 75  SER n 
1 76  ASN n 
1 77  THR n 
1 78  GLY n 
1 79  GLY n 
1 80  GLN n 
1 81  ASN n 
1 82  GLY n 
1 83  ASN n 
1 84  TYR n 
1 85  VAL n 
1 86  CYS n 
1 87  ILE n 
1 88  LEU n 
1 89  GLN n 
1 90  LYS n 
1 91  ASP n 
1 92  ARG n 
1 93  ASN n 
1 94  VAL n 
1 95  VAL n 
1 96  ILE n 
1 97  TYR n 
1 98  GLY n 
1 99  THR n 
1 100 ASP n 
1 101 ARG n 
1 102 TRP n 
1 103 ALA n 
1 104 THR n 
1 105 GLY n 
1 106 THR n 
1 107 HIS n 
1 108 THR n 
1 109 GLY n 
# 
_entity_src_nat.entity_id                  1 
_entity_src_nat.pdbx_src_id                1 
_entity_src_nat.pdbx_alt_source_flag       sample 
_entity_src_nat.pdbx_beg_seq_num           ? 
_entity_src_nat.pdbx_end_seq_num           ? 
_entity_src_nat.common_name                'common snowdrop' 
_entity_src_nat.pdbx_organism_scientific   'Galanthus nivalis' 
_entity_src_nat.pdbx_ncbi_taxonomy_id      4670 
_entity_src_nat.genus                      Galanthus 
_entity_src_nat.species                    ? 
_entity_src_nat.strain                     ? 
_entity_src_nat.tissue                     ? 
_entity_src_nat.tissue_fraction            ? 
_entity_src_nat.pdbx_secretion             ? 
_entity_src_nat.pdbx_fragment              ? 
_entity_src_nat.pdbx_variant               ? 
_entity_src_nat.pdbx_cell_line             ? 
_entity_src_nat.pdbx_atcc                  ? 
_entity_src_nat.pdbx_cellular_location     ? 
_entity_src_nat.pdbx_organ                 ? 
_entity_src_nat.pdbx_organelle             ? 
_entity_src_nat.pdbx_cell                  ? 
_entity_src_nat.pdbx_plasmid_name          ? 
_entity_src_nat.pdbx_plasmid_details       ? 
_entity_src_nat.details                    
'THE SNOWDROP IS A REPRESENTATIVE OF THE PLANT FAMILY OF AMARYLLIDACEAE. THE PROTEIN IS ISOLATED FROM THE BULBS.' 
# 
loop_
_pdbx_entity_branch.entity_id 
_pdbx_entity_branch.type 
2 oligosaccharide 
3 oligosaccharide 
# 
loop_
_pdbx_entity_branch_descriptor.ordinal 
_pdbx_entity_branch_descriptor.entity_id 
_pdbx_entity_branch_descriptor.descriptor 
_pdbx_entity_branch_descriptor.type 
_pdbx_entity_branch_descriptor.program 
_pdbx_entity_branch_descriptor.program_version 
1 2 'DManpa1-3[DManpa1-6]DManpa1-ROH'                      'Glycam Condensed Sequence' GMML       1.0   
2 2 'WURCS=2.0/1,3,2/[a1122h-1a_1-5]/1-1-1/a3-b1_a6-c1'    WURCS                       PDB2Glycan 1.1.0 
3 2 '[][a-D-Manp]{[(3+1)][a-D-Manp]{}[(6+1)][a-D-Manp]{}}' LINUCS                      PDB-CARE   ?     
4 3 DManpa1-6DManpa1-ROH                                   'Glycam Condensed Sequence' GMML       1.0   
5 3 'WURCS=2.0/1,2,1/[a1122h-1a_1-5]/1-1/a6-b1'            WURCS                       PDB2Glycan 1.1.0 
6 3 '[][a-D-Manp]{[(6+1)][a-D-Manp]{}}'                    LINUCS                      PDB-CARE   ?     
# 
loop_
_pdbx_entity_branch_link.link_id 
_pdbx_entity_branch_link.entity_id 
_pdbx_entity_branch_link.entity_branch_list_num_1 
_pdbx_entity_branch_link.comp_id_1 
_pdbx_entity_branch_link.atom_id_1 
_pdbx_entity_branch_link.leaving_atom_id_1 
_pdbx_entity_branch_link.entity_branch_list_num_2 
_pdbx_entity_branch_link.comp_id_2 
_pdbx_entity_branch_link.atom_id_2 
_pdbx_entity_branch_link.leaving_atom_id_2 
_pdbx_entity_branch_link.value_order 
_pdbx_entity_branch_link.details 
1 2 2 MAN C1 O1 1 MAN O3 HO3 sing ? 
2 2 3 MAN C1 O1 1 MAN O6 HO6 sing ? 
3 3 2 MAN C1 O1 1 MAN O6 HO6 sing ? 
# 
loop_
_chem_comp.id 
_chem_comp.type 
_chem_comp.mon_nstd_flag 
_chem_comp.name 
_chem_comp.pdbx_synonyms 
_chem_comp.formula 
_chem_comp.formula_weight 
ALA 'L-peptide linking'           y ALANINE               ?                                     'C3 H7 N O2'     89.093  
ARG 'L-peptide linking'           y ARGININE              ?                                     'C6 H15 N4 O2 1' 175.209 
ASN 'L-peptide linking'           y ASPARAGINE            ?                                     'C4 H8 N2 O3'    132.118 
ASP 'L-peptide linking'           y 'ASPARTIC ACID'       ?                                     'C4 H7 N O4'     133.103 
CYS 'L-peptide linking'           y CYSTEINE              ?                                     'C3 H7 N O2 S'   121.158 
GLN 'L-peptide linking'           y GLUTAMINE             ?                                     'C5 H10 N2 O3'   146.144 
GLU 'L-peptide linking'           y 'GLUTAMIC ACID'       ?                                     'C5 H9 N O4'     147.129 
GLY 'peptide linking'             y GLYCINE               ?                                     'C2 H5 N O2'     75.067  
HIS 'L-peptide linking'           y HISTIDINE             ?                                     'C6 H10 N3 O2 1' 156.162 
HOH non-polymer                   . WATER                 ?                                     'H2 O'           18.015  
ILE 'L-peptide linking'           y ISOLEUCINE            ?                                     'C6 H13 N O2'    131.173 
LEU 'L-peptide linking'           y LEUCINE               ?                                     'C6 H13 N O2'    131.173 
LYS 'L-peptide linking'           y LYSINE                ?                                     'C6 H15 N2 O2 1' 147.195 
MAN 'D-saccharide, alpha linking' . alpha-D-mannopyranose 'alpha-D-mannose; D-mannose; mannose' 'C6 H12 O6'      180.156 
MET 'L-peptide linking'           y METHIONINE            ?                                     'C5 H11 N O2 S'  149.211 
PHE 'L-peptide linking'           y PHENYLALANINE         ?                                     'C9 H11 N O2'    165.189 
PRO 'L-peptide linking'           y PROLINE               ?                                     'C5 H9 N O2'     115.130 
SER 'L-peptide linking'           y SERINE                ?                                     'C3 H7 N O3'     105.093 
THR 'L-peptide linking'           y THREONINE             ?                                     'C4 H9 N O3'     119.119 
TRP 'L-peptide linking'           y TRYPTOPHAN            ?                                     'C11 H12 N2 O2'  204.225 
TYR 'L-peptide linking'           y TYROSINE              ?                                     'C9 H11 N O3'    181.189 
VAL 'L-peptide linking'           y VALINE                ?                                     'C5 H11 N O2'    117.146 
# 
loop_
_pdbx_chem_comp_identifier.comp_id 
_pdbx_chem_comp_identifier.type 
_pdbx_chem_comp_identifier.program 
_pdbx_chem_comp_identifier.program_version 
_pdbx_chem_comp_identifier.identifier 
MAN 'CONDENSED IUPAC CARBOHYDRATE SYMBOL' GMML     1.0 DManpa            
MAN 'COMMON NAME'                         GMML     1.0 a-D-mannopyranose 
MAN 'IUPAC CARBOHYDRATE SYMBOL'           PDB-CARE 1.0 a-D-Manp          
MAN 'SNFG CARBOHYDRATE SYMBOL'            GMML     1.0 Man               
# 
loop_
_pdbx_poly_seq_scheme.asym_id 
_pdbx_poly_seq_scheme.entity_id 
_pdbx_poly_seq_scheme.seq_id 
_pdbx_poly_seq_scheme.mon_id 
_pdbx_poly_seq_scheme.ndb_seq_num 
_pdbx_poly_seq_scheme.pdb_seq_num 
_pdbx_poly_seq_scheme.auth_seq_num 
_pdbx_poly_seq_scheme.pdb_mon_id 
_pdbx_poly_seq_scheme.auth_mon_id 
_pdbx_poly_seq_scheme.pdb_strand_id 
_pdbx_poly_seq_scheme.pdb_ins_code 
_pdbx_poly_seq_scheme.hetero 
A 1 1   ASP 1   1   1   ASP ASP A . n 
A 1 2   ASN 2   2   2   ASN ASN A . n 
A 1 3   ILE 3   3   3   ILE ILE A . n 
A 1 4   LEU 4   4   4   LEU LEU A . n 
A 1 5   TYR 5   5   5   TYR TYR A . n 
A 1 6   SER 6   6   6   SER SER A . n 
A 1 7   GLY 7   7   7   GLY GLY A . n 
A 1 8   GLU 8   8   8   GLU GLU A . n 
A 1 9   THR 9   9   9   THR THR A . n 
A 1 10  LEU 10  10  10  LEU LEU A . n 
A 1 11  SER 11  11  11  SER SER A . n 
A 1 12  THR 12  12  12  THR THR A . n 
A 1 13  GLY 13  13  13  GLY GLY A . n 
A 1 14  GLU 14  14  14  GLU GLU A . n 
A 1 15  PHE 15  15  15  PHE PHE A . n 
A 1 16  LEU 16  16  16  LEU LEU A . n 
A 1 17  ASN 17  17  17  ASN ASN A . n 
A 1 18  TYR 18  18  18  TYR TYR A . n 
A 1 19  GLY 19  19  19  GLY GLY A . n 
A 1 20  SER 20  20  20  SER SER A . n 
A 1 21  PHE 21  21  21  PHE PHE A . n 
A 1 22  VAL 22  22  22  VAL VAL A . n 
A 1 23  PHE 23  23  23  PHE PHE A . n 
A 1 24  ILE 24  24  24  ILE ILE A . n 
A 1 25  MET 25  25  25  MET MET A . n 
A 1 26  GLN 26  26  26  GLN GLN A . n 
A 1 27  GLU 27  27  27  GLU GLU A . n 
A 1 28  ASP 28  28  28  ASP ASP A . n 
A 1 29  CYS 29  29  29  CYS CYS A . n 
A 1 30  ASN 30  30  30  ASN ASN A . n 
A 1 31  LEU 31  31  31  LEU LEU A . n 
A 1 32  VAL 32  32  32  VAL VAL A . n 
A 1 33  LEU 33  33  33  LEU LEU A . n 
A 1 34  TYR 34  34  34  TYR TYR A . n 
A 1 35  ASP 35  35  35  ASP ASP A . n 
A 1 36  VAL 36  36  36  VAL VAL A . n 
A 1 37  ASP 37  37  37  ASP ASP A . n 
A 1 38  LYS 38  38  38  LYS LYS A . n 
A 1 39  PRO 39  39  39  PRO PRO A . n 
A 1 40  ILE 40  40  40  ILE ILE A . n 
A 1 41  TRP 41  41  41  TRP TRP A . n 
A 1 42  ALA 42  42  42  ALA ALA A . n 
A 1 43  THR 43  43  43  THR THR A . n 
A 1 44  ASN 44  44  44  ASN ASN A . n 
A 1 45  THR 45  45  45  THR THR A . n 
A 1 46  GLY 46  46  46  GLY GLY A . n 
A 1 47  GLY 47  47  47  GLY GLY A . n 
A 1 48  LEU 48  48  48  LEU LEU A . n 
A 1 49  SER 49  49  49  SER SER A . n 
A 1 50  ARG 50  50  50  ARG ARG A . n 
A 1 51  SER 51  51  51  SER SER A . n 
A 1 52  CYS 52  52  52  CYS CYS A . n 
A 1 53  PHE 53  53  53  PHE PHE A . n 
A 1 54  LEU 54  54  54  LEU LEU A . n 
A 1 55  SER 55  55  55  SER SER A . n 
A 1 56  MET 56  56  56  MET MET A . n 
A 1 57  GLN 57  57  57  GLN GLN A . n 
A 1 58  THR 58  58  58  THR THR A . n 
A 1 59  ASP 59  59  59  ASP ASP A . n 
A 1 60  GLY 60  60  60  GLY GLY A . n 
A 1 61  ASN 61  61  61  ASN ASN A . n 
A 1 62  LEU 62  62  62  LEU LEU A . n 
A 1 63  VAL 63  63  63  VAL VAL A . n 
A 1 64  VAL 64  64  64  VAL VAL A . n 
A 1 65  TYR 65  65  65  TYR TYR A . n 
A 1 66  ASN 66  66  66  ASN ASN A . n 
A 1 67  PRO 67  67  67  PRO PRO A . n 
A 1 68  SER 68  68  68  SER SER A . n 
A 1 69  ASN 69  69  69  ASN ASN A . n 
A 1 70  LYS 70  70  70  LYS LYS A . n 
A 1 71  PRO 71  71  71  PRO PRO A . n 
A 1 72  ILE 72  72  72  ILE ILE A . n 
A 1 73  TRP 73  73  73  TRP TRP A . n 
A 1 74  ALA 74  74  74  ALA ALA A . n 
A 1 75  SER 75  75  75  SER SER A . n 
A 1 76  ASN 76  76  76  ASN ASN A . n 
A 1 77  THR 77  77  77  THR THR A . n 
A 1 78  GLY 78  78  78  GLY GLY A . n 
A 1 79  GLY 79  79  79  GLY GLY A . n 
A 1 80  GLN 80  80  80  GLN GLN A . n 
A 1 81  ASN 81  81  81  ASN ASN A . n 
A 1 82  GLY 82  82  82  GLY GLY A . n 
A 1 83  ASN 83  83  83  ASN ASN A . n 
A 1 84  TYR 84  84  84  TYR TYR A . n 
A 1 85  VAL 85  85  85  VAL VAL A . n 
A 1 86  CYS 86  86  86  CYS CYS A . n 
A 1 87  ILE 87  87  87  ILE ILE A . n 
A 1 88  LEU 88  88  88  LEU LEU A . n 
A 1 89  GLN 89  89  89  GLN GLN A . n 
A 1 90  LYS 90  90  90  LYS LYS A . n 
A 1 91  ASP 91  91  91  ASP ASP A . n 
A 1 92  ARG 92  92  92  ARG ARG A . n 
A 1 93  ASN 93  93  93  ASN ASN A . n 
A 1 94  VAL 94  94  94  VAL VAL A . n 
A 1 95  VAL 95  95  95  VAL VAL A . n 
A 1 96  ILE 96  96  96  ILE ILE A . n 
A 1 97  TYR 97  97  97  TYR TYR A . n 
A 1 98  GLY 98  98  98  GLY GLY A . n 
A 1 99  THR 99  99  99  THR THR A . n 
A 1 100 ASP 100 100 100 ASP ASP A . n 
A 1 101 ARG 101 101 101 ARG ARG A . n 
A 1 102 TRP 102 102 102 TRP TRP A . n 
A 1 103 ALA 103 103 103 ALA ALA A . n 
A 1 104 THR 104 104 104 THR THR A . n 
A 1 105 GLY 105 105 105 GLY GLY A . n 
A 1 106 THR 106 106 106 THR THR A . n 
A 1 107 HIS 107 107 107 HIS HIS A . n 
A 1 108 THR 108 108 108 THR THR A . n 
A 1 109 GLY 109 109 ?   ?   ?   A . n 
# 
loop_
_pdbx_branch_scheme.asym_id 
_pdbx_branch_scheme.entity_id 
_pdbx_branch_scheme.mon_id 
_pdbx_branch_scheme.num 
_pdbx_branch_scheme.pdb_asym_id 
_pdbx_branch_scheme.pdb_mon_id 
_pdbx_branch_scheme.pdb_seq_num 
_pdbx_branch_scheme.auth_asym_id 
_pdbx_branch_scheme.auth_mon_id 
_pdbx_branch_scheme.auth_seq_num 
_pdbx_branch_scheme.hetero 
B 2 MAN 1 B MAN 1 ? MAN 1  n 
B 2 MAN 2 B MAN 2 ? MAN 2  n 
B 2 MAN 3 B MAN 3 ? MAN 3  n 
C 3 MAN 1 C MAN 1 ? MAN 11 n 
C 3 MAN 2 C MAN 2 ? MAN 12 n 
D 2 MAN 1 D MAN 1 ? MAN 21 n 
D 2 MAN 2 D MAN 2 ? MAN 22 n 
D 2 MAN 3 D MAN 3 ? MAN 23 n 
# 
loop_
_pdbx_nonpoly_scheme.asym_id 
_pdbx_nonpoly_scheme.entity_id 
_pdbx_nonpoly_scheme.mon_id 
_pdbx_nonpoly_scheme.ndb_seq_num 
_pdbx_nonpoly_scheme.pdb_seq_num 
_pdbx_nonpoly_scheme.auth_seq_num 
_pdbx_nonpoly_scheme.pdb_mon_id 
_pdbx_nonpoly_scheme.auth_mon_id 
_pdbx_nonpoly_scheme.pdb_strand_id 
_pdbx_nonpoly_scheme.pdb_ins_code 
E 4 HOH 1  118 1  HOH HOH A . 
E 4 HOH 2  119 2  HOH HOH A . 
E 4 HOH 3  120 3  HOH HOH A . 
E 4 HOH 4  121 4  HOH HOH A . 
E 4 HOH 5  122 5  HOH HOH A . 
E 4 HOH 6  123 6  HOH HOH A . 
E 4 HOH 7  124 7  HOH HOH A . 
E 4 HOH 8  125 8  HOH HOH A . 
E 4 HOH 9  126 9  HOH HOH A . 
E 4 HOH 10 127 10 HOH HOH A . 
E 4 HOH 11 128 11 HOH HOH A . 
E 4 HOH 12 129 12 HOH HOH A . 
E 4 HOH 13 130 13 HOH HOH A . 
E 4 HOH 14 131 14 HOH HOH A . 
E 4 HOH 15 132 15 HOH HOH A . 
E 4 HOH 16 133 16 HOH HOH A . 
E 4 HOH 17 134 17 HOH HOH A . 
E 4 HOH 18 135 18 HOH HOH A . 
E 4 HOH 19 136 19 HOH HOH A . 
E 4 HOH 20 137 20 HOH HOH A . 
E 4 HOH 21 138 21 HOH HOH A . 
E 4 HOH 22 139 22 HOH HOH A . 
E 4 HOH 23 140 23 HOH HOH A . 
E 4 HOH 24 141 24 HOH HOH A . 
E 4 HOH 25 142 25 HOH HOH A . 
E 4 HOH 26 143 26 HOH HOH A . 
E 4 HOH 27 144 27 HOH HOH A . 
E 4 HOH 28 145 28 HOH HOH A . 
E 4 HOH 29 146 29 HOH HOH A . 
E 4 HOH 30 147 30 HOH HOH A . 
E 4 HOH 31 148 31 HOH HOH A . 
E 4 HOH 32 149 32 HOH HOH A . 
E 4 HOH 33 150 33 HOH HOH A . 
E 4 HOH 34 151 34 HOH HOH A . 
E 4 HOH 35 152 35 HOH HOH A . 
E 4 HOH 36 153 36 HOH HOH A . 
E 4 HOH 37 154 37 HOH HOH A . 
E 4 HOH 38 155 38 HOH HOH A . 
E 4 HOH 39 156 39 HOH HOH A . 
E 4 HOH 40 157 40 HOH HOH A . 
E 4 HOH 41 158 41 HOH HOH A . 
E 4 HOH 42 159 42 HOH HOH A . 
E 4 HOH 43 160 43 HOH HOH A . 
E 4 HOH 44 161 44 HOH HOH A . 
E 4 HOH 45 162 45 HOH HOH A . 
E 4 HOH 46 163 46 HOH HOH A . 
E 4 HOH 47 164 47 HOH HOH A . 
E 4 HOH 48 165 48 HOH HOH A . 
E 4 HOH 49 166 49 HOH HOH A . 
E 4 HOH 50 167 50 HOH HOH A . 
E 4 HOH 51 168 51 HOH HOH A . 
E 4 HOH 52 169 52 HOH HOH A . 
E 4 HOH 53 170 53 HOH HOH A . 
E 4 HOH 54 171 54 HOH HOH A . 
E 4 HOH 55 172 55 HOH HOH A . 
# 
loop_
_software.name 
_software.classification 
_software.version 
_software.citation_id 
_software.pdbx_ordinal 
MOSFLM   'data reduction' 5.23        ? 1 
SCALA    'data scaling'   .           ? 2 
Agrovata 'data reduction' .           ? 3 
X-PLOR   'model building' 3.1         ? 4 
X-PLOR   refinement       3.1         ? 5 
CCP4     'data scaling'   '(AGROVATA' ? 6 
X-PLOR   phasing          3.1         ? 7 
# 
_cell.entry_id           1JPC 
_cell.length_a           96.339 
_cell.length_b           96.339 
_cell.length_c           68.635 
_cell.angle_alpha        90.00 
_cell.angle_beta         90.00 
_cell.angle_gamma        90.00 
_cell.Z_PDB              16 
_cell.pdbx_unique_axis   ? 
# 
_symmetry.entry_id                         1JPC 
_symmetry.space_group_name_H-M             'I 41 2 2' 
_symmetry.pdbx_full_space_group_name_H-M   ? 
_symmetry.cell_setting                     ? 
_symmetry.Int_Tables_number                98 
# 
_exptl.entry_id          1JPC 
_exptl.method            'X-RAY DIFFRACTION' 
_exptl.crystals_number   ? 
# 
_exptl_crystal.id                    1 
_exptl_crystal.density_meas          ? 
_exptl_crystal.density_Matthews      3.30 
_exptl_crystal.density_percent_sol   57. 
_exptl_crystal.description           ? 
# 
_diffrn.id                     1 
_diffrn.ambient_temp           ? 
_diffrn.ambient_temp_details   ? 
_diffrn.crystal_id             1 
# 
_diffrn_detector.diffrn_id              1 
_diffrn_detector.detector               'IMAGE PLATE' 
_diffrn_detector.type                   RIGAKU 
_diffrn_detector.pdbx_collection_date   1995-07-07 
_diffrn_detector.details                ? 
# 
_diffrn_radiation.diffrn_id                        1 
_diffrn_radiation.wavelength_id                    1 
_diffrn_radiation.pdbx_monochromatic_or_laue_m_l   M 
_diffrn_radiation.monochromator                    ? 
_diffrn_radiation.pdbx_diffrn_protocol             ? 
_diffrn_radiation.pdbx_scattering_type             x-ray 
# 
_diffrn_radiation_wavelength.id           1 
_diffrn_radiation_wavelength.wavelength   1.5418 
_diffrn_radiation_wavelength.wt           1.0 
# 
_diffrn_source.diffrn_id                   1 
_diffrn_source.source                      ? 
_diffrn_source.type                        ? 
_diffrn_source.pdbx_synchrotron_site       ? 
_diffrn_source.pdbx_synchrotron_beamline   ? 
_diffrn_source.pdbx_wavelength             1.5418 
_diffrn_source.pdbx_wavelength_list        ? 
# 
_reflns.entry_id                     1JPC 
_reflns.observed_criterion_sigma_I   0.0 
_reflns.observed_criterion_sigma_F   ? 
_reflns.d_resolution_low             ? 
_reflns.d_resolution_high            ? 
_reflns.number_obs                   11166 
_reflns.number_all                   ? 
_reflns.percent_possible_obs         99.7 
_reflns.pdbx_Rmerge_I_obs            0.074 
_reflns.pdbx_Rsym_value              ? 
_reflns.pdbx_netI_over_sigmaI        ? 
_reflns.B_iso_Wilson_estimate        ? 
_reflns.pdbx_redundancy              4.9 
_reflns.pdbx_ordinal                 1 
_reflns.pdbx_diffrn_id               1 
# 
_refine.entry_id                                 1JPC 
_refine.ls_number_reflns_obs                     11166 
_refine.ls_number_reflns_all                     ? 
_refine.pdbx_ls_sigma_I                          ? 
_refine.pdbx_ls_sigma_F                          0. 
_refine.pdbx_data_cutoff_high_absF               ? 
_refine.pdbx_data_cutoff_low_absF                ? 
_refine.pdbx_data_cutoff_high_rms_absF           ? 
_refine.ls_d_res_low                             8.0 
_refine.ls_d_res_high                            2.0 
_refine.ls_percent_reflns_obs                    ? 
_refine.ls_R_factor_obs                          0.187 
_refine.ls_R_factor_all                          ? 
_refine.ls_R_factor_R_work                       0.187 
_refine.ls_R_factor_R_free                       0.22 
_refine.ls_R_factor_R_free_error                 ? 
_refine.ls_R_factor_R_free_error_details         ? 
_refine.ls_percent_reflns_R_free                 ? 
_refine.ls_number_reflns_R_free                  ? 
_refine.ls_number_parameters                     ? 
_refine.ls_number_restraints                     ? 
_refine.occupancy_min                            ? 
_refine.occupancy_max                            ? 
_refine.B_iso_mean                               33.5 
_refine.aniso_B[1][1]                            ? 
_refine.aniso_B[2][2]                            ? 
_refine.aniso_B[3][3]                            ? 
_refine.aniso_B[1][2]                            ? 
_refine.aniso_B[1][3]                            ? 
_refine.aniso_B[2][3]                            ? 
_refine.solvent_model_details                    ? 
_refine.solvent_model_param_ksol                 ? 
_refine.solvent_model_param_bsol                 ? 
_refine.pdbx_ls_cross_valid_method               ? 
_refine.details                                  ? 
_refine.pdbx_starting_model                      ? 
_refine.pdbx_method_to_determine_struct          ? 
_refine.pdbx_isotropic_thermal_model             ? 
_refine.pdbx_stereochemistry_target_values       ? 
_refine.pdbx_stereochem_target_val_spec_case     ? 
_refine.pdbx_R_Free_selection_details            ? 
_refine.pdbx_overall_ESU_R                       ? 
_refine.pdbx_overall_ESU_R_Free                  ? 
_refine.overall_SU_ML                            ? 
_refine.overall_SU_B                             ? 
_refine.pdbx_refine_id                           'X-RAY DIFFRACTION' 
_refine.pdbx_diffrn_id                           1 
_refine.pdbx_TLS_residual_ADP_flag               ? 
_refine.correlation_coeff_Fo_to_Fc               ? 
_refine.correlation_coeff_Fo_to_Fc_free          ? 
_refine.pdbx_solvent_vdw_probe_radii             ? 
_refine.pdbx_solvent_ion_probe_radii             ? 
_refine.pdbx_solvent_shrinkage_radii             ? 
_refine.pdbx_overall_phase_error                 ? 
_refine.overall_SU_R_Cruickshank_DPI             ? 
_refine.pdbx_overall_SU_R_free_Cruickshank_DPI   ? 
_refine.pdbx_overall_SU_R_Blow_DPI               ? 
_refine.pdbx_overall_SU_R_free_Blow_DPI          ? 
# 
_refine_analyze.entry_id                        1JPC 
_refine_analyze.Luzzati_coordinate_error_obs    0.25 
_refine_analyze.Luzzati_sigma_a_obs             ? 
_refine_analyze.Luzzati_d_res_low_obs           ? 
_refine_analyze.Luzzati_coordinate_error_free   ? 
_refine_analyze.Luzzati_sigma_a_free            ? 
_refine_analyze.Luzzati_d_res_low_free          ? 
_refine_analyze.number_disordered_residues      ? 
_refine_analyze.occupancy_sum_hydrogen          ? 
_refine_analyze.occupancy_sum_non_hydrogen      ? 
_refine_analyze.pdbx_refine_id                  'X-RAY DIFFRACTION' 
# 
_refine_hist.pdbx_refine_id                   'X-RAY DIFFRACTION' 
_refine_hist.cycle_id                         LAST 
_refine_hist.pdbx_number_atoms_protein        843 
_refine_hist.pdbx_number_atoms_nucleic_acid   0 
_refine_hist.pdbx_number_atoms_ligand         91 
_refine_hist.number_atoms_solvent             55 
_refine_hist.number_atoms_total               989 
_refine_hist.d_res_high                       2.0 
_refine_hist.d_res_low                        8.0 
# 
loop_
_refine_ls_restr.type 
_refine_ls_restr.dev_ideal 
_refine_ls_restr.dev_ideal_target 
_refine_ls_restr.weight 
_refine_ls_restr.number 
_refine_ls_restr.pdbx_refine_id 
_refine_ls_restr.pdbx_restraint_function 
x_bond_d                0.006 ? ? ? 'X-RAY DIFFRACTION' ? 
x_bond_d_na             ?     ? ? ? 'X-RAY DIFFRACTION' ? 
x_bond_d_prot           ?     ? ? ? 'X-RAY DIFFRACTION' ? 
x_angle_d               ?     ? ? ? 'X-RAY DIFFRACTION' ? 
x_angle_d_na            ?     ? ? ? 'X-RAY DIFFRACTION' ? 
x_angle_d_prot          ?     ? ? ? 'X-RAY DIFFRACTION' ? 
x_angle_deg             1.43  ? ? ? 'X-RAY DIFFRACTION' ? 
x_angle_deg_na          ?     ? ? ? 'X-RAY DIFFRACTION' ? 
x_angle_deg_prot        ?     ? ? ? 'X-RAY DIFFRACTION' ? 
x_dihedral_angle_d      25.36 ? ? ? 'X-RAY DIFFRACTION' ? 
x_dihedral_angle_d_na   ?     ? ? ? 'X-RAY DIFFRACTION' ? 
x_dihedral_angle_d_prot ?     ? ? ? 'X-RAY DIFFRACTION' ? 
x_improper_angle_d      1.118 ? ? ? 'X-RAY DIFFRACTION' ? 
x_improper_angle_d_na   ?     ? ? ? 'X-RAY DIFFRACTION' ? 
x_improper_angle_d_prot ?     ? ? ? 'X-RAY DIFFRACTION' ? 
x_mcbond_it             ?     ? ? ? 'X-RAY DIFFRACTION' ? 
x_mcangle_it            ?     ? ? ? 'X-RAY DIFFRACTION' ? 
x_scbond_it             ?     ? ? ? 'X-RAY DIFFRACTION' ? 
x_scangle_it            ?     ? ? ? 'X-RAY DIFFRACTION' ? 
# 
_struct.entry_id                  1JPC 
_struct.title                     
;MANNOSE-SPECIFIC AGGLUTININ (LECTIN) FROM SNOWDROP (GALANTHUS NIVALIS) BULBS IN COMPLEX WITH MANNOSE-ALPHA1,6-(MANNOSE-ALPHA1,3)-MANNOSE-ALPHA1,6-(MANNOSE-ALPHA1,3)-MANNOSE
;
_struct.pdbx_model_details        ? 
_struct.pdbx_CASP_flag            ? 
_struct.pdbx_model_type_details   ? 
# 
_struct_keywords.entry_id        1JPC 
_struct_keywords.pdbx_keywords   LECTIN 
_struct_keywords.text            
'LECTIN, AGGLUTININ, MANNOPENTAOSE, (MANNOSE-ALPHA1, 6-(MANNOSE-ALPHA1, 3-MANNOSE- ALPHA1, 3)-MANNOSE), SNOWDROP' 
# 
loop_
_struct_asym.id 
_struct_asym.pdbx_blank_PDB_chainid_flag 
_struct_asym.pdbx_modified 
_struct_asym.entity_id 
_struct_asym.details 
A N N 1 ? 
B N N 2 ? 
C N N 3 ? 
D N N 2 ? 
E N N 4 ? 
# 
_struct_ref.id                         1 
_struct_ref.db_name                    UNP 
_struct_ref.db_code                    LEC_GALNI 
_struct_ref.entity_id                  1 
_struct_ref.pdbx_db_accession          P30617 
_struct_ref.pdbx_align_begin           1 
_struct_ref.pdbx_seq_one_letter_code   
;MAKASLLILAAIFLGVITPSCLSDNILYSGETLSTGEFLNYGSFVFIMQEDCNLVLYDVDKPIWATNTGGLSRSCFLSMQ
TDGNLVVYNPSNKPIWASNTGGQNGNYVCILQKDRNVVIYGTDRWATGTHTGLVGIPASPPSEKYPTAGKIKLVTAK
;
_struct_ref.pdbx_db_isoform            ? 
# 
_struct_ref_seq.align_id                      1 
_struct_ref_seq.ref_id                        1 
_struct_ref_seq.pdbx_PDB_id_code              1JPC 
_struct_ref_seq.pdbx_strand_id                A 
_struct_ref_seq.seq_align_beg                 1 
_struct_ref_seq.pdbx_seq_align_beg_ins_code   ? 
_struct_ref_seq.seq_align_end                 109 
_struct_ref_seq.pdbx_seq_align_end_ins_code   ? 
_struct_ref_seq.pdbx_db_accession             P30617 
_struct_ref_seq.db_align_beg                  24 
_struct_ref_seq.pdbx_db_align_beg_ins_code    ? 
_struct_ref_seq.db_align_end                  132 
_struct_ref_seq.pdbx_db_align_end_ins_code    ? 
_struct_ref_seq.pdbx_auth_seq_align_beg       1 
_struct_ref_seq.pdbx_auth_seq_align_end       109 
# 
_pdbx_struct_assembly.id                   1 
_pdbx_struct_assembly.details              author_and_software_defined_assembly 
_pdbx_struct_assembly.method_details       PISA 
_pdbx_struct_assembly.oligomeric_details   tetrameric 
_pdbx_struct_assembly.oligomeric_count     4 
# 
loop_
_pdbx_struct_assembly_prop.biol_id 
_pdbx_struct_assembly_prop.type 
_pdbx_struct_assembly_prop.value 
_pdbx_struct_assembly_prop.details 
1 'ABSA (A^2)' 14000 ? 
1 MORE         31    ? 
1 'SSA (A^2)'  17620 ? 
# 
_pdbx_struct_assembly_gen.assembly_id       1 
_pdbx_struct_assembly_gen.oper_expression   1,2,3,4 
_pdbx_struct_assembly_gen.asym_id_list      A,B,C,D,E 
# 
loop_
_pdbx_struct_oper_list.id 
_pdbx_struct_oper_list.type 
_pdbx_struct_oper_list.name 
_pdbx_struct_oper_list.symmetry_operation 
_pdbx_struct_oper_list.matrix[1][1] 
_pdbx_struct_oper_list.matrix[1][2] 
_pdbx_struct_oper_list.matrix[1][3] 
_pdbx_struct_oper_list.vector[1] 
_pdbx_struct_oper_list.matrix[2][1] 
_pdbx_struct_oper_list.matrix[2][2] 
_pdbx_struct_oper_list.matrix[2][3] 
_pdbx_struct_oper_list.vector[2] 
_pdbx_struct_oper_list.matrix[3][1] 
_pdbx_struct_oper_list.matrix[3][2] 
_pdbx_struct_oper_list.matrix[3][3] 
_pdbx_struct_oper_list.vector[3] 
1 'identity operation'         1_555  x,y,z        1.0000000000  0.0000000000  0.0000000000  0.0000000000   0.0000000000  1.0000000000  0.0000000000  0.0000000000  0.0000000000  0.0000000000  1.0000000000  0.0000000000  
2 'crystal symmetry operation' 8_665  -y+1,-x+1,-z -0.9607906073 0.0151094608  -0.2768629862 -1.3713846523  0.0151094608  -0.9941775225 -0.1066900085 24.5951061956 -0.2768629862 -0.1066900085 0.9549681298  1.1480322387  
3 'crystal symmetry operation' 10_665 -x+1,-y+1,z  -0.5064980277 0.8543326240  0.1165140143  -15.6459496895 0.8543326240  0.4789894942  0.2017048141  5.3204039894  0.1165140143  0.2017048141  -0.9724914665 27.2577710764 
4 'crystal symmetry operation' 15_555 y,x,-z       0.4672886350  -0.8694420848 0.1603489719  6.1948173899   -0.8694420848 -0.4848119717 -0.0950148056 16.1611464474 0.1603489719  -0.0950148056 -0.9824766633 30.9424853126 
# 
loop_
_struct_conn.id 
_struct_conn.conn_type_id 
_struct_conn.pdbx_leaving_atom_flag 
_struct_conn.pdbx_PDB_id 
_struct_conn.ptnr1_label_asym_id 
_struct_conn.ptnr1_label_comp_id 
_struct_conn.ptnr1_label_seq_id 
_struct_conn.ptnr1_label_atom_id 
_struct_conn.pdbx_ptnr1_label_alt_id 
_struct_conn.pdbx_ptnr1_PDB_ins_code 
_struct_conn.pdbx_ptnr1_standard_comp_id 
_struct_conn.ptnr1_symmetry 
_struct_conn.ptnr2_label_asym_id 
_struct_conn.ptnr2_label_comp_id 
_struct_conn.ptnr2_label_seq_id 
_struct_conn.ptnr2_label_atom_id 
_struct_conn.pdbx_ptnr2_label_alt_id 
_struct_conn.pdbx_ptnr2_PDB_ins_code 
_struct_conn.ptnr1_auth_asym_id 
_struct_conn.ptnr1_auth_comp_id 
_struct_conn.ptnr1_auth_seq_id 
_struct_conn.ptnr2_auth_asym_id 
_struct_conn.ptnr2_auth_comp_id 
_struct_conn.ptnr2_auth_seq_id 
_struct_conn.ptnr2_symmetry 
_struct_conn.pdbx_ptnr3_label_atom_id 
_struct_conn.pdbx_ptnr3_label_seq_id 
_struct_conn.pdbx_ptnr3_label_comp_id 
_struct_conn.pdbx_ptnr3_label_asym_id 
_struct_conn.pdbx_ptnr3_label_alt_id 
_struct_conn.pdbx_ptnr3_PDB_ins_code 
_struct_conn.details 
_struct_conn.pdbx_dist_value 
_struct_conn.pdbx_value_order 
_struct_conn.pdbx_role 
disulf1 disulf ?    ? A CYS 29 SG ? ? ? 1_555 A CYS 52 SG ? ? A CYS 29 A CYS 52 1_555 ? ? ? ? ? ? ? 2.027 ? ? 
covale1 covale both ? B MAN .  O3 ? ? ? 1_555 B MAN .  C1 ? ? B MAN 1  B MAN 2  1_555 ? ? ? ? ? ? ? 1.395 ? ? 
covale2 covale both ? B MAN .  O6 ? ? ? 1_555 B MAN .  C1 ? ? B MAN 1  B MAN 2  6_555 ? ? ? ? ? ? ? 1.459 ? ? 
covale3 covale both ? B MAN .  O6 ? ? ? 6_555 B MAN .  C1 ? ? B MAN 1  B MAN 2  1_555 ? ? ? ? ? ? ? 1.459 ? ? 
covale4 covale both ? B MAN .  O6 ? ? ? 1_555 B MAN .  C1 ? ? B MAN 1  B MAN 3  1_555 ? ? ? ? ? ? ? 1.400 ? ? 
covale5 covale both ? B MAN .  O3 ? ? ? 1_555 B MAN .  C1 ? ? B MAN 1  B MAN 3  6_555 ? ? ? ? ? ? ? 1.434 ? ? 
covale6 covale both ? B MAN .  O3 ? ? ? 6_555 B MAN .  C1 ? ? B MAN 1  B MAN 3  1_555 ? ? ? ? ? ? ? 1.434 ? ? 
covale7 covale both ? C MAN .  O6 ? ? ? 1_555 C MAN .  C1 ? ? C MAN 1  C MAN 2  1_555 ? ? ? ? ? ? ? 1.402 ? ? 
covale8 covale both ? D MAN .  O3 ? ? ? 1_555 D MAN .  C1 ? ? D MAN 1  D MAN 2  1_555 ? ? ? ? ? ? ? 1.396 ? ? 
covale9 covale both ? D MAN .  O6 ? ? ? 1_555 D MAN .  C1 ? ? D MAN 1  D MAN 3  1_555 ? ? ? ? ? ? ? 1.400 ? ? 
# 
loop_
_struct_conn_type.id 
_struct_conn_type.criteria 
_struct_conn_type.reference 
disulf ? ? 
covale ? ? 
# 
_pdbx_modification_feature.ordinal                            1 
_pdbx_modification_feature.label_comp_id                      CYS 
_pdbx_modification_feature.label_asym_id                      A 
_pdbx_modification_feature.label_seq_id                       29 
_pdbx_modification_feature.label_alt_id                       ? 
_pdbx_modification_feature.modified_residue_label_comp_id     CYS 
_pdbx_modification_feature.modified_residue_label_asym_id     A 
_pdbx_modification_feature.modified_residue_label_seq_id      52 
_pdbx_modification_feature.modified_residue_label_alt_id      ? 
_pdbx_modification_feature.auth_comp_id                       CYS 
_pdbx_modification_feature.auth_asym_id                       A 
_pdbx_modification_feature.auth_seq_id                        29 
_pdbx_modification_feature.PDB_ins_code                       ? 
_pdbx_modification_feature.symmetry                           1_555 
_pdbx_modification_feature.modified_residue_auth_comp_id      CYS 
_pdbx_modification_feature.modified_residue_auth_asym_id      A 
_pdbx_modification_feature.modified_residue_auth_seq_id       52 
_pdbx_modification_feature.modified_residue_PDB_ins_code      ? 
_pdbx_modification_feature.modified_residue_symmetry          1_555 
_pdbx_modification_feature.comp_id_linking_atom               SG 
_pdbx_modification_feature.modified_residue_id_linking_atom   SG 
_pdbx_modification_feature.modified_residue_id                . 
_pdbx_modification_feature.ref_pcm_id                         . 
_pdbx_modification_feature.ref_comp_id                        . 
_pdbx_modification_feature.type                               None 
_pdbx_modification_feature.category                           'Disulfide bridge' 
# 
_struct_mon_prot_cis.pdbx_id                1 
_struct_mon_prot_cis.label_comp_id          GLY 
_struct_mon_prot_cis.label_seq_id           98 
_struct_mon_prot_cis.label_asym_id          A 
_struct_mon_prot_cis.label_alt_id           . 
_struct_mon_prot_cis.pdbx_PDB_ins_code      ? 
_struct_mon_prot_cis.auth_comp_id           GLY 
_struct_mon_prot_cis.auth_seq_id            98 
_struct_mon_prot_cis.auth_asym_id           A 
_struct_mon_prot_cis.pdbx_label_comp_id_2   THR 
_struct_mon_prot_cis.pdbx_label_seq_id_2    99 
_struct_mon_prot_cis.pdbx_label_asym_id_2   A 
_struct_mon_prot_cis.pdbx_PDB_ins_code_2    ? 
_struct_mon_prot_cis.pdbx_auth_comp_id_2    THR 
_struct_mon_prot_cis.pdbx_auth_seq_id_2     99 
_struct_mon_prot_cis.pdbx_auth_asym_id_2    A 
_struct_mon_prot_cis.pdbx_PDB_model_num     1 
_struct_mon_prot_cis.pdbx_omega_angle       -0.33 
# 
loop_
_struct_sheet.id 
_struct_sheet.type 
_struct_sheet.number_strands 
_struct_sheet.details 
A ? 3 ? 
B ? 3 ? 
C ? 3 ? 
# 
loop_
_struct_sheet_order.sheet_id 
_struct_sheet_order.range_id_1 
_struct_sheet_order.range_id_2 
_struct_sheet_order.offset 
_struct_sheet_order.sense 
A 1 2 ? anti-parallel 
A 2 3 ? anti-parallel 
B 1 2 ? anti-parallel 
B 2 3 ? anti-parallel 
C 1 2 ? anti-parallel 
C 2 3 ? anti-parallel 
# 
loop_
_struct_sheet_range.sheet_id 
_struct_sheet_range.id 
_struct_sheet_range.beg_label_comp_id 
_struct_sheet_range.beg_label_asym_id 
_struct_sheet_range.beg_label_seq_id 
_struct_sheet_range.pdbx_beg_PDB_ins_code 
_struct_sheet_range.end_label_comp_id 
_struct_sheet_range.end_label_asym_id 
_struct_sheet_range.end_label_seq_id 
_struct_sheet_range.pdbx_end_PDB_ins_code 
_struct_sheet_range.beg_auth_comp_id 
_struct_sheet_range.beg_auth_asym_id 
_struct_sheet_range.beg_auth_seq_id 
_struct_sheet_range.end_auth_comp_id 
_struct_sheet_range.end_auth_asym_id 
_struct_sheet_range.end_auth_seq_id 
A 1 ILE A 3  ? TYR A 5  ? ILE A 3  TYR A 5  
A 2 VAL A 85 ? LEU A 88 ? VAL A 85 LEU A 88 
A 3 VAL A 94 ? TYR A 97 ? VAL A 94 TYR A 97 
B 1 PHE A 15 ? TYR A 18 ? PHE A 15 TYR A 18 
B 2 PHE A 21 ? MET A 25 ? PHE A 21 MET A 25 
B 3 LEU A 31 ? ASP A 35 ? LEU A 31 ASP A 35 
C 1 PHE A 53 ? SER A 55 ? PHE A 53 SER A 55 
C 2 VAL A 63 ? TYR A 65 ? VAL A 63 TYR A 65 
C 3 PRO A 71 ? ALA A 74 ? PRO A 71 ALA A 74 
# 
loop_
_pdbx_struct_sheet_hbond.sheet_id 
_pdbx_struct_sheet_hbond.range_id_1 
_pdbx_struct_sheet_hbond.range_id_2 
_pdbx_struct_sheet_hbond.range_1_label_atom_id 
_pdbx_struct_sheet_hbond.range_1_label_comp_id 
_pdbx_struct_sheet_hbond.range_1_label_asym_id 
_pdbx_struct_sheet_hbond.range_1_label_seq_id 
_pdbx_struct_sheet_hbond.range_1_PDB_ins_code 
_pdbx_struct_sheet_hbond.range_1_auth_atom_id 
_pdbx_struct_sheet_hbond.range_1_auth_comp_id 
_pdbx_struct_sheet_hbond.range_1_auth_asym_id 
_pdbx_struct_sheet_hbond.range_1_auth_seq_id 
_pdbx_struct_sheet_hbond.range_2_label_atom_id 
_pdbx_struct_sheet_hbond.range_2_label_comp_id 
_pdbx_struct_sheet_hbond.range_2_label_asym_id 
_pdbx_struct_sheet_hbond.range_2_label_seq_id 
_pdbx_struct_sheet_hbond.range_2_PDB_ins_code 
_pdbx_struct_sheet_hbond.range_2_auth_atom_id 
_pdbx_struct_sheet_hbond.range_2_auth_comp_id 
_pdbx_struct_sheet_hbond.range_2_auth_asym_id 
_pdbx_struct_sheet_hbond.range_2_auth_seq_id 
A 1 2 O LEU A 4  ? O LEU A 4  N CYS A 86 ? N CYS A 86 
A 2 3 O VAL A 85 ? O VAL A 85 N TYR A 97 ? N TYR A 97 
B 1 2 O LEU A 16 ? O LEU A 16 N PHE A 23 ? N PHE A 23 
B 2 3 O VAL A 22 ? O VAL A 22 N TYR A 34 ? N TYR A 34 
C 1 2 O PHE A 53 ? O PHE A 53 N TYR A 65 ? N TYR A 65 
C 2 3 O VAL A 64 ? O VAL A 64 N TRP A 73 ? N TRP A 73 
# 
_pdbx_entry_details.entry_id                   1JPC 
_pdbx_entry_details.compound_details           ? 
_pdbx_entry_details.source_details             ? 
_pdbx_entry_details.nonpolymer_details         ? 
_pdbx_entry_details.sequence_details           ? 
_pdbx_entry_details.has_ligand_of_interest     ? 
_pdbx_entry_details.has_protein_modification   Y 
# 
_pdbx_validate_symm_contact.id                1 
_pdbx_validate_symm_contact.PDB_model_num     1 
_pdbx_validate_symm_contact.auth_atom_id_1    OD2 
_pdbx_validate_symm_contact.auth_asym_id_1    A 
_pdbx_validate_symm_contact.auth_comp_id_1    ASP 
_pdbx_validate_symm_contact.auth_seq_id_1     1 
_pdbx_validate_symm_contact.PDB_ins_code_1    ? 
_pdbx_validate_symm_contact.label_alt_id_1    ? 
_pdbx_validate_symm_contact.site_symmetry_1   1_555 
_pdbx_validate_symm_contact.auth_atom_id_2    O 
_pdbx_validate_symm_contact.auth_asym_id_2    A 
_pdbx_validate_symm_contact.auth_comp_id_2    HOH 
_pdbx_validate_symm_contact.auth_seq_id_2     142 
_pdbx_validate_symm_contact.PDB_ins_code_2    ? 
_pdbx_validate_symm_contact.label_alt_id_2    ? 
_pdbx_validate_symm_contact.site_symmetry_2   8_665 
_pdbx_validate_symm_contact.dist              2.15 
# 
loop_
_pdbx_validate_torsion.id 
_pdbx_validate_torsion.PDB_model_num 
_pdbx_validate_torsion.auth_comp_id 
_pdbx_validate_torsion.auth_asym_id 
_pdbx_validate_torsion.auth_seq_id 
_pdbx_validate_torsion.PDB_ins_code 
_pdbx_validate_torsion.label_alt_id 
_pdbx_validate_torsion.phi 
_pdbx_validate_torsion.psi 
1 1 VAL A 36 ? ? 67.62   -114.29 
2 1 SER A 49 ? ? -174.72 -176.34 
# 
_pdbx_molecule_features.prd_id    PRD_900118 
_pdbx_molecule_features.name      6alpha-alpha-mannobiose 
_pdbx_molecule_features.type      Oligosaccharide 
_pdbx_molecule_features.class     Metabolism 
_pdbx_molecule_features.details   oligosaccharide 
# 
_pdbx_molecule.instance_id   1 
_pdbx_molecule.prd_id        PRD_900118 
_pdbx_molecule.asym_id       C 
# 
_pdbx_struct_special_symmetry.id              1 
_pdbx_struct_special_symmetry.PDB_model_num   1 
_pdbx_struct_special_symmetry.auth_asym_id    A 
_pdbx_struct_special_symmetry.auth_comp_id    HOH 
_pdbx_struct_special_symmetry.auth_seq_id     132 
_pdbx_struct_special_symmetry.PDB_ins_code    ? 
_pdbx_struct_special_symmetry.label_asym_id   E 
_pdbx_struct_special_symmetry.label_comp_id   HOH 
_pdbx_struct_special_symmetry.label_seq_id    . 
# 
loop_
_pdbx_distant_solvent_atoms.id 
_pdbx_distant_solvent_atoms.PDB_model_num 
_pdbx_distant_solvent_atoms.auth_atom_id 
_pdbx_distant_solvent_atoms.label_alt_id 
_pdbx_distant_solvent_atoms.auth_asym_id 
_pdbx_distant_solvent_atoms.auth_comp_id 
_pdbx_distant_solvent_atoms.auth_seq_id 
_pdbx_distant_solvent_atoms.PDB_ins_code 
_pdbx_distant_solvent_atoms.neighbor_macromolecule_distance 
_pdbx_distant_solvent_atoms.neighbor_ligand_distance 
1 1 O ? A HOH 146 ? 6.18 . 
2 1 O ? A HOH 162 ? 8.97 . 
# 
_pdbx_unobs_or_zero_occ_residues.id               1 
_pdbx_unobs_or_zero_occ_residues.PDB_model_num    1 
_pdbx_unobs_or_zero_occ_residues.polymer_flag     Y 
_pdbx_unobs_or_zero_occ_residues.occupancy_flag   1 
_pdbx_unobs_or_zero_occ_residues.auth_asym_id     A 
_pdbx_unobs_or_zero_occ_residues.auth_comp_id     GLY 
_pdbx_unobs_or_zero_occ_residues.auth_seq_id      109 
_pdbx_unobs_or_zero_occ_residues.PDB_ins_code     ? 
_pdbx_unobs_or_zero_occ_residues.label_asym_id    A 
_pdbx_unobs_or_zero_occ_residues.label_comp_id    GLY 
_pdbx_unobs_or_zero_occ_residues.label_seq_id     109 
# 
loop_
_chem_comp_atom.comp_id 
_chem_comp_atom.atom_id 
_chem_comp_atom.type_symbol 
_chem_comp_atom.pdbx_aromatic_flag 
_chem_comp_atom.pdbx_stereo_config 
_chem_comp_atom.pdbx_ordinal 
ALA N    N N N 1   
ALA CA   C N S 2   
ALA C    C N N 3   
ALA O    O N N 4   
ALA CB   C N N 5   
ALA OXT  O N N 6   
ALA H    H N N 7   
ALA H2   H N N 8   
ALA HA   H N N 9   
ALA HB1  H N N 10  
ALA HB2  H N N 11  
ALA HB3  H N N 12  
ALA HXT  H N N 13  
ARG N    N N N 14  
ARG CA   C N S 15  
ARG C    C N N 16  
ARG O    O N N 17  
ARG CB   C N N 18  
ARG CG   C N N 19  
ARG CD   C N N 20  
ARG NE   N N N 21  
ARG CZ   C N N 22  
ARG NH1  N N N 23  
ARG NH2  N N N 24  
ARG OXT  O N N 25  
ARG H    H N N 26  
ARG H2   H N N 27  
ARG HA   H N N 28  
ARG HB2  H N N 29  
ARG HB3  H N N 30  
ARG HG2  H N N 31  
ARG HG3  H N N 32  
ARG HD2  H N N 33  
ARG HD3  H N N 34  
ARG HE   H N N 35  
ARG HH11 H N N 36  
ARG HH12 H N N 37  
ARG HH21 H N N 38  
ARG HH22 H N N 39  
ARG HXT  H N N 40  
ASN N    N N N 41  
ASN CA   C N S 42  
ASN C    C N N 43  
ASN O    O N N 44  
ASN CB   C N N 45  
ASN CG   C N N 46  
ASN OD1  O N N 47  
ASN ND2  N N N 48  
ASN OXT  O N N 49  
ASN H    H N N 50  
ASN H2   H N N 51  
ASN HA   H N N 52  
ASN HB2  H N N 53  
ASN HB3  H N N 54  
ASN HD21 H N N 55  
ASN HD22 H N N 56  
ASN HXT  H N N 57  
ASP N    N N N 58  
ASP CA   C N S 59  
ASP C    C N N 60  
ASP O    O N N 61  
ASP CB   C N N 62  
ASP CG   C N N 63  
ASP OD1  O N N 64  
ASP OD2  O N N 65  
ASP OXT  O N N 66  
ASP H    H N N 67  
ASP H2   H N N 68  
ASP HA   H N N 69  
ASP HB2  H N N 70  
ASP HB3  H N N 71  
ASP HD2  H N N 72  
ASP HXT  H N N 73  
CYS N    N N N 74  
CYS CA   C N R 75  
CYS C    C N N 76  
CYS O    O N N 77  
CYS CB   C N N 78  
CYS SG   S N N 79  
CYS OXT  O N N 80  
CYS H    H N N 81  
CYS H2   H N N 82  
CYS HA   H N N 83  
CYS HB2  H N N 84  
CYS HB3  H N N 85  
CYS HG   H N N 86  
CYS HXT  H N N 87  
GLN N    N N N 88  
GLN CA   C N S 89  
GLN C    C N N 90  
GLN O    O N N 91  
GLN CB   C N N 92  
GLN CG   C N N 93  
GLN CD   C N N 94  
GLN OE1  O N N 95  
GLN NE2  N N N 96  
GLN OXT  O N N 97  
GLN H    H N N 98  
GLN H2   H N N 99  
GLN HA   H N N 100 
GLN HB2  H N N 101 
GLN HB3  H N N 102 
GLN HG2  H N N 103 
GLN HG3  H N N 104 
GLN HE21 H N N 105 
GLN HE22 H N N 106 
GLN HXT  H N N 107 
GLU N    N N N 108 
GLU CA   C N S 109 
GLU C    C N N 110 
GLU O    O N N 111 
GLU CB   C N N 112 
GLU CG   C N N 113 
GLU CD   C N N 114 
GLU OE1  O N N 115 
GLU OE2  O N N 116 
GLU OXT  O N N 117 
GLU H    H N N 118 
GLU H2   H N N 119 
GLU HA   H N N 120 
GLU HB2  H N N 121 
GLU HB3  H N N 122 
GLU HG2  H N N 123 
GLU HG3  H N N 124 
GLU HE2  H N N 125 
GLU HXT  H N N 126 
GLY N    N N N 127 
GLY CA   C N N 128 
GLY C    C N N 129 
GLY O    O N N 130 
GLY OXT  O N N 131 
GLY H    H N N 132 
GLY H2   H N N 133 
GLY HA2  H N N 134 
GLY HA3  H N N 135 
GLY HXT  H N N 136 
HIS N    N N N 137 
HIS CA   C N S 138 
HIS C    C N N 139 
HIS O    O N N 140 
HIS CB   C N N 141 
HIS CG   C Y N 142 
HIS ND1  N Y N 143 
HIS CD2  C Y N 144 
HIS CE1  C Y N 145 
HIS NE2  N Y N 146 
HIS OXT  O N N 147 
HIS H    H N N 148 
HIS H2   H N N 149 
HIS HA   H N N 150 
HIS HB2  H N N 151 
HIS HB3  H N N 152 
HIS HD1  H N N 153 
HIS HD2  H N N 154 
HIS HE1  H N N 155 
HIS HE2  H N N 156 
HIS HXT  H N N 157 
HOH O    O N N 158 
HOH H1   H N N 159 
HOH H2   H N N 160 
ILE N    N N N 161 
ILE CA   C N S 162 
ILE C    C N N 163 
ILE O    O N N 164 
ILE CB   C N S 165 
ILE CG1  C N N 166 
ILE CG2  C N N 167 
ILE CD1  C N N 168 
ILE OXT  O N N 169 
ILE H    H N N 170 
ILE H2   H N N 171 
ILE HA   H N N 172 
ILE HB   H N N 173 
ILE HG12 H N N 174 
ILE HG13 H N N 175 
ILE HG21 H N N 176 
ILE HG22 H N N 177 
ILE HG23 H N N 178 
ILE HD11 H N N 179 
ILE HD12 H N N 180 
ILE HD13 H N N 181 
ILE HXT  H N N 182 
LEU N    N N N 183 
LEU CA   C N S 184 
LEU C    C N N 185 
LEU O    O N N 186 
LEU CB   C N N 187 
LEU CG   C N N 188 
LEU CD1  C N N 189 
LEU CD2  C N N 190 
LEU OXT  O N N 191 
LEU H    H N N 192 
LEU H2   H N N 193 
LEU HA   H N N 194 
LEU HB2  H N N 195 
LEU HB3  H N N 196 
LEU HG   H N N 197 
LEU HD11 H N N 198 
LEU HD12 H N N 199 
LEU HD13 H N N 200 
LEU HD21 H N N 201 
LEU HD22 H N N 202 
LEU HD23 H N N 203 
LEU HXT  H N N 204 
LYS N    N N N 205 
LYS CA   C N S 206 
LYS C    C N N 207 
LYS O    O N N 208 
LYS CB   C N N 209 
LYS CG   C N N 210 
LYS CD   C N N 211 
LYS CE   C N N 212 
LYS NZ   N N N 213 
LYS OXT  O N N 214 
LYS H    H N N 215 
LYS H2   H N N 216 
LYS HA   H N N 217 
LYS HB2  H N N 218 
LYS HB3  H N N 219 
LYS HG2  H N N 220 
LYS HG3  H N N 221 
LYS HD2  H N N 222 
LYS HD3  H N N 223 
LYS HE2  H N N 224 
LYS HE3  H N N 225 
LYS HZ1  H N N 226 
LYS HZ2  H N N 227 
LYS HZ3  H N N 228 
LYS HXT  H N N 229 
MAN C1   C N S 230 
MAN C2   C N S 231 
MAN C3   C N S 232 
MAN C4   C N S 233 
MAN C5   C N R 234 
MAN C6   C N N 235 
MAN O1   O N N 236 
MAN O2   O N N 237 
MAN O3   O N N 238 
MAN O4   O N N 239 
MAN O5   O N N 240 
MAN O6   O N N 241 
MAN H1   H N N 242 
MAN H2   H N N 243 
MAN H3   H N N 244 
MAN H4   H N N 245 
MAN H5   H N N 246 
MAN H61  H N N 247 
MAN H62  H N N 248 
MAN HO1  H N N 249 
MAN HO2  H N N 250 
MAN HO3  H N N 251 
MAN HO4  H N N 252 
MAN HO6  H N N 253 
MET N    N N N 254 
MET CA   C N S 255 
MET C    C N N 256 
MET O    O N N 257 
MET CB   C N N 258 
MET CG   C N N 259 
MET SD   S N N 260 
MET CE   C N N 261 
MET OXT  O N N 262 
MET H    H N N 263 
MET H2   H N N 264 
MET HA   H N N 265 
MET HB2  H N N 266 
MET HB3  H N N 267 
MET HG2  H N N 268 
MET HG3  H N N 269 
MET HE1  H N N 270 
MET HE2  H N N 271 
MET HE3  H N N 272 
MET HXT  H N N 273 
PHE N    N N N 274 
PHE CA   C N S 275 
PHE C    C N N 276 
PHE O    O N N 277 
PHE CB   C N N 278 
PHE CG   C Y N 279 
PHE CD1  C Y N 280 
PHE CD2  C Y N 281 
PHE CE1  C Y N 282 
PHE CE2  C Y N 283 
PHE CZ   C Y N 284 
PHE OXT  O N N 285 
PHE H    H N N 286 
PHE H2   H N N 287 
PHE HA   H N N 288 
PHE HB2  H N N 289 
PHE HB3  H N N 290 
PHE HD1  H N N 291 
PHE HD2  H N N 292 
PHE HE1  H N N 293 
PHE HE2  H N N 294 
PHE HZ   H N N 295 
PHE HXT  H N N 296 
PRO N    N N N 297 
PRO CA   C N S 298 
PRO C    C N N 299 
PRO O    O N N 300 
PRO CB   C N N 301 
PRO CG   C N N 302 
PRO CD   C N N 303 
PRO OXT  O N N 304 
PRO H    H N N 305 
PRO HA   H N N 306 
PRO HB2  H N N 307 
PRO HB3  H N N 308 
PRO HG2  H N N 309 
PRO HG3  H N N 310 
PRO HD2  H N N 311 
PRO HD3  H N N 312 
PRO HXT  H N N 313 
SER N    N N N 314 
SER CA   C N S 315 
SER C    C N N 316 
SER O    O N N 317 
SER CB   C N N 318 
SER OG   O N N 319 
SER OXT  O N N 320 
SER H    H N N 321 
SER H2   H N N 322 
SER HA   H N N 323 
SER HB2  H N N 324 
SER HB3  H N N 325 
SER HG   H N N 326 
SER HXT  H N N 327 
THR N    N N N 328 
THR CA   C N S 329 
THR C    C N N 330 
THR O    O N N 331 
THR CB   C N R 332 
THR OG1  O N N 333 
THR CG2  C N N 334 
THR OXT  O N N 335 
THR H    H N N 336 
THR H2   H N N 337 
THR HA   H N N 338 
THR HB   H N N 339 
THR HG1  H N N 340 
THR HG21 H N N 341 
THR HG22 H N N 342 
THR HG23 H N N 343 
THR HXT  H N N 344 
TRP N    N N N 345 
TRP CA   C N S 346 
TRP C    C N N 347 
TRP O    O N N 348 
TRP CB   C N N 349 
TRP CG   C Y N 350 
TRP CD1  C Y N 351 
TRP CD2  C Y N 352 
TRP NE1  N Y N 353 
TRP CE2  C Y N 354 
TRP CE3  C Y N 355 
TRP CZ2  C Y N 356 
TRP CZ3  C Y N 357 
TRP CH2  C Y N 358 
TRP OXT  O N N 359 
TRP H    H N N 360 
TRP H2   H N N 361 
TRP HA   H N N 362 
TRP HB2  H N N 363 
TRP HB3  H N N 364 
TRP HD1  H N N 365 
TRP HE1  H N N 366 
TRP HE3  H N N 367 
TRP HZ2  H N N 368 
TRP HZ3  H N N 369 
TRP HH2  H N N 370 
TRP HXT  H N N 371 
TYR N    N N N 372 
TYR CA   C N S 373 
TYR C    C N N 374 
TYR O    O N N 375 
TYR CB   C N N 376 
TYR CG   C Y N 377 
TYR CD1  C Y N 378 
TYR CD2  C Y N 379 
TYR CE1  C Y N 380 
TYR CE2  C Y N 381 
TYR CZ   C Y N 382 
TYR OH   O N N 383 
TYR OXT  O N N 384 
TYR H    H N N 385 
TYR H2   H N N 386 
TYR HA   H N N 387 
TYR HB2  H N N 388 
TYR HB3  H N N 389 
TYR HD1  H N N 390 
TYR HD2  H N N 391 
TYR HE1  H N N 392 
TYR HE2  H N N 393 
TYR HH   H N N 394 
TYR HXT  H N N 395 
VAL N    N N N 396 
VAL CA   C N S 397 
VAL C    C N N 398 
VAL O    O N N 399 
VAL CB   C N N 400 
VAL CG1  C N N 401 
VAL CG2  C N N 402 
VAL OXT  O N N 403 
VAL H    H N N 404 
VAL H2   H N N 405 
VAL HA   H N N 406 
VAL HB   H N N 407 
VAL HG11 H N N 408 
VAL HG12 H N N 409 
VAL HG13 H N N 410 
VAL HG21 H N N 411 
VAL HG22 H N N 412 
VAL HG23 H N N 413 
VAL HXT  H N N 414 
# 
loop_
_chem_comp_bond.comp_id 
_chem_comp_bond.atom_id_1 
_chem_comp_bond.atom_id_2 
_chem_comp_bond.value_order 
_chem_comp_bond.pdbx_aromatic_flag 
_chem_comp_bond.pdbx_stereo_config 
_chem_comp_bond.pdbx_ordinal 
ALA N   CA   sing N N 1   
ALA N   H    sing N N 2   
ALA N   H2   sing N N 3   
ALA CA  C    sing N N 4   
ALA CA  CB   sing N N 5   
ALA CA  HA   sing N N 6   
ALA C   O    doub N N 7   
ALA C   OXT  sing N N 8   
ALA CB  HB1  sing N N 9   
ALA CB  HB2  sing N N 10  
ALA CB  HB3  sing N N 11  
ALA OXT HXT  sing N N 12  
ARG N   CA   sing N N 13  
ARG N   H    sing N N 14  
ARG N   H2   sing N N 15  
ARG CA  C    sing N N 16  
ARG CA  CB   sing N N 17  
ARG CA  HA   sing N N 18  
ARG C   O    doub N N 19  
ARG C   OXT  sing N N 20  
ARG CB  CG   sing N N 21  
ARG CB  HB2  sing N N 22  
ARG CB  HB3  sing N N 23  
ARG CG  CD   sing N N 24  
ARG CG  HG2  sing N N 25  
ARG CG  HG3  sing N N 26  
ARG CD  NE   sing N N 27  
ARG CD  HD2  sing N N 28  
ARG CD  HD3  sing N N 29  
ARG NE  CZ   sing N N 30  
ARG NE  HE   sing N N 31  
ARG CZ  NH1  sing N N 32  
ARG CZ  NH2  doub N N 33  
ARG NH1 HH11 sing N N 34  
ARG NH1 HH12 sing N N 35  
ARG NH2 HH21 sing N N 36  
ARG NH2 HH22 sing N N 37  
ARG OXT HXT  sing N N 38  
ASN N   CA   sing N N 39  
ASN N   H    sing N N 40  
ASN N   H2   sing N N 41  
ASN CA  C    sing N N 42  
ASN CA  CB   sing N N 43  
ASN CA  HA   sing N N 44  
ASN C   O    doub N N 45  
ASN C   OXT  sing N N 46  
ASN CB  CG   sing N N 47  
ASN CB  HB2  sing N N 48  
ASN CB  HB3  sing N N 49  
ASN CG  OD1  doub N N 50  
ASN CG  ND2  sing N N 51  
ASN ND2 HD21 sing N N 52  
ASN ND2 HD22 sing N N 53  
ASN OXT HXT  sing N N 54  
ASP N   CA   sing N N 55  
ASP N   H    sing N N 56  
ASP N   H2   sing N N 57  
ASP CA  C    sing N N 58  
ASP CA  CB   sing N N 59  
ASP CA  HA   sing N N 60  
ASP C   O    doub N N 61  
ASP C   OXT  sing N N 62  
ASP CB  CG   sing N N 63  
ASP CB  HB2  sing N N 64  
ASP CB  HB3  sing N N 65  
ASP CG  OD1  doub N N 66  
ASP CG  OD2  sing N N 67  
ASP OD2 HD2  sing N N 68  
ASP OXT HXT  sing N N 69  
CYS N   CA   sing N N 70  
CYS N   H    sing N N 71  
CYS N   H2   sing N N 72  
CYS CA  C    sing N N 73  
CYS CA  CB   sing N N 74  
CYS CA  HA   sing N N 75  
CYS C   O    doub N N 76  
CYS C   OXT  sing N N 77  
CYS CB  SG   sing N N 78  
CYS CB  HB2  sing N N 79  
CYS CB  HB3  sing N N 80  
CYS SG  HG   sing N N 81  
CYS OXT HXT  sing N N 82  
GLN N   CA   sing N N 83  
GLN N   H    sing N N 84  
GLN N   H2   sing N N 85  
GLN CA  C    sing N N 86  
GLN CA  CB   sing N N 87  
GLN CA  HA   sing N N 88  
GLN C   O    doub N N 89  
GLN C   OXT  sing N N 90  
GLN CB  CG   sing N N 91  
GLN CB  HB2  sing N N 92  
GLN CB  HB3  sing N N 93  
GLN CG  CD   sing N N 94  
GLN CG  HG2  sing N N 95  
GLN CG  HG3  sing N N 96  
GLN CD  OE1  doub N N 97  
GLN CD  NE2  sing N N 98  
GLN NE2 HE21 sing N N 99  
GLN NE2 HE22 sing N N 100 
GLN OXT HXT  sing N N 101 
GLU N   CA   sing N N 102 
GLU N   H    sing N N 103 
GLU N   H2   sing N N 104 
GLU CA  C    sing N N 105 
GLU CA  CB   sing N N 106 
GLU CA  HA   sing N N 107 
GLU C   O    doub N N 108 
GLU C   OXT  sing N N 109 
GLU CB  CG   sing N N 110 
GLU CB  HB2  sing N N 111 
GLU CB  HB3  sing N N 112 
GLU CG  CD   sing N N 113 
GLU CG  HG2  sing N N 114 
GLU CG  HG3  sing N N 115 
GLU CD  OE1  doub N N 116 
GLU CD  OE2  sing N N 117 
GLU OE2 HE2  sing N N 118 
GLU OXT HXT  sing N N 119 
GLY N   CA   sing N N 120 
GLY N   H    sing N N 121 
GLY N   H2   sing N N 122 
GLY CA  C    sing N N 123 
GLY CA  HA2  sing N N 124 
GLY CA  HA3  sing N N 125 
GLY C   O    doub N N 126 
GLY C   OXT  sing N N 127 
GLY OXT HXT  sing N N 128 
HIS N   CA   sing N N 129 
HIS N   H    sing N N 130 
HIS N   H2   sing N N 131 
HIS CA  C    sing N N 132 
HIS CA  CB   sing N N 133 
HIS CA  HA   sing N N 134 
HIS C   O    doub N N 135 
HIS C   OXT  sing N N 136 
HIS CB  CG   sing N N 137 
HIS CB  HB2  sing N N 138 
HIS CB  HB3  sing N N 139 
HIS CG  ND1  sing Y N 140 
HIS CG  CD2  doub Y N 141 
HIS ND1 CE1  doub Y N 142 
HIS ND1 HD1  sing N N 143 
HIS CD2 NE2  sing Y N 144 
HIS CD2 HD2  sing N N 145 
HIS CE1 NE2  sing Y N 146 
HIS CE1 HE1  sing N N 147 
HIS NE2 HE2  sing N N 148 
HIS OXT HXT  sing N N 149 
HOH O   H1   sing N N 150 
HOH O   H2   sing N N 151 
ILE N   CA   sing N N 152 
ILE N   H    sing N N 153 
ILE N   H2   sing N N 154 
ILE CA  C    sing N N 155 
ILE CA  CB   sing N N 156 
ILE CA  HA   sing N N 157 
ILE C   O    doub N N 158 
ILE C   OXT  sing N N 159 
ILE CB  CG1  sing N N 160 
ILE CB  CG2  sing N N 161 
ILE CB  HB   sing N N 162 
ILE CG1 CD1  sing N N 163 
ILE CG1 HG12 sing N N 164 
ILE CG1 HG13 sing N N 165 
ILE CG2 HG21 sing N N 166 
ILE CG2 HG22 sing N N 167 
ILE CG2 HG23 sing N N 168 
ILE CD1 HD11 sing N N 169 
ILE CD1 HD12 sing N N 170 
ILE CD1 HD13 sing N N 171 
ILE OXT HXT  sing N N 172 
LEU N   CA   sing N N 173 
LEU N   H    sing N N 174 
LEU N   H2   sing N N 175 
LEU CA  C    sing N N 176 
LEU CA  CB   sing N N 177 
LEU CA  HA   sing N N 178 
LEU C   O    doub N N 179 
LEU C   OXT  sing N N 180 
LEU CB  CG   sing N N 181 
LEU CB  HB2  sing N N 182 
LEU CB  HB3  sing N N 183 
LEU CG  CD1  sing N N 184 
LEU CG  CD2  sing N N 185 
LEU CG  HG   sing N N 186 
LEU CD1 HD11 sing N N 187 
LEU CD1 HD12 sing N N 188 
LEU CD1 HD13 sing N N 189 
LEU CD2 HD21 sing N N 190 
LEU CD2 HD22 sing N N 191 
LEU CD2 HD23 sing N N 192 
LEU OXT HXT  sing N N 193 
LYS N   CA   sing N N 194 
LYS N   H    sing N N 195 
LYS N   H2   sing N N 196 
LYS CA  C    sing N N 197 
LYS CA  CB   sing N N 198 
LYS CA  HA   sing N N 199 
LYS C   O    doub N N 200 
LYS C   OXT  sing N N 201 
LYS CB  CG   sing N N 202 
LYS CB  HB2  sing N N 203 
LYS CB  HB3  sing N N 204 
LYS CG  CD   sing N N 205 
LYS CG  HG2  sing N N 206 
LYS CG  HG3  sing N N 207 
LYS CD  CE   sing N N 208 
LYS CD  HD2  sing N N 209 
LYS CD  HD3  sing N N 210 
LYS CE  NZ   sing N N 211 
LYS CE  HE2  sing N N 212 
LYS CE  HE3  sing N N 213 
LYS NZ  HZ1  sing N N 214 
LYS NZ  HZ2  sing N N 215 
LYS NZ  HZ3  sing N N 216 
LYS OXT HXT  sing N N 217 
MAN C1  C2   sing N N 218 
MAN C1  O1   sing N N 219 
MAN C1  O5   sing N N 220 
MAN C1  H1   sing N N 221 
MAN C2  C3   sing N N 222 
MAN C2  O2   sing N N 223 
MAN C2  H2   sing N N 224 
MAN C3  C4   sing N N 225 
MAN C3  O3   sing N N 226 
MAN C3  H3   sing N N 227 
MAN C4  C5   sing N N 228 
MAN C4  O4   sing N N 229 
MAN C4  H4   sing N N 230 
MAN C5  C6   sing N N 231 
MAN C5  O5   sing N N 232 
MAN C5  H5   sing N N 233 
MAN C6  O6   sing N N 234 
MAN C6  H61  sing N N 235 
MAN C6  H62  sing N N 236 
MAN O1  HO1  sing N N 237 
MAN O2  HO2  sing N N 238 
MAN O3  HO3  sing N N 239 
MAN O4  HO4  sing N N 240 
MAN O6  HO6  sing N N 241 
MET N   CA   sing N N 242 
MET N   H    sing N N 243 
MET N   H2   sing N N 244 
MET CA  C    sing N N 245 
MET CA  CB   sing N N 246 
MET CA  HA   sing N N 247 
MET C   O    doub N N 248 
MET C   OXT  sing N N 249 
MET CB  CG   sing N N 250 
MET CB  HB2  sing N N 251 
MET CB  HB3  sing N N 252 
MET CG  SD   sing N N 253 
MET CG  HG2  sing N N 254 
MET CG  HG3  sing N N 255 
MET SD  CE   sing N N 256 
MET CE  HE1  sing N N 257 
MET CE  HE2  sing N N 258 
MET CE  HE3  sing N N 259 
MET OXT HXT  sing N N 260 
PHE N   CA   sing N N 261 
PHE N   H    sing N N 262 
PHE N   H2   sing N N 263 
PHE CA  C    sing N N 264 
PHE CA  CB   sing N N 265 
PHE CA  HA   sing N N 266 
PHE C   O    doub N N 267 
PHE C   OXT  sing N N 268 
PHE CB  CG   sing N N 269 
PHE CB  HB2  sing N N 270 
PHE CB  HB3  sing N N 271 
PHE CG  CD1  doub Y N 272 
PHE CG  CD2  sing Y N 273 
PHE CD1 CE1  sing Y N 274 
PHE CD1 HD1  sing N N 275 
PHE CD2 CE2  doub Y N 276 
PHE CD2 HD2  sing N N 277 
PHE CE1 CZ   doub Y N 278 
PHE CE1 HE1  sing N N 279 
PHE CE2 CZ   sing Y N 280 
PHE CE2 HE2  sing N N 281 
PHE CZ  HZ   sing N N 282 
PHE OXT HXT  sing N N 283 
PRO N   CA   sing N N 284 
PRO N   CD   sing N N 285 
PRO N   H    sing N N 286 
PRO CA  C    sing N N 287 
PRO CA  CB   sing N N 288 
PRO CA  HA   sing N N 289 
PRO C   O    doub N N 290 
PRO C   OXT  sing N N 291 
PRO CB  CG   sing N N 292 
PRO CB  HB2  sing N N 293 
PRO CB  HB3  sing N N 294 
PRO CG  CD   sing N N 295 
PRO CG  HG2  sing N N 296 
PRO CG  HG3  sing N N 297 
PRO CD  HD2  sing N N 298 
PRO CD  HD3  sing N N 299 
PRO OXT HXT  sing N N 300 
SER N   CA   sing N N 301 
SER N   H    sing N N 302 
SER N   H2   sing N N 303 
SER CA  C    sing N N 304 
SER CA  CB   sing N N 305 
SER CA  HA   sing N N 306 
SER C   O    doub N N 307 
SER C   OXT  sing N N 308 
SER CB  OG   sing N N 309 
SER CB  HB2  sing N N 310 
SER CB  HB3  sing N N 311 
SER OG  HG   sing N N 312 
SER OXT HXT  sing N N 313 
THR N   CA   sing N N 314 
THR N   H    sing N N 315 
THR N   H2   sing N N 316 
THR CA  C    sing N N 317 
THR CA  CB   sing N N 318 
THR CA  HA   sing N N 319 
THR C   O    doub N N 320 
THR C   OXT  sing N N 321 
THR CB  OG1  sing N N 322 
THR CB  CG2  sing N N 323 
THR CB  HB   sing N N 324 
THR OG1 HG1  sing N N 325 
THR CG2 HG21 sing N N 326 
THR CG2 HG22 sing N N 327 
THR CG2 HG23 sing N N 328 
THR OXT HXT  sing N N 329 
TRP N   CA   sing N N 330 
TRP N   H    sing N N 331 
TRP N   H2   sing N N 332 
TRP CA  C    sing N N 333 
TRP CA  CB   sing N N 334 
TRP CA  HA   sing N N 335 
TRP C   O    doub N N 336 
TRP C   OXT  sing N N 337 
TRP CB  CG   sing N N 338 
TRP CB  HB2  sing N N 339 
TRP CB  HB3  sing N N 340 
TRP CG  CD1  doub Y N 341 
TRP CG  CD2  sing Y N 342 
TRP CD1 NE1  sing Y N 343 
TRP CD1 HD1  sing N N 344 
TRP CD2 CE2  doub Y N 345 
TRP CD2 CE3  sing Y N 346 
TRP NE1 CE2  sing Y N 347 
TRP NE1 HE1  sing N N 348 
TRP CE2 CZ2  sing Y N 349 
TRP CE3 CZ3  doub Y N 350 
TRP CE3 HE3  sing N N 351 
TRP CZ2 CH2  doub Y N 352 
TRP CZ2 HZ2  sing N N 353 
TRP CZ3 CH2  sing Y N 354 
TRP CZ3 HZ3  sing N N 355 
TRP CH2 HH2  sing N N 356 
TRP OXT HXT  sing N N 357 
TYR N   CA   sing N N 358 
TYR N   H    sing N N 359 
TYR N   H2   sing N N 360 
TYR CA  C    sing N N 361 
TYR CA  CB   sing N N 362 
TYR CA  HA   sing N N 363 
TYR C   O    doub N N 364 
TYR C   OXT  sing N N 365 
TYR CB  CG   sing N N 366 
TYR CB  HB2  sing N N 367 
TYR CB  HB3  sing N N 368 
TYR CG  CD1  doub Y N 369 
TYR CG  CD2  sing Y N 370 
TYR CD1 CE1  sing Y N 371 
TYR CD1 HD1  sing N N 372 
TYR CD2 CE2  doub Y N 373 
TYR CD2 HD2  sing N N 374 
TYR CE1 CZ   doub Y N 375 
TYR CE1 HE1  sing N N 376 
TYR CE2 CZ   sing Y N 377 
TYR CE2 HE2  sing N N 378 
TYR CZ  OH   sing N N 379 
TYR OH  HH   sing N N 380 
TYR OXT HXT  sing N N 381 
VAL N   CA   sing N N 382 
VAL N   H    sing N N 383 
VAL N   H2   sing N N 384 
VAL CA  C    sing N N 385 
VAL CA  CB   sing N N 386 
VAL CA  HA   sing N N 387 
VAL C   O    doub N N 388 
VAL C   OXT  sing N N 389 
VAL CB  CG1  sing N N 390 
VAL CB  CG2  sing N N 391 
VAL CB  HB   sing N N 392 
VAL CG1 HG11 sing N N 393 
VAL CG1 HG12 sing N N 394 
VAL CG1 HG13 sing N N 395 
VAL CG2 HG21 sing N N 396 
VAL CG2 HG22 sing N N 397 
VAL CG2 HG23 sing N N 398 
VAL OXT HXT  sing N N 399 
# 
loop_
_pdbx_entity_branch_list.entity_id 
_pdbx_entity_branch_list.comp_id 
_pdbx_entity_branch_list.num 
_pdbx_entity_branch_list.hetero 
2 MAN 1 n 
2 MAN 2 n 
2 MAN 3 n 
3 MAN 1 n 
3 MAN 2 n 
# 
_atom_sites.entry_id                    1JPC 
_atom_sites.fract_transf_matrix[1][1]   0.00731443 
_atom_sites.fract_transf_matrix[1][2]   -0.00332918 
_atom_sites.fract_transf_matrix[1][3]   -0.00656964 
_atom_sites.fract_transf_matrix[2][1]   0.00525904 
_atom_sites.fract_transf_matrix[2][2]   -0.00412123 
_atom_sites.fract_transf_matrix[2][3]   0.00794370 
_atom_sites.fract_transf_matrix[3][1]   -0.00723751 
_atom_sites.fract_transf_matrix[3][2]   -0.01252931 
_atom_sites.fract_transf_matrix[3][3]   -0.00170875 
_atom_sites.fract_transf_vector[1]      0.655613 
_atom_sites.fract_transf_vector[2]      0.443840 
_atom_sites.fract_transf_vector[3]      0.150098 
# 
loop_
_atom_type.symbol 
C 
N 
O 
S 
# 
loop_
_atom_site.group_PDB 
_atom_site.id 
_atom_site.type_symbol 
_atom_site.label_atom_id 
_atom_site.label_alt_id 
_atom_site.label_comp_id 
_atom_site.label_asym_id 
_atom_site.label_entity_id 
_atom_site.label_seq_id 
_atom_site.pdbx_PDB_ins_code 
_atom_site.Cartn_x 
_atom_site.Cartn_y 
_atom_site.Cartn_z 
_atom_site.occupancy 
_atom_site.B_iso_or_equiv 
_atom_site.pdbx_formal_charge 
_atom_site.auth_seq_id 
_atom_site.auth_comp_id 
_atom_site.auth_asym_id 
_atom_site.auth_atom_id 
_atom_site.pdbx_PDB_model_num 
ATOM   1    N N   . ASP A 1 1   ? 0.294   5.620   10.786  1.00 32.68 ? 1   ASP A N   1 
ATOM   2    C CA  . ASP A 1 1   ? 0.416   6.654   9.735   1.00 32.84 ? 1   ASP A CA  1 
ATOM   3    C C   . ASP A 1 1   ? -0.589  6.323   8.627   1.00 27.01 ? 1   ASP A C   1 
ATOM   4    O O   . ASP A 1 1   ? -1.003  5.174   8.490   1.00 25.40 ? 1   ASP A O   1 
ATOM   5    C CB  . ASP A 1 1   ? 1.846   6.686   9.182   1.00 41.46 ? 1   ASP A CB  1 
ATOM   6    C CG  . ASP A 1 1   ? 2.141   7.958   8.390   1.00 53.61 ? 1   ASP A CG  1 
ATOM   7    O OD1 . ASP A 1 1   ? 1.413   8.962   8.568   1.00 59.72 ? 1   ASP A OD1 1 
ATOM   8    O OD2 . ASP A 1 1   ? 3.088   7.969   7.581   1.00 57.74 ? 1   ASP A OD2 1 
ATOM   9    N N   . ASN A 1 2   ? -1.002  7.335   7.865   1.00 21.74 ? 2   ASN A N   1 
ATOM   10   C CA  . ASN A 1 2   ? -1.981  7.163   6.787   1.00 19.40 ? 2   ASN A CA  1 
ATOM   11   C C   . ASN A 1 2   ? -1.384  7.292   5.384   1.00 18.97 ? 2   ASN A C   1 
ATOM   12   O O   . ASN A 1 2   ? -2.110  7.274   4.385   1.00 19.09 ? 2   ASN A O   1 
ATOM   13   C CB  . ASN A 1 2   ? -3.141  8.159   6.955   1.00 18.58 ? 2   ASN A CB  1 
ATOM   14   C CG  . ASN A 1 2   ? -2.720  9.626   6.761   1.00 22.35 ? 2   ASN A CG  1 
ATOM   15   O OD1 . ASN A 1 2   ? -3.532  10.440  6.337   1.00 33.31 ? 2   ASN A OD1 1 
ATOM   16   N ND2 . ASN A 1 2   ? -1.480  9.974   7.099   1.00 22.25 ? 2   ASN A ND2 1 
ATOM   17   N N   . ILE A 1 3   ? -0.060  7.391   5.311   1.00 20.90 ? 3   ILE A N   1 
ATOM   18   C CA  . ILE A 1 3   ? 0.635   7.538   4.043   1.00 18.70 ? 3   ILE A CA  1 
ATOM   19   C C   . ILE A 1 3   ? 1.779   6.537   3.916   1.00 24.30 ? 3   ILE A C   1 
ATOM   20   O O   . ILE A 1 3   ? 2.504   6.280   4.878   1.00 23.41 ? 3   ILE A O   1 
ATOM   21   C CB  . ILE A 1 3   ? 1.241   8.962   3.903   1.00 20.07 ? 3   ILE A CB  1 
ATOM   22   C CG1 . ILE A 1 3   ? 0.150   10.029  4.048   1.00 21.43 ? 3   ILE A CG1 1 
ATOM   23   C CG2 . ILE A 1 3   ? 1.956   9.103   2.570   1.00 16.93 ? 3   ILE A CG2 1 
ATOM   24   C CD1 . ILE A 1 3   ? 0.660   11.441  4.011   1.00 19.01 ? 3   ILE A CD1 1 
ATOM   25   N N   . LEU A 1 4   ? 1.881   5.919   2.743   1.00 23.69 ? 4   LEU A N   1 
ATOM   26   C CA  . LEU A 1 4   ? 2.961   4.989   2.439   1.00 20.67 ? 4   LEU A CA  1 
ATOM   27   C C   . LEU A 1 4   ? 3.688   5.683   1.274   1.00 22.07 ? 4   LEU A C   1 
ATOM   28   O O   . LEU A 1 4   ? 3.111   5.896   0.203   1.00 21.22 ? 4   LEU A O   1 
ATOM   29   C CB  . LEU A 1 4   ? 2.418   3.618   2.005   1.00 22.00 ? 4   LEU A CB  1 
ATOM   30   C CG  . LEU A 1 4   ? 3.507   2.577   1.684   1.00 26.02 ? 4   LEU A CG  1 
ATOM   31   C CD1 . LEU A 1 4   ? 4.286   2.246   2.944   1.00 24.31 ? 4   LEU A CD1 1 
ATOM   32   C CD2 . LEU A 1 4   ? 2.913   1.305   1.102   1.00 27.12 ? 4   LEU A CD2 1 
ATOM   33   N N   . TYR A 1 5   ? 4.916   6.120   1.509   1.00 23.22 ? 5   TYR A N   1 
ATOM   34   C CA  . TYR A 1 5   ? 5.684   6.806   0.476   1.00 24.80 ? 5   TYR A CA  1 
ATOM   35   C C   . TYR A 1 5   ? 6.409   5.829   -0.455  1.00 26.41 ? 5   TYR A C   1 
ATOM   36   O O   . TYR A 1 5   ? 6.753   4.715   -0.052  1.00 28.47 ? 5   TYR A O   1 
ATOM   37   C CB  . TYR A 1 5   ? 6.710   7.724   1.124   1.00 22.94 ? 5   TYR A CB  1 
ATOM   38   C CG  . TYR A 1 5   ? 6.116   8.797   1.998   1.00 23.58 ? 5   TYR A CG  1 
ATOM   39   C CD1 . TYR A 1 5   ? 5.768   8.533   3.323   1.00 21.46 ? 5   TYR A CD1 1 
ATOM   40   C CD2 . TYR A 1 5   ? 5.929   10.088  1.508   1.00 19.98 ? 5   TYR A CD2 1 
ATOM   41   C CE1 . TYR A 1 5   ? 5.255   9.533   4.141   1.00 23.86 ? 5   TYR A CE1 1 
ATOM   42   C CE2 . TYR A 1 5   ? 5.422   11.093  2.315   1.00 22.27 ? 5   TYR A CE2 1 
ATOM   43   C CZ  . TYR A 1 5   ? 5.085   10.813  3.629   1.00 22.50 ? 5   TYR A CZ  1 
ATOM   44   O OH  . TYR A 1 5   ? 4.587   11.815  4.424   1.00 26.46 ? 5   TYR A OH  1 
ATOM   45   N N   . SER A 1 6   ? 6.653   6.242   -1.695  1.00 26.27 ? 6   SER A N   1 
ATOM   46   C CA  . SER A 1 6   ? 7.357   5.367   -2.622  1.00 27.73 ? 6   SER A CA  1 
ATOM   47   C C   . SER A 1 6   ? 8.744   5.097   -2.032  1.00 30.02 ? 6   SER A C   1 
ATOM   48   O O   . SER A 1 6   ? 9.369   5.995   -1.454  1.00 28.77 ? 6   SER A O   1 
ATOM   49   C CB  . SER A 1 6   ? 7.421   5.965   -4.039  1.00 26.17 ? 6   SER A CB  1 
ATOM   50   O OG  . SER A 1 6   ? 7.933   7.287   -4.060  1.00 27.77 ? 6   SER A OG  1 
ATOM   51   N N   . GLY A 1 7   ? 9.172   3.839   -2.085  1.00 30.93 ? 7   GLY A N   1 
ATOM   52   C CA  . GLY A 1 7   ? 10.456  3.466   -1.528  1.00 27.73 ? 7   GLY A CA  1 
ATOM   53   C C   . GLY A 1 7   ? 10.235  2.784   -0.192  1.00 31.05 ? 7   GLY A C   1 
ATOM   54   O O   . GLY A 1 7   ? 11.182  2.293   0.426   1.00 32.38 ? 7   GLY A O   1 
ATOM   55   N N   . GLU A 1 8   ? 8.983   2.755   0.260   1.00 31.30 ? 8   GLU A N   1 
ATOM   56   C CA  . GLU A 1 8   ? 8.634   2.124   1.527   1.00 28.56 ? 8   GLU A CA  1 
ATOM   57   C C   . GLU A 1 8   ? 7.854   0.833   1.367   1.00 25.46 ? 8   GLU A C   1 
ATOM   58   O O   . GLU A 1 8   ? 7.214   0.588   0.346   1.00 26.90 ? 8   GLU A O   1 
ATOM   59   C CB  . GLU A 1 8   ? 7.859   3.082   2.413   1.00 28.37 ? 8   GLU A CB  1 
ATOM   60   C CG  . GLU A 1 8   ? 8.645   4.310   2.769   1.00 32.76 ? 8   GLU A CG  1 
ATOM   61   C CD  . GLU A 1 8   ? 7.944   5.176   3.789   1.00 34.59 ? 8   GLU A CD  1 
ATOM   62   O OE1 . GLU A 1 8   ? 6.691   5.135   3.879   1.00 30.30 ? 8   GLU A OE1 1 
ATOM   63   O OE2 . GLU A 1 8   ? 8.663   5.911   4.498   1.00 35.46 ? 8   GLU A OE2 1 
ATOM   64   N N   . THR A 1 9   ? 7.873   0.038   2.424   1.00 25.01 ? 9   THR A N   1 
ATOM   65   C CA  . THR A 1 9   ? 7.221   -1.250  2.448   1.00 26.18 ? 9   THR A CA  1 
ATOM   66   C C   . THR A 1 9   ? 6.471   -1.433  3.757   1.00 28.39 ? 9   THR A C   1 
ATOM   67   O O   . THR A 1 9   ? 6.890   -0.920  4.799   1.00 32.98 ? 9   THR A O   1 
ATOM   68   C CB  1 THR A 1 9   ? 8.292   -2.382  2.313   0.60 26.94 ? 9   THR A CB  1 
ATOM   69   C CB  2 THR A 1 9   ? 8.244   -2.408  2.307   0.40 26.69 ? 9   THR A CB  1 
ATOM   70   O OG1 1 THR A 1 9   ? 8.567   -2.627  0.931   0.60 32.46 ? 9   THR A OG1 1 
ATOM   71   O OG1 2 THR A 1 9   ? 9.180   -2.365  3.390   0.40 26.73 ? 9   THR A OG1 1 
ATOM   72   C CG2 1 THR A 1 9   ? 7.851   -3.677  2.986   0.60 25.05 ? 9   THR A CG2 1 
ATOM   73   C CG2 2 THR A 1 9   ? 9.002   -2.304  0.992   0.40 28.89 ? 9   THR A CG2 1 
ATOM   74   N N   . LEU A 1 10  ? 5.320   -2.087  3.682   1.00 27.32 ? 10  LEU A N   1 
ATOM   75   C CA  . LEU A 1 10  ? 4.563   -2.419  4.873   1.00 28.09 ? 10  LEU A CA  1 
ATOM   76   C C   . LEU A 1 10  ? 4.810   -3.916  5.022   1.00 30.18 ? 10  LEU A C   1 
ATOM   77   O O   . LEU A 1 10  ? 4.430   -4.698  4.144   1.00 31.05 ? 10  LEU A O   1 
ATOM   78   C CB  . LEU A 1 10  ? 3.065   -2.173  4.695   1.00 25.78 ? 10  LEU A CB  1 
ATOM   79   C CG  . LEU A 1 10  ? 2.517   -0.752  4.801   1.00 25.72 ? 10  LEU A CG  1 
ATOM   80   C CD1 . LEU A 1 10  ? 1.004   -0.817  4.788   1.00 23.61 ? 10  LEU A CD1 1 
ATOM   81   C CD2 . LEU A 1 10  ? 3.015   -0.081  6.071   1.00 24.19 ? 10  LEU A CD2 1 
ATOM   82   N N   . SER A 1 11  ? 5.536   -4.304  6.063   1.00 30.84 ? 11  SER A N   1 
ATOM   83   C CA  . SER A 1 11  ? 5.809   -5.714  6.308   1.00 31.91 ? 11  SER A CA  1 
ATOM   84   C C   . SER A 1 11  ? 4.533   -6.395  6.763   1.00 31.19 ? 11  SER A C   1 
ATOM   85   O O   . SER A 1 11  ? 3.506   -5.750  6.956   1.00 29.69 ? 11  SER A O   1 
ATOM   86   C CB  . SER A 1 11  ? 6.874   -5.871  7.388   1.00 33.22 ? 11  SER A CB  1 
ATOM   87   O OG  . SER A 1 11  ? 8.109   -5.344  6.949   1.00 43.70 ? 11  SER A OG  1 
ATOM   88   N N   . THR A 1 12  ? 4.610   -7.704  6.943   1.00 31.93 ? 12  THR A N   1 
ATOM   89   C CA  . THR A 1 12  ? 3.470   -8.484  7.388   1.00 34.76 ? 12  THR A CA  1 
ATOM   90   C C   . THR A 1 12  ? 2.952   -7.931  8.719   1.00 32.11 ? 12  THR A C   1 
ATOM   91   O O   . THR A 1 12  ? 3.735   -7.632  9.619   1.00 31.17 ? 12  THR A O   1 
ATOM   92   C CB  . THR A 1 12  ? 3.887   -9.946  7.582   1.00 38.88 ? 12  THR A CB  1 
ATOM   93   O OG1 . THR A 1 12  ? 4.521   -10.422 6.390   1.00 51.27 ? 12  THR A OG1 1 
ATOM   94   C CG2 . THR A 1 12  ? 2.689   -10.799 7.858   1.00 43.56 ? 12  THR A CG2 1 
ATOM   95   N N   . GLY A 1 13  ? 1.637   -7.766  8.825   1.00 30.27 ? 13  GLY A N   1 
ATOM   96   C CA  . GLY A 1 13  ? 1.056   -7.254  10.050  1.00 27.79 ? 13  GLY A CA  1 
ATOM   97   C C   . GLY A 1 13  ? 1.076   -5.741  10.175  1.00 30.07 ? 13  GLY A C   1 
ATOM   98   O O   . GLY A 1 13  ? 0.445   -5.203  11.089  1.00 35.10 ? 13  GLY A O   1 
ATOM   99   N N   . GLU A 1 14  ? 1.817   -5.052  9.304   1.00 26.56 ? 14  GLU A N   1 
ATOM   100  C CA  . GLU A 1 14  ? 1.875   -3.592  9.341   1.00 24.72 ? 14  GLU A CA  1 
ATOM   101  C C   . GLU A 1 14  ? 0.695   -2.997  8.578   1.00 24.17 ? 14  GLU A C   1 
ATOM   102  O O   . GLU A 1 14  ? 0.082   -3.669  7.744   1.00 24.53 ? 14  GLU A O   1 
ATOM   103  C CB  . GLU A 1 14  ? 3.207   -3.075  8.817   1.00 23.32 ? 14  GLU A CB  1 
ATOM   104  C CG  . GLU A 1 14  ? 4.371   -3.489  9.691   1.00 24.52 ? 14  GLU A CG  1 
ATOM   105  C CD  . GLU A 1 14  ? 5.626   -2.710  9.400   1.00 32.82 ? 14  GLU A CD  1 
ATOM   106  O OE1 . GLU A 1 14  ? 5.925   -2.436  8.214   1.00 31.65 ? 14  GLU A OE1 1 
ATOM   107  O OE2 . GLU A 1 14  ? 6.321   -2.355  10.369  1.00 40.29 ? 14  GLU A OE2 1 
ATOM   108  N N   . PHE A 1 15  ? 0.403   -1.726  8.824   1.00 21.76 ? 15  PHE A N   1 
ATOM   109  C CA  . PHE A 1 15  ? -0.763  -1.102  8.211   1.00 20.59 ? 15  PHE A CA  1 
ATOM   110  C C   . PHE A 1 15  ? -0.716  0.417   8.162   1.00 20.47 ? 15  PHE A C   1 
ATOM   111  O O   . PHE A 1 15  ? 0.153   1.060   8.756   1.00 21.38 ? 15  PHE A O   1 
ATOM   112  C CB  . PHE A 1 15  ? -2.002  -1.478  9.052   1.00 21.37 ? 15  PHE A CB  1 
ATOM   113  C CG  . PHE A 1 15  ? -1.839  -1.168  10.528  1.00 24.16 ? 15  PHE A CG  1 
ATOM   114  C CD1 . PHE A 1 15  ? -2.107  0.108   11.025  1.00 24.63 ? 15  PHE A CD1 1 
ATOM   115  C CD2 . PHE A 1 15  ? -1.299  -2.119  11.395  1.00 20.95 ? 15  PHE A CD2 1 
ATOM   116  C CE1 . PHE A 1 15  ? -1.823  0.430   12.353  1.00 23.36 ? 15  PHE A CE1 1 
ATOM   117  C CE2 . PHE A 1 15  ? -1.014  -1.805  12.718  1.00 22.75 ? 15  PHE A CE2 1 
ATOM   118  C CZ  . PHE A 1 15  ? -1.274  -0.525  13.196  1.00 23.45 ? 15  PHE A CZ  1 
ATOM   119  N N   . LEU A 1 16  ? -1.695  0.961   7.451   1.00 20.74 ? 16  LEU A N   1 
ATOM   120  C CA  . LEU A 1 16  ? -1.926  2.390   7.349   1.00 21.61 ? 16  LEU A CA  1 
ATOM   121  C C   . LEU A 1 16  ? -3.243  2.508   8.127   1.00 22.34 ? 16  LEU A C   1 
ATOM   122  O O   . LEU A 1 16  ? -4.068  1.581   8.113   1.00 19.95 ? 16  LEU A O   1 
ATOM   123  C CB  . LEU A 1 16  ? -2.158  2.825   5.898   1.00 20.01 ? 16  LEU A CB  1 
ATOM   124  C CG  . LEU A 1 16  ? -1.023  2.705   4.882   1.00 19.53 ? 16  LEU A CG  1 
ATOM   125  C CD1 . LEU A 1 16  ? -1.493  3.325   3.570   1.00 19.25 ? 16  LEU A CD1 1 
ATOM   126  C CD2 . LEU A 1 16  ? 0.232   3.410   5.389   1.00 16.03 ? 16  LEU A CD2 1 
ATOM   127  N N   . ASN A 1 17  ? -3.436  3.610   8.836   1.00 21.45 ? 17  ASN A N   1 
ATOM   128  C CA  . ASN A 1 17  ? -4.659  3.785   9.596   1.00 19.51 ? 17  ASN A CA  1 
ATOM   129  C C   . ASN A 1 17  ? -5.085  5.243   9.626   1.00 18.96 ? 17  ASN A C   1 
ATOM   130  O O   . ASN A 1 17  ? -4.273  6.156   9.476   1.00 18.94 ? 17  ASN A O   1 
ATOM   131  C CB  . ASN A 1 17  ? -4.482  3.264   11.033  1.00 17.21 ? 17  ASN A CB  1 
ATOM   132  C CG  . ASN A 1 17  ? -3.549  4.133   11.858  1.00 24.36 ? 17  ASN A CG  1 
ATOM   133  O OD1 . ASN A 1 17  ? -2.322  4.040   11.744  1.00 24.93 ? 17  ASN A OD1 1 
ATOM   134  N ND2 . ASN A 1 17  ? -4.130  5.015   12.672  1.00 26.45 ? 17  ASN A ND2 1 
ATOM   135  N N   . TYR A 1 18  ? -6.388  5.440   9.756   1.00 20.92 ? 18  TYR A N   1 
ATOM   136  C CA  . TYR A 1 18  ? -6.970  6.759   9.861   1.00 19.58 ? 18  TYR A CA  1 
ATOM   137  C C   . TYR A 1 18  ? -8.342  6.553   10.489  1.00 20.91 ? 18  TYR A C   1 
ATOM   138  O O   . TYR A 1 18  ? -9.200  5.882   9.913   1.00 21.96 ? 18  TYR A O   1 
ATOM   139  C CB  . TYR A 1 18  ? -7.114  7.425   8.491   1.00 23.17 ? 18  TYR A CB  1 
ATOM   140  C CG  . TYR A 1 18  ? -7.690  8.809   8.629   1.00 25.17 ? 18  TYR A CG  1 
ATOM   141  C CD1 . TYR A 1 18  ? -6.860  9.904   8.872   1.00 26.41 ? 18  TYR A CD1 1 
ATOM   142  C CD2 . TYR A 1 18  ? -9.071  9.010   8.620   1.00 26.35 ? 18  TYR A CD2 1 
ATOM   143  C CE1 . TYR A 1 18  ? -7.391  11.162  9.113   1.00 29.13 ? 18  TYR A CE1 1 
ATOM   144  C CE2 . TYR A 1 18  ? -9.612  10.258  8.863   1.00 28.10 ? 18  TYR A CE2 1 
ATOM   145  C CZ  . TYR A 1 18  ? -8.769  11.331  9.107   1.00 30.90 ? 18  TYR A CZ  1 
ATOM   146  O OH  . TYR A 1 18  ? -9.308  12.573  9.328   1.00 34.86 ? 18  TYR A OH  1 
ATOM   147  N N   . GLY A 1 19  ? -8.560  7.133   11.664  1.00 20.25 ? 19  GLY A N   1 
ATOM   148  C CA  . GLY A 1 19  ? -9.842  6.958   12.326  1.00 19.90 ? 19  GLY A CA  1 
ATOM   149  C C   . GLY A 1 19  ? -10.124 5.479   12.524  1.00 21.00 ? 19  GLY A C   1 
ATOM   150  O O   . GLY A 1 19  ? -9.279  4.759   13.062  1.00 21.25 ? 19  GLY A O   1 
ATOM   151  N N   . SER A 1 20  ? -11.279 5.018   12.043  1.00 21.72 ? 20  SER A N   1 
ATOM   152  C CA  . SER A 1 20  ? -11.673 3.610   12.169  1.00 23.13 ? 20  SER A CA  1 
ATOM   153  C C   . SER A 1 20  ? -11.277 2.754   10.967  1.00 22.02 ? 20  SER A C   1 
ATOM   154  O O   . SER A 1 20  ? -11.643 1.578   10.900  1.00 21.67 ? 20  SER A O   1 
ATOM   155  C CB  . SER A 1 20  ? -13.187 3.491   12.391  1.00 22.66 ? 20  SER A CB  1 
ATOM   156  O OG  . SER A 1 20  ? -13.913 3.993   11.279  1.00 24.69 ? 20  SER A OG  1 
ATOM   157  N N   . PHE A 1 21  ? -10.536 3.344   10.026  1.00 21.81 ? 21  PHE A N   1 
ATOM   158  C CA  . PHE A 1 21  ? -10.103 2.642   8.809   1.00 20.02 ? 21  PHE A CA  1 
ATOM   159  C C   . PHE A 1 21  ? -8.685  2.059   8.963   1.00 19.49 ? 21  PHE A C   1 
ATOM   160  O O   . PHE A 1 21  ? -7.754  2.766   9.381   1.00 19.69 ? 21  PHE A O   1 
ATOM   161  C CB  . PHE A 1 21  ? -10.097 3.594   7.591   1.00 19.63 ? 21  PHE A CB  1 
ATOM   162  C CG  . PHE A 1 21  ? -11.337 4.432   7.442   1.00 18.09 ? 21  PHE A CG  1 
ATOM   163  C CD1 . PHE A 1 21  ? -12.591 3.919   7.741   1.00 21.68 ? 21  PHE A CD1 1 
ATOM   164  C CD2 . PHE A 1 21  ? -11.239 5.751   6.991   1.00 20.08 ? 21  PHE A CD2 1 
ATOM   165  C CE1 . PHE A 1 21  ? -13.733 4.703   7.599   1.00 24.18 ? 21  PHE A CE1 1 
ATOM   166  C CE2 . PHE A 1 21  ? -12.371 6.541   6.844   1.00 22.35 ? 21  PHE A CE2 1 
ATOM   167  C CZ  . PHE A 1 21  ? -13.622 6.016   7.149   1.00 23.16 ? 21  PHE A CZ  1 
ATOM   168  N N   . VAL A 1 22  ? -8.524  0.787   8.602   1.00 20.24 ? 22  VAL A N   1 
ATOM   169  C CA  . VAL A 1 22  ? -7.229  0.114   8.675   1.00 20.98 ? 22  VAL A CA  1 
ATOM   170  C C   . VAL A 1 22  ? -6.968  -0.619  7.357   1.00 20.35 ? 22  VAL A C   1 
ATOM   171  O O   . VAL A 1 22  ? -7.782  -1.421  6.905   1.00 24.88 ? 22  VAL A O   1 
ATOM   172  C CB  . VAL A 1 22  ? -7.161  -0.898  9.857   1.00 22.00 ? 22  VAL A CB  1 
ATOM   173  C CG1 . VAL A 1 22  ? -5.799  -1.601  9.876   1.00 19.10 ? 22  VAL A CG1 1 
ATOM   174  C CG2 . VAL A 1 22  ? -7.397  -0.179  11.195  1.00 23.26 ? 22  VAL A CG2 1 
ATOM   175  N N   . PHE A 1 23  ? -5.870  -0.269  6.707   1.00 21.73 ? 23  PHE A N   1 
ATOM   176  C CA  . PHE A 1 23  ? -5.473  -0.878  5.441   1.00 21.46 ? 23  PHE A CA  1 
ATOM   177  C C   . PHE A 1 23  ? -4.276  -1.723  5.878   1.00 22.15 ? 23  PHE A C   1 
ATOM   178  O O   . PHE A 1 23  ? -3.184  -1.196  6.107   1.00 22.46 ? 23  PHE A O   1 
ATOM   179  C CB  . PHE A 1 23  ? -5.053  0.223   4.462   1.00 23.00 ? 23  PHE A CB  1 
ATOM   180  C CG  . PHE A 1 23  ? -4.879  -0.246  3.045   1.00 23.99 ? 23  PHE A CG  1 
ATOM   181  C CD1 . PHE A 1 23  ? -5.887  -0.971  2.405   1.00 23.93 ? 23  PHE A CD1 1 
ATOM   182  C CD2 . PHE A 1 23  ? -3.714  0.053   2.341   1.00 22.19 ? 23  PHE A CD2 1 
ATOM   183  C CE1 . PHE A 1 23  ? -5.739  -1.391  1.089   1.00 25.30 ? 23  PHE A CE1 1 
ATOM   184  C CE2 . PHE A 1 23  ? -3.559  -0.365  1.018   1.00 25.69 ? 23  PHE A CE2 1 
ATOM   185  C CZ  . PHE A 1 23  ? -4.575  -1.089  0.394   1.00 23.22 ? 23  PHE A CZ  1 
ATOM   186  N N   . ILE A 1 24  ? -4.491  -3.027  6.008   1.00 25.33 ? 24  ILE A N   1 
ATOM   187  C CA  . ILE A 1 24  ? -3.455  -3.907  6.515   1.00 23.14 ? 24  ILE A CA  1 
ATOM   188  C C   . ILE A 1 24  ? -2.938  -5.014  5.590   1.00 29.41 ? 24  ILE A C   1 
ATOM   189  O O   . ILE A 1 24  ? -3.703  -5.647  4.855   1.00 26.60 ? 24  ILE A O   1 
ATOM   190  C CB  . ILE A 1 24  ? -3.933  -4.518  7.871   1.00 23.35 ? 24  ILE A CB  1 
ATOM   191  C CG1 . ILE A 1 24  ? -2.842  -5.378  8.510   1.00 20.56 ? 24  ILE A CG1 1 
ATOM   192  C CG2 . ILE A 1 24  ? -5.231  -5.311  7.668   1.00 20.66 ? 24  ILE A CG2 1 
ATOM   193  C CD1 . ILE A 1 24  ? -3.204  -5.878  9.882   1.00 21.36 ? 24  ILE A CD1 1 
ATOM   194  N N   . MET A 1 25  ? -1.624  -5.230  5.641   1.00 27.89 ? 25  MET A N   1 
ATOM   195  C CA  . MET A 1 25  ? -0.964  -6.280  4.880   1.00 27.39 ? 25  MET A CA  1 
ATOM   196  C C   . MET A 1 25  ? -0.984  -7.501  5.808   1.00 27.30 ? 25  MET A C   1 
ATOM   197  O O   . MET A 1 25  ? -0.114  -7.641  6.674   1.00 26.63 ? 25  MET A O   1 
ATOM   198  C CB  . MET A 1 25  ? 0.489   -5.887  4.581   1.00 26.48 ? 25  MET A CB  1 
ATOM   199  C CG  . MET A 1 25  ? 1.304   -6.950  3.820   1.00 25.25 ? 25  MET A CG  1 
ATOM   200  S SD  . MET A 1 25  ? 0.717   -7.252  2.117   1.00 29.01 ? 25  MET A SD  1 
ATOM   201  C CE  . MET A 1 25  ? -0.439  -8.598  2.331   1.00 19.97 ? 25  MET A CE  1 
ATOM   202  N N   . GLN A 1 26  ? -1.987  -8.361  5.655   1.00 25.62 ? 26  GLN A N   1 
ATOM   203  C CA  . GLN A 1 26  ? -2.109  -9.536  6.522   1.00 27.21 ? 26  GLN A CA  1 
ATOM   204  C C   . GLN A 1 26  ? -1.090  -10.649 6.308   1.00 29.48 ? 26  GLN A C   1 
ATOM   205  O O   . GLN A 1 26  ? -0.461  -10.744 5.246   1.00 29.06 ? 26  GLN A O   1 
ATOM   206  C CB  . GLN A 1 26  ? -3.523  -10.092 6.466   1.00 23.84 ? 26  GLN A CB  1 
ATOM   207  C CG  . GLN A 1 26  ? -4.557  -9.106  6.947   1.00 25.28 ? 26  GLN A CG  1 
ATOM   208  C CD  . GLN A 1 26  ? -5.954  -9.650  6.866   1.00 25.41 ? 26  GLN A CD  1 
ATOM   209  O OE1 . GLN A 1 26  ? -6.205  -10.660 6.217   1.00 30.13 ? 26  GLN A OE1 1 
ATOM   210  N NE2 . GLN A 1 26  ? -6.878  -8.992  7.537   1.00 28.18 ? 26  GLN A NE2 1 
ATOM   211  N N   . GLU A 1 27  ? -0.926  -11.492 7.325   1.00 33.14 ? 27  GLU A N   1 
ATOM   212  C CA  . GLU A 1 27  ? 0.031   -12.582 7.239   1.00 38.11 ? 27  GLU A CA  1 
ATOM   213  C C   . GLU A 1 27  ? -0.398  -13.656 6.260   1.00 35.86 ? 27  GLU A C   1 
ATOM   214  O O   . GLU A 1 27  ? 0.431   -14.419 5.773   1.00 37.21 ? 27  GLU A O   1 
ATOM   215  C CB  . GLU A 1 27  ? 0.360   -13.183 8.608   1.00 44.80 ? 27  GLU A CB  1 
ATOM   216  C CG  . GLU A 1 27  ? 1.652   -14.008 8.551   1.00 62.41 ? 27  GLU A CG  1 
ATOM   217  C CD  . GLU A 1 27  ? 2.206   -14.406 9.903   1.00 72.18 ? 27  GLU A CD  1 
ATOM   218  O OE1 . GLU A 1 27  ? 2.051   -13.638 10.878  1.00 79.50 ? 27  GLU A OE1 1 
ATOM   219  O OE2 . GLU A 1 27  ? 2.818   -15.495 9.982   1.00 77.20 ? 27  GLU A OE2 1 
ATOM   220  N N   . ASP A 1 28  ? -1.686  -13.704 5.941   1.00 35.53 ? 28  ASP A N   1 
ATOM   221  C CA  . ASP A 1 28  ? -2.174  -14.677 4.976   1.00 33.53 ? 28  ASP A CA  1 
ATOM   222  C C   . ASP A 1 28  ? -2.097  -14.085 3.558   1.00 30.96 ? 28  ASP A C   1 
ATOM   223  O O   . ASP A 1 28  ? -2.768  -14.555 2.643   1.00 34.66 ? 28  ASP A O   1 
ATOM   224  C CB  . ASP A 1 28  ? -3.604  -15.116 5.313   1.00 33.52 ? 28  ASP A CB  1 
ATOM   225  C CG  . ASP A 1 28  ? -4.634  -14.025 5.079   1.00 37.18 ? 28  ASP A CG  1 
ATOM   226  O OD1 . ASP A 1 28  ? -4.251  -12.865 4.820   1.00 38.62 ? 28  ASP A OD1 1 
ATOM   227  O OD2 . ASP A 1 28  ? -5.839  -14.333 5.159   1.00 38.73 ? 28  ASP A OD2 1 
ATOM   228  N N   . CYS A 1 29  ? -1.299  -13.031 3.402   1.00 30.08 ? 29  CYS A N   1 
ATOM   229  C CA  . CYS A 1 29  ? -1.087  -12.351 2.122   1.00 32.67 ? 29  CYS A CA  1 
ATOM   230  C C   . CYS A 1 29  ? -2.273  -11.622 1.511   1.00 34.38 ? 29  CYS A C   1 
ATOM   231  O O   . CYS A 1 29  ? -2.227  -11.239 0.338   1.00 35.95 ? 29  CYS A O   1 
ATOM   232  C CB  . CYS A 1 29  ? -0.452  -13.277 1.075   1.00 34.60 ? 29  CYS A CB  1 
ATOM   233  S SG  . CYS A 1 29  ? 1.296   -13.665 1.402   1.00 37.44 ? 29  CYS A SG  1 
ATOM   234  N N   . ASN A 1 30  ? -3.337  -11.432 2.282   1.00 33.72 ? 30  ASN A N   1 
ATOM   235  C CA  . ASN A 1 30  ? -4.487  -10.690 1.781   1.00 30.82 ? 30  ASN A CA  1 
ATOM   236  C C   . ASN A 1 30  ? -4.294  -9.230  2.227   1.00 30.38 ? 30  ASN A C   1 
ATOM   237  O O   . ASN A 1 30  ? -3.879  -8.974  3.361   1.00 31.63 ? 30  ASN A O   1 
ATOM   238  C CB  . ASN A 1 30  ? -5.778  -11.268 2.367   1.00 30.94 ? 30  ASN A CB  1 
ATOM   239  C CG  . ASN A 1 30  ? -7.003  -10.955 1.525   1.00 28.19 ? 30  ASN A CG  1 
ATOM   240  O OD1 . ASN A 1 30  ? -6.893  -10.458 0.403   1.00 28.38 ? 30  ASN A OD1 1 
ATOM   241  N ND2 . ASN A 1 30  ? -8.176  -11.249 2.061   1.00 28.29 ? 30  ASN A ND2 1 
ATOM   242  N N   . LEU A 1 31  ? -4.441  -8.290  1.297   1.00 27.46 ? 31  LEU A N   1 
ATOM   243  C CA  . LEU A 1 31  ? -4.321  -6.863  1.610   1.00 25.35 ? 31  LEU A CA  1 
ATOM   244  C C   . LEU A 1 31  ? -5.762  -6.397  1.776   1.00 27.16 ? 31  LEU A C   1 
ATOM   245  O O   . LEU A 1 31  ? -6.536  -6.410  0.814   1.00 26.69 ? 31  LEU A O   1 
ATOM   246  C CB  . LEU A 1 31  ? -3.632  -6.122  0.470   1.00 23.29 ? 31  LEU A CB  1 
ATOM   247  C CG  . LEU A 1 31  ? -3.495  -4.601  0.583   1.00 23.73 ? 31  LEU A CG  1 
ATOM   248  C CD1 . LEU A 1 31  ? -2.772  -4.205  1.859   1.00 20.21 ? 31  LEU A CD1 1 
ATOM   249  C CD2 . LEU A 1 31  ? -2.731  -4.101  -0.619  1.00 22.09 ? 31  LEU A CD2 1 
ATOM   250  N N   . VAL A 1 32  ? -6.137  -6.025  2.997   1.00 27.13 ? 32  VAL A N   1 
ATOM   251  C CA  . VAL A 1 32  ? -7.518  -5.648  3.280   1.00 23.83 ? 32  VAL A CA  1 
ATOM   252  C C   . VAL A 1 32  ? -7.753  -4.274  3.893   1.00 24.13 ? 32  VAL A C   1 
ATOM   253  O O   . VAL A 1 32  ? -7.002  -3.825  4.756   1.00 23.10 ? 32  VAL A O   1 
ATOM   254  C CB  . VAL A 1 32  ? -8.167  -6.685  4.242   1.00 22.00 ? 32  VAL A CB  1 
ATOM   255  C CG1 . VAL A 1 32  ? -9.690  -6.539  4.266   1.00 20.36 ? 32  VAL A CG1 1 
ATOM   256  C CG2 . VAL A 1 32  ? -7.754  -8.107  3.870   1.00 18.24 ? 32  VAL A CG2 1 
ATOM   257  N N   . LEU A 1 33  ? -8.814  -3.617  3.434   1.00 24.14 ? 33  LEU A N   1 
ATOM   258  C CA  . LEU A 1 33  ? -9.225  -2.324  3.962   1.00 22.24 ? 33  LEU A CA  1 
ATOM   259  C C   . LEU A 1 33  ? -10.402 -2.630  4.883   1.00 20.73 ? 33  LEU A C   1 
ATOM   260  O O   . LEU A 1 33  ? -11.391 -3.223  4.455   1.00 20.61 ? 33  LEU A O   1 
ATOM   261  C CB  . LEU A 1 33  ? -9.693  -1.389  2.848   1.00 22.40 ? 33  LEU A CB  1 
ATOM   262  C CG  . LEU A 1 33  ? -10.309 -0.081  3.365   1.00 21.03 ? 33  LEU A CG  1 
ATOM   263  C CD1 . LEU A 1 33  ? -9.310  0.716   4.214   1.00 19.05 ? 33  LEU A CD1 1 
ATOM   264  C CD2 . LEU A 1 33  ? -10.778 0.740   2.187   1.00 24.17 ? 33  LEU A CD2 1 
ATOM   265  N N   . TYR A 1 34  ? -10.271 -2.288  6.158   1.00 22.29 ? 34  TYR A N   1 
ATOM   266  C CA  . TYR A 1 34  ? -11.317 -2.537  7.137   1.00 21.17 ? 34  TYR A CA  1 
ATOM   267  C C   . TYR A 1 34  ? -11.910 -1.238  7.629   1.00 23.14 ? 34  TYR A C   1 
ATOM   268  O O   . TYR A 1 34  ? -11.190 -0.250  7.766   1.00 21.57 ? 34  TYR A O   1 
ATOM   269  C CB  . TYR A 1 34  ? -10.741 -3.229  8.374   1.00 18.27 ? 34  TYR A CB  1 
ATOM   270  C CG  . TYR A 1 34  ? -10.421 -4.677  8.198   1.00 21.55 ? 34  TYR A CG  1 
ATOM   271  C CD1 . TYR A 1 34  ? -11.424 -5.640  8.298   1.00 21.14 ? 34  TYR A CD1 1 
ATOM   272  C CD2 . TYR A 1 34  ? -9.119  -5.094  7.918   1.00 21.60 ? 34  TYR A CD2 1 
ATOM   273  C CE1 . TYR A 1 34  ? -11.142 -6.989  8.119   1.00 22.26 ? 34  TYR A CE1 1 
ATOM   274  C CE2 . TYR A 1 34  ? -8.821  -6.443  7.737   1.00 21.10 ? 34  TYR A CE2 1 
ATOM   275  C CZ  . TYR A 1 34  ? -9.840  -7.382  7.838   1.00 23.62 ? 34  TYR A CZ  1 
ATOM   276  O OH  . TYR A 1 34  ? -9.566  -8.718  7.664   1.00 24.33 ? 34  TYR A OH  1 
ATOM   277  N N   . ASP A 1 35  ? -13.219 -1.236  7.864   1.00 23.87 ? 35  ASP A N   1 
ATOM   278  C CA  . ASP A 1 35  ? -13.900 -0.082  8.454   1.00 27.73 ? 35  ASP A CA  1 
ATOM   279  C C   . ASP A 1 35  ? -14.360 -0.729  9.765   1.00 27.77 ? 35  ASP A C   1 
ATOM   280  O O   . ASP A 1 35  ? -15.379 -1.440  9.816   1.00 27.99 ? 35  ASP A O   1 
ATOM   281  C CB  . ASP A 1 35  ? -15.083 0.376   7.611   1.00 27.13 ? 35  ASP A CB  1 
ATOM   282  C CG  . ASP A 1 35  ? -15.708 1.650   8.136   1.00 31.33 ? 35  ASP A CG  1 
ATOM   283  O OD1 . ASP A 1 35  ? -15.422 2.036   9.292   1.00 30.76 ? 35  ASP A OD1 1 
ATOM   284  O OD2 . ASP A 1 35  ? -16.493 2.268   7.385   1.00 38.01 ? 35  ASP A OD2 1 
ATOM   285  N N   . VAL A 1 36  ? -13.541 -0.547  10.796  1.00 28.38 ? 36  VAL A N   1 
ATOM   286  C CA  . VAL A 1 36  ? -13.731 -1.168  12.107  1.00 28.45 ? 36  VAL A CA  1 
ATOM   287  C C   . VAL A 1 36  ? -13.501 -2.670  11.853  1.00 30.99 ? 36  VAL A C   1 
ATOM   288  O O   . VAL A 1 36  ? -12.407 -3.055  11.432  1.00 31.81 ? 36  VAL A O   1 
ATOM   289  C CB  . VAL A 1 36  ? -15.123 -0.872  12.767  1.00 29.34 ? 36  VAL A CB  1 
ATOM   290  C CG1 . VAL A 1 36  ? -15.166 -1.451  14.190  1.00 26.82 ? 36  VAL A CG1 1 
ATOM   291  C CG2 . VAL A 1 36  ? -15.369 0.634   12.839  1.00 28.43 ? 36  VAL A CG2 1 
ATOM   292  N N   . ASP A 1 37  ? -14.522 -3.504  12.003  1.00 31.45 ? 37  ASP A N   1 
ATOM   293  C CA  . ASP A 1 37  ? -14.344 -4.937  11.782  1.00 31.30 ? 37  ASP A CA  1 
ATOM   294  C C   . ASP A 1 37  ? -14.864 -5.439  10.432  1.00 31.28 ? 37  ASP A C   1 
ATOM   295  O O   . ASP A 1 37  ? -14.694 -6.611  10.117  1.00 35.54 ? 37  ASP A O   1 
ATOM   296  C CB  . ASP A 1 37  ? -14.976 -5.745  12.929  1.00 29.30 ? 37  ASP A CB  1 
ATOM   297  C CG  . ASP A 1 37  ? -16.483 -5.526  13.053  1.00 33.47 ? 37  ASP A CG  1 
ATOM   298  O OD1 . ASP A 1 37  ? -16.967 -4.390  12.860  1.00 36.05 ? 37  ASP A OD1 1 
ATOM   299  O OD2 . ASP A 1 37  ? -17.207 -6.494  13.352  1.00 38.29 ? 37  ASP A OD2 1 
ATOM   300  N N   . LYS A 1 38  ? -15.445 -4.564  9.615   1.00 29.55 ? 38  LYS A N   1 
ATOM   301  C CA  . LYS A 1 38  ? -15.981 -4.976  8.314   1.00 29.06 ? 38  LYS A CA  1 
ATOM   302  C C   . LYS A 1 38  ? -14.974 -4.815  7.169   1.00 30.24 ? 38  LYS A C   1 
ATOM   303  O O   . LYS A 1 38  ? -14.394 -3.739  6.994   1.00 29.84 ? 38  LYS A O   1 
ATOM   304  C CB  1 LYS A 1 38  ? -17.227 -4.164  7.946   0.70 32.15 ? 38  LYS A CB  1 
ATOM   305  C CB  2 LYS A 1 38  ? -17.252 -4.189  7.991   0.30 27.42 ? 38  LYS A CB  1 
ATOM   306  C CG  1 LYS A 1 38  ? -18.190 -3.839  9.078   0.70 38.38 ? 38  LYS A CG  1 
ATOM   307  C CG  2 LYS A 1 38  ? -17.930 -4.624  6.702   0.30 25.21 ? 38  LYS A CG  1 
ATOM   308  C CD  1 LYS A 1 38  ? -18.836 -5.057  9.729   0.70 40.77 ? 38  LYS A CD  1 
ATOM   309  C CD  2 LYS A 1 38  ? -19.008 -3.650  6.275   0.30 23.61 ? 38  LYS A CD  1 
ATOM   310  C CE  1 LYS A 1 38  ? -19.898 -4.617  10.747  0.70 42.34 ? 38  LYS A CE  1 
ATOM   311  C CE  2 LYS A 1 38  ? -19.454 -3.954  4.858   0.30 24.34 ? 38  LYS A CE  1 
ATOM   312  N NZ  1 LYS A 1 38  ? -19.366 -3.688  11.795  0.70 40.92 ? 38  LYS A NZ  1 
ATOM   313  N NZ  2 LYS A 1 38  ? -20.333 -2.894  4.311   0.30 21.48 ? 38  LYS A NZ  1 
ATOM   314  N N   . PRO A 1 39  ? -14.747 -5.887  6.377   1.00 31.68 ? 39  PRO A N   1 
ATOM   315  C CA  . PRO A 1 39  ? -13.813 -5.791  5.246   1.00 30.63 ? 39  PRO A CA  1 
ATOM   316  C C   . PRO A 1 39  ? -14.541 -4.980  4.176   1.00 31.69 ? 39  PRO A C   1 
ATOM   317  O O   . PRO A 1 39  ? -15.666 -5.317  3.792   1.00 35.21 ? 39  PRO A O   1 
ATOM   318  C CB  . PRO A 1 39  ? -13.667 -7.250  4.793   1.00 31.22 ? 39  PRO A CB  1 
ATOM   319  C CG  . PRO A 1 39  ? -14.083 -8.047  5.957   1.00 31.62 ? 39  PRO A CG  1 
ATOM   320  C CD  . PRO A 1 39  ? -15.229 -7.263  6.528   1.00 30.85 ? 39  PRO A CD  1 
ATOM   321  N N   . ILE A 1 40  ? -13.938 -3.880  3.745   1.00 30.97 ? 40  ILE A N   1 
ATOM   322  C CA  . ILE A 1 40  ? -14.531 -3.013  2.733   1.00 29.64 ? 40  ILE A CA  1 
ATOM   323  C C   . ILE A 1 40  ? -13.962 -3.318  1.349   1.00 28.91 ? 40  ILE A C   1 
ATOM   324  O O   . ILE A 1 40  ? -14.658 -3.197  0.345   1.00 31.75 ? 40  ILE A O   1 
ATOM   325  C CB  . ILE A 1 40  ? -14.293 -1.513  3.087   1.00 29.57 ? 40  ILE A CB  1 
ATOM   326  C CG1 . ILE A 1 40  ? -15.048 -1.165  4.357   1.00 32.15 ? 40  ILE A CG1 1 
ATOM   327  C CG2 . ILE A 1 40  ? -14.780 -0.597  1.995   1.00 30.36 ? 40  ILE A CG2 1 
ATOM   328  C CD1 . ILE A 1 40  ? -16.490 -1.609  4.325   1.00 31.97 ? 40  ILE A CD1 1 
ATOM   329  N N   . TRP A 1 41  ? -12.710 -3.756  1.304   1.00 27.86 ? 41  TRP A N   1 
ATOM   330  C CA  . TRP A 1 41  ? -12.032 -4.049  0.048   1.00 26.73 ? 41  TRP A CA  1 
ATOM   331  C C   . TRP A 1 41  ? -10.883 -4.999  0.354   1.00 29.34 ? 41  TRP A C   1 
ATOM   332  O O   . TRP A 1 41  ? -10.312 -4.948  1.442   1.00 30.95 ? 41  TRP A O   1 
ATOM   333  C CB  . TRP A 1 41  ? -11.465 -2.740  -0.526  1.00 25.95 ? 41  TRP A CB  1 
ATOM   334  C CG  . TRP A 1 41  ? -10.767 -2.876  -1.844  1.00 26.23 ? 41  TRP A CG  1 
ATOM   335  C CD1 . TRP A 1 41  ? -11.337 -2.795  -3.084  1.00 26.93 ? 41  TRP A CD1 1 
ATOM   336  C CD2 . TRP A 1 41  ? -9.371  -3.115  -2.060  1.00 25.69 ? 41  TRP A CD2 1 
ATOM   337  N NE1 . TRP A 1 41  ? -10.383 -2.973  -4.054  1.00 27.18 ? 41  TRP A NE1 1 
ATOM   338  C CE2 . TRP A 1 41  ? -9.169  -3.170  -3.456  1.00 25.34 ? 41  TRP A CE2 1 
ATOM   339  C CE3 . TRP A 1 41  ? -8.271  -3.288  -1.210  1.00 26.62 ? 41  TRP A CE3 1 
ATOM   340  C CZ2 . TRP A 1 41  ? -7.911  -3.397  -4.020  1.00 26.78 ? 41  TRP A CZ2 1 
ATOM   341  C CZ3 . TRP A 1 41  ? -7.022  -3.512  -1.773  1.00 27.47 ? 41  TRP A CZ3 1 
ATOM   342  C CH2 . TRP A 1 41  ? -6.854  -3.564  -3.167  1.00 25.54 ? 41  TRP A CH2 1 
ATOM   343  N N   . ALA A 1 42  ? -10.535 -5.848  -0.602  1.00 28.84 ? 42  ALA A N   1 
ATOM   344  C CA  . ALA A 1 42  ? -9.430  -6.780  -0.420  1.00 29.40 ? 42  ALA A CA  1 
ATOM   345  C C   . ALA A 1 42  ? -8.901  -7.180  -1.788  1.00 29.95 ? 42  ALA A C   1 
ATOM   346  O O   . ALA A 1 42  ? -9.583  -6.994  -2.802  1.00 28.51 ? 42  ALA A O   1 
ATOM   347  C CB  . ALA A 1 42  ? -9.885  -8.016  0.363   1.00 25.46 ? 42  ALA A CB  1 
ATOM   348  N N   . THR A 1 43  ? -7.659  -7.653  -1.816  1.00 32.30 ? 43  THR A N   1 
ATOM   349  C CA  . THR A 1 43  ? -7.028  -8.113  -3.049  1.00 32.34 ? 43  THR A CA  1 
ATOM   350  C C   . THR A 1 43  ? -7.486  -9.556  -3.301  1.00 34.76 ? 43  THR A C   1 
ATOM   351  O O   . THR A 1 43  ? -7.306  -10.092 -4.386  1.00 34.94 ? 43  THR A O   1 
ATOM   352  C CB  . THR A 1 43  ? -5.482  -8.060  -2.954  1.00 28.49 ? 43  THR A CB  1 
ATOM   353  O OG1 . THR A 1 43  ? -5.050  -8.719  -1.760  1.00 27.76 ? 43  THR A OG1 1 
ATOM   354  C CG2 . THR A 1 43  ? -4.994  -6.628  -2.919  1.00 26.02 ? 43  THR A CG2 1 
ATOM   355  N N   . ASN A 1 44  ? -8.068  -10.167 -2.270  1.00 38.44 ? 44  ASN A N   1 
ATOM   356  C CA  . ASN A 1 44  ? -8.587  -11.532 -2.326  1.00 40.45 ? 44  ASN A CA  1 
ATOM   357  C C   . ASN A 1 44  ? -7.483  -12.521 -2.674  1.00 41.21 ? 44  ASN A C   1 
ATOM   358  O O   . ASN A 1 44  ? -7.667  -13.420 -3.499  1.00 44.32 ? 44  ASN A O   1 
ATOM   359  C CB  . ASN A 1 44  ? -9.751  -11.633 -3.325  1.00 38.52 ? 44  ASN A CB  1 
ATOM   360  C CG  . ASN A 1 44  ? -10.911 -10.694 -2.983  1.00 41.28 ? 44  ASN A CG  1 
ATOM   361  O OD1 . ASN A 1 44  ? -11.403 -10.659 -1.851  1.00 42.98 ? 44  ASN A OD1 1 
ATOM   362  N ND2 . ASN A 1 44  ? -11.347 -9.928  -3.965  1.00 38.35 ? 44  ASN A ND2 1 
ATOM   363  N N   . THR A 1 45  ? -6.330  -12.346 -2.034  1.00 38.69 ? 45  THR A N   1 
ATOM   364  C CA  . THR A 1 45  ? -5.177  -13.209 -2.256  1.00 35.07 ? 45  THR A CA  1 
ATOM   365  C C   . THR A 1 45  ? -4.755  -13.947 -0.970  1.00 34.42 ? 45  THR A C   1 
ATOM   366  O O   . THR A 1 45  ? -3.598  -14.356 -0.820  1.00 29.94 ? 45  THR A O   1 
ATOM   367  C CB  . THR A 1 45  ? -3.970  -12.400 -2.819  1.00 38.30 ? 45  THR A CB  1 
ATOM   368  O OG1 . THR A 1 45  ? -3.663  -11.313 -1.936  1.00 36.33 ? 45  THR A OG1 1 
ATOM   369  C CG2 . THR A 1 45  ? -4.276  -11.848 -4.220  1.00 32.45 ? 45  THR A CG2 1 
ATOM   370  N N   . GLY A 1 46  ? -5.705  -14.116 -0.053  1.00 33.21 ? 46  GLY A N   1 
ATOM   371  C CA  . GLY A 1 46  ? -5.418  -14.807 1.194   1.00 34.53 ? 46  GLY A CA  1 
ATOM   372  C C   . GLY A 1 46  ? -5.198  -16.284 0.942   1.00 36.05 ? 46  GLY A C   1 
ATOM   373  O O   . GLY A 1 46  ? -5.973  -16.909 0.208   1.00 36.46 ? 46  GLY A O   1 
ATOM   374  N N   . GLY A 1 47  ? -4.137  -16.842 1.517   1.00 34.93 ? 47  GLY A N   1 
ATOM   375  C CA  . GLY A 1 47  ? -3.847  -18.250 1.320   1.00 35.58 ? 47  GLY A CA  1 
ATOM   376  C C   . GLY A 1 47  ? -2.876  -18.543 0.185   1.00 37.23 ? 47  GLY A C   1 
ATOM   377  O O   . GLY A 1 47  ? -2.279  -19.620 0.151   1.00 41.57 ? 47  GLY A O   1 
ATOM   378  N N   . LEU A 1 48  ? -2.697  -17.605 -0.742  1.00 38.62 ? 48  LEU A N   1 
ATOM   379  C CA  . LEU A 1 48  ? -1.770  -17.809 -1.857  1.00 40.21 ? 48  LEU A CA  1 
ATOM   380  C C   . LEU A 1 48  ? -0.304  -17.835 -1.415  1.00 39.67 ? 48  LEU A C   1 
ATOM   381  O O   . LEU A 1 48  ? 0.566   -18.223 -2.186  1.00 42.42 ? 48  LEU A O   1 
ATOM   382  C CB  . LEU A 1 48  ? -1.963  -16.743 -2.942  1.00 39.65 ? 48  LEU A CB  1 
ATOM   383  C CG  . LEU A 1 48  ? -3.320  -16.659 -3.644  1.00 42.35 ? 48  LEU A CG  1 
ATOM   384  C CD1 . LEU A 1 48  ? -3.250  -15.616 -4.750  1.00 41.57 ? 48  LEU A CD1 1 
ATOM   385  C CD2 . LEU A 1 48  ? -3.717  -18.009 -4.213  1.00 42.67 ? 48  LEU A CD2 1 
ATOM   386  N N   . SER A 1 49  ? -0.031  -17.416 -0.185  1.00 38.77 ? 49  SER A N   1 
ATOM   387  C CA  . SER A 1 49  ? 1.325   -17.396 0.358   1.00 37.35 ? 49  SER A CA  1 
ATOM   388  C C   . SER A 1 49  ? 1.291   -16.990 1.824   1.00 39.45 ? 49  SER A C   1 
ATOM   389  O O   . SER A 1 49  ? 0.223   -16.794 2.396   1.00 39.82 ? 49  SER A O   1 
ATOM   390  C CB  . SER A 1 49  ? 2.214   -16.421 -0.417  1.00 38.91 ? 49  SER A CB  1 
ATOM   391  O OG  . SER A 1 49  ? 2.970   -17.072 -1.421  1.00 40.73 ? 49  SER A OG  1 
ATOM   392  N N   . ARG A 1 50  ? 2.465   -16.857 2.425   1.00 39.31 ? 50  ARG A N   1 
ATOM   393  C CA  . ARG A 1 50  ? 2.572   -16.468 3.818   1.00 43.33 ? 50  ARG A CA  1 
ATOM   394  C C   . ARG A 1 50  ? 3.609   -15.359 3.878   1.00 44.83 ? 50  ARG A C   1 
ATOM   395  O O   . ARG A 1 50  ? 4.502   -15.298 3.022   1.00 46.80 ? 50  ARG A O   1 
ATOM   396  C CB  . ARG A 1 50  ? 3.060   -17.656 4.663   1.00 49.79 ? 50  ARG A CB  1 
ATOM   397  C CG  . ARG A 1 50  ? 2.029   -18.265 5.606   1.00 59.00 ? 50  ARG A CG  1 
ATOM   398  C CD  . ARG A 1 50  ? 1.728   -17.340 6.784   1.00 70.40 ? 50  ARG A CD  1 
ATOM   399  N NE  . ARG A 1 50  ? 0.784   -17.932 7.736   1.00 77.25 ? 50  ARG A NE  1 
ATOM   400  C CZ  . ARG A 1 50  ? 1.097   -18.288 8.981   1.00 81.08 ? 50  ARG A CZ  1 
ATOM   401  N NH1 . ARG A 1 50  ? 2.331   -18.103 9.441   1.00 82.09 ? 50  ARG A NH1 1 
ATOM   402  N NH2 . ARG A 1 50  ? 0.181   -18.847 9.767   1.00 80.36 ? 50  ARG A NH2 1 
ATOM   403  N N   . SER A 1 51  ? 3.433   -14.437 4.821   1.00 41.51 ? 51  SER A N   1 
ATOM   404  C CA  . SER A 1 51  ? 4.371   -13.345 5.050   1.00 37.44 ? 51  SER A CA  1 
ATOM   405  C C   . SER A 1 51  ? 4.715   -12.431 3.882   1.00 36.28 ? 51  SER A C   1 
ATOM   406  O O   . SER A 1 51  ? 5.894   -12.176 3.597   1.00 37.29 ? 51  SER A O   1 
ATOM   407  C CB  . SER A 1 51  ? 5.650   -13.913 5.657   1.00 40.13 ? 51  SER A CB  1 
ATOM   408  O OG  . SER A 1 51  ? 5.327   -14.830 6.692   1.00 48.64 ? 51  SER A OG  1 
ATOM   409  N N   . CYS A 1 52  ? 3.690   -11.925 3.210   1.00 34.49 ? 52  CYS A N   1 
ATOM   410  C CA  . CYS A 1 52  ? 3.892   -11.004 2.101   1.00 31.66 ? 52  CYS A CA  1 
ATOM   411  C C   . CYS A 1 52  ? 4.169   -9.603  2.643   1.00 30.35 ? 52  CYS A C   1 
ATOM   412  O O   . CYS A 1 52  ? 3.925   -9.321  3.818   1.00 30.05 ? 52  CYS A O   1 
ATOM   413  C CB  . CYS A 1 52  ? 2.643   -10.939 1.233   1.00 31.97 ? 52  CYS A CB  1 
ATOM   414  S SG  . CYS A 1 52  ? 2.340   -12.402 0.208   1.00 35.50 ? 52  CYS A SG  1 
ATOM   415  N N   . PHE A 1 53  ? 4.715   -8.742  1.796   1.00 31.28 ? 53  PHE A N   1 
ATOM   416  C CA  . PHE A 1 53  ? 4.978   -7.356  2.167   1.00 34.18 ? 53  PHE A CA  1 
ATOM   417  C C   . PHE A 1 53  ? 4.427   -6.476  1.052   1.00 34.16 ? 53  PHE A C   1 
ATOM   418  O O   . PHE A 1 53  ? 4.295   -6.935  -0.087  1.00 34.40 ? 53  PHE A O   1 
ATOM   419  C CB  . PHE A 1 53  ? 6.470   -7.089  2.423   1.00 34.88 ? 53  PHE A CB  1 
ATOM   420  C CG  . PHE A 1 53  ? 7.378   -7.447  1.276   1.00 43.16 ? 53  PHE A CG  1 
ATOM   421  C CD1 . PHE A 1 53  ? 7.708   -6.498  0.306   1.00 44.13 ? 53  PHE A CD1 1 
ATOM   422  C CD2 . PHE A 1 53  ? 7.981   -8.713  1.213   1.00 49.81 ? 53  PHE A CD2 1 
ATOM   423  C CE1 . PHE A 1 53  ? 8.627   -6.797  -0.710  1.00 49.44 ? 53  PHE A CE1 1 
ATOM   424  C CE2 . PHE A 1 53  ? 8.902   -9.029  0.202   1.00 49.09 ? 53  PHE A CE2 1 
ATOM   425  C CZ  . PHE A 1 53  ? 9.228   -8.067  -0.760  1.00 51.40 ? 53  PHE A CZ  1 
ATOM   426  N N   . LEU A 1 54  ? 4.030   -5.249  1.389   1.00 31.36 ? 54  LEU A N   1 
ATOM   427  C CA  . LEU A 1 54  ? 3.479   -4.316  0.401   1.00 29.45 ? 54  LEU A CA  1 
ATOM   428  C C   . LEU A 1 54  ? 4.532   -3.268  0.046   1.00 27.13 ? 54  LEU A C   1 
ATOM   429  O O   . LEU A 1 54  ? 5.126   -2.660  0.935   1.00 27.74 ? 54  LEU A O   1 
ATOM   430  C CB  . LEU A 1 54  ? 2.216   -3.645  0.961   1.00 25.07 ? 54  LEU A CB  1 
ATOM   431  C CG  . LEU A 1 54  ? 1.520   -2.611  0.084   1.00 28.70 ? 54  LEU A CG  1 
ATOM   432  C CD1 . LEU A 1 54  ? 0.895   -3.301  -1.118  1.00 28.51 ? 54  LEU A CD1 1 
ATOM   433  C CD2 . LEU A 1 54  ? 0.455   -1.888  0.895   1.00 25.47 ? 54  LEU A CD2 1 
ATOM   434  N N   . SER A 1 55  ? 4.766   -3.065  -1.245  1.00 24.63 ? 55  SER A N   1 
ATOM   435  C CA  . SER A 1 55  ? 5.763   -2.107  -1.705  1.00 25.48 ? 55  SER A CA  1 
ATOM   436  C C   . SER A 1 55  ? 5.170   -1.026  -2.611  1.00 26.09 ? 55  SER A C   1 
ATOM   437  O O   . SER A 1 55  ? 4.477   -1.325  -3.585  1.00 24.80 ? 55  SER A O   1 
ATOM   438  C CB  1 SER A 1 55  ? 6.884   -2.831  -2.459  0.40 26.04 ? 55  SER A CB  1 
ATOM   439  C CB  2 SER A 1 55  ? 6.889   -2.845  -2.437  0.60 25.83 ? 55  SER A CB  1 
ATOM   440  O OG  1 SER A 1 55  ? 7.556   -3.764  -1.631  0.40 28.57 ? 55  SER A OG  1 
ATOM   441  O OG  2 SER A 1 55  ? 7.978   -1.988  -2.726  0.60 27.65 ? 55  SER A OG  1 
ATOM   442  N N   . MET A 1 56  ? 5.402   0.232   -2.249  1.00 25.20 ? 56  MET A N   1 
ATOM   443  C CA  . MET A 1 56  ? 4.947   1.367   -3.037  1.00 25.73 ? 56  MET A CA  1 
ATOM   444  C C   . MET A 1 56  ? 6.239   1.706   -3.770  1.00 28.39 ? 56  MET A C   1 
ATOM   445  O O   . MET A 1 56  ? 7.157   2.289   -3.196  1.00 28.58 ? 56  MET A O   1 
ATOM   446  C CB  . MET A 1 56  ? 4.509   2.514   -2.112  1.00 26.44 ? 56  MET A CB  1 
ATOM   447  C CG  . MET A 1 56  ? 4.061   3.798   -2.811  1.00 24.23 ? 56  MET A CG  1 
ATOM   448  S SD  . MET A 1 56  ? 2.629   3.613   -3.869  1.00 32.06 ? 56  MET A SD  1 
ATOM   449  C CE  . MET A 1 56  ? 3.286   3.933   -5.426  1.00 26.87 ? 56  MET A CE  1 
ATOM   450  N N   . GLN A 1 57  ? 6.332   1.276   -5.020  1.00 30.36 ? 57  GLN A N   1 
ATOM   451  C CA  . GLN A 1 57  ? 7.543   1.475   -5.802  1.00 30.95 ? 57  GLN A CA  1 
ATOM   452  C C   . GLN A 1 57  ? 7.711   2.847   -6.400  1.00 31.94 ? 57  GLN A C   1 
ATOM   453  O O   . GLN A 1 57  ? 6.738   3.585   -6.574  1.00 31.77 ? 57  GLN A O   1 
ATOM   454  C CB  . GLN A 1 57  ? 7.607   0.434   -6.909  1.00 31.13 ? 57  GLN A CB  1 
ATOM   455  C CG  . GLN A 1 57  ? 7.432   -0.967  -6.410  1.00 32.40 ? 57  GLN A CG  1 
ATOM   456  C CD  . GLN A 1 57  ? 7.471   -1.974  -7.523  1.00 38.47 ? 57  GLN A CD  1 
ATOM   457  O OE1 . GLN A 1 57  ? 7.174   -1.672  -8.681  1.00 41.25 ? 57  GLN A OE1 1 
ATOM   458  N NE2 . GLN A 1 57  ? 7.843   -3.189  -7.182  1.00 39.22 ? 57  GLN A NE2 1 
ATOM   459  N N   . THR A 1 58  ? 8.951   3.154   -6.777  1.00 33.91 ? 58  THR A N   1 
ATOM   460  C CA  . THR A 1 58  ? 9.300   4.436   -7.377  1.00 35.23 ? 58  THR A CA  1 
ATOM   461  C C   . THR A 1 58  ? 8.775   4.590   -8.796  1.00 36.12 ? 58  THR A C   1 
ATOM   462  O O   . THR A 1 58  ? 8.862   5.669   -9.367  1.00 38.05 ? 58  THR A O   1 
ATOM   463  C CB  . THR A 1 58  ? 10.818  4.686   -7.347  1.00 35.87 ? 58  THR A CB  1 
ATOM   464  O OG1 . THR A 1 58  ? 11.504  3.538   -7.861  1.00 41.41 ? 58  THR A OG1 1 
ATOM   465  C CG2 . THR A 1 58  ? 11.283  4.945   -5.927  1.00 36.01 ? 58  THR A CG2 1 
ATOM   466  N N   . ASP A 1 59  ? 8.266   3.508   -9.382  1.00 36.69 ? 59  ASP A N   1 
ATOM   467  C CA  . ASP A 1 59  ? 7.693   3.581   -10.728 1.00 37.81 ? 59  ASP A CA  1 
ATOM   468  C C   . ASP A 1 59  ? 6.168   3.761   -10.628 1.00 38.72 ? 59  ASP A C   1 
ATOM   469  O O   . ASP A 1 59  ? 5.443   3.624   -11.620 1.00 39.20 ? 59  ASP A O   1 
ATOM   470  C CB  . ASP A 1 59  ? 8.061   2.346   -11.576 1.00 39.09 ? 59  ASP A CB  1 
ATOM   471  C CG  . ASP A 1 59  ? 7.432   1.054   -11.071 1.00 41.95 ? 59  ASP A CG  1 
ATOM   472  O OD1 . ASP A 1 59  ? 7.071   0.973   -9.878  1.00 41.08 ? 59  ASP A OD1 1 
ATOM   473  O OD2 . ASP A 1 59  ? 7.311   0.102   -11.873 1.00 46.38 ? 59  ASP A OD2 1 
ATOM   474  N N   . GLY A 1 60  ? 5.691   4.061   -9.417  1.00 36.83 ? 60  GLY A N   1 
ATOM   475  C CA  . GLY A 1 60  ? 4.274   4.268   -9.185  1.00 29.55 ? 60  GLY A CA  1 
ATOM   476  C C   . GLY A 1 60  ? 3.444   3.010   -9.060  1.00 29.49 ? 60  GLY A C   1 
ATOM   477  O O   . GLY A 1 60  ? 2.214   3.080   -9.063  1.00 30.20 ? 60  GLY A O   1 
ATOM   478  N N   . ASN A 1 61  ? 4.095   1.861   -8.926  1.00 30.61 ? 61  ASN A N   1 
ATOM   479  C CA  . ASN A 1 61  ? 3.372   0.600   -8.813  1.00 31.26 ? 61  ASN A CA  1 
ATOM   480  C C   . ASN A 1 61  ? 3.291   0.089   -7.373  1.00 30.07 ? 61  ASN A C   1 
ATOM   481  O O   . ASN A 1 61  ? 4.290   0.059   -6.649  1.00 29.44 ? 61  ASN A O   1 
ATOM   482  C CB  . ASN A 1 61  ? 4.024   -0.458  -9.713  1.00 35.46 ? 61  ASN A CB  1 
ATOM   483  C CG  . ASN A 1 61  ? 3.037   -1.512  -10.192 1.00 38.69 ? 61  ASN A CG  1 
ATOM   484  O OD1 . ASN A 1 61  ? 1.822   -1.346  -10.073 1.00 35.82 ? 61  ASN A OD1 1 
ATOM   485  N ND2 . ASN A 1 61  ? 3.557   -2.598  -10.753 1.00 39.11 ? 61  ASN A ND2 1 
ATOM   486  N N   . LEU A 1 62  ? 2.076   -0.240  -6.948  1.00 30.41 ? 62  LEU A N   1 
ATOM   487  C CA  . LEU A 1 62  ? 1.823   -0.768  -5.612  1.00 28.73 ? 62  LEU A CA  1 
ATOM   488  C C   . LEU A 1 62  ? 1.794   -2.283  -5.800  1.00 29.27 ? 62  LEU A C   1 
ATOM   489  O O   . LEU A 1 62  ? 0.910   -2.797  -6.484  1.00 31.15 ? 62  LEU A O   1 
ATOM   490  C CB  . LEU A 1 62  ? 0.469   -0.263  -5.108  1.00 24.87 ? 62  LEU A CB  1 
ATOM   491  C CG  . LEU A 1 62  ? 0.114   -0.585  -3.663  1.00 22.06 ? 62  LEU A CG  1 
ATOM   492  C CD1 . LEU A 1 62  ? 1.042   0.185   -2.750  1.00 21.86 ? 62  LEU A CD1 1 
ATOM   493  C CD2 . LEU A 1 62  ? -1.325  -0.205  -3.390  1.00 23.16 ? 62  LEU A CD2 1 
ATOM   494  N N   . VAL A 1 63  ? 2.753   -2.993  -5.215  1.00 30.49 ? 63  VAL A N   1 
ATOM   495  C CA  . VAL A 1 63  ? 2.839   -4.445  -5.384  1.00 29.36 ? 63  VAL A CA  1 
ATOM   496  C C   . VAL A 1 63  ? 2.922   -5.275  -4.091  1.00 29.89 ? 63  VAL A C   1 
ATOM   497  O O   . VAL A 1 63  ? 3.674   -4.931  -3.175  1.00 28.81 ? 63  VAL A O   1 
ATOM   498  C CB  . VAL A 1 63  ? 4.093   -4.806  -6.243  1.00 32.55 ? 63  VAL A CB  1 
ATOM   499  C CG1 . VAL A 1 63  ? 4.072   -6.277  -6.641  1.00 31.64 ? 63  VAL A CG1 1 
ATOM   500  C CG2 . VAL A 1 63  ? 4.187   -3.908  -7.476  1.00 30.49 ? 63  VAL A CG2 1 
ATOM   501  N N   . VAL A 1 64  ? 2.156   -6.365  -4.026  1.00 27.01 ? 64  VAL A N   1 
ATOM   502  C CA  . VAL A 1 64  ? 2.196   -7.281  -2.886  1.00 27.42 ? 64  VAL A CA  1 
ATOM   503  C C   . VAL A 1 64  ? 3.172   -8.405  -3.278  1.00 32.16 ? 64  VAL A C   1 
ATOM   504  O O   . VAL A 1 64  ? 2.951   -9.102  -4.272  1.00 32.16 ? 64  VAL A O   1 
ATOM   505  C CB  . VAL A 1 64  ? 0.813   -7.902  -2.598  1.00 25.46 ? 64  VAL A CB  1 
ATOM   506  C CG1 . VAL A 1 64  ? 0.935   -9.001  -1.545  1.00 25.65 ? 64  VAL A CG1 1 
ATOM   507  C CG2 . VAL A 1 64  ? -0.142  -6.844  -2.117  1.00 22.57 ? 64  VAL A CG2 1 
ATOM   508  N N   . TYR A 1 65  ? 4.256   -8.561  -2.524  1.00 32.14 ? 65  TYR A N   1 
ATOM   509  C CA  . TYR A 1 65  ? 5.267   -9.582  -2.807  1.00 35.87 ? 65  TYR A CA  1 
ATOM   510  C C   . TYR A 1 65  ? 5.313   -10.703 -1.778  1.00 36.93 ? 65  TYR A C   1 
ATOM   511  O O   . TYR A 1 65  ? 5.120   -10.456 -0.589  1.00 42.15 ? 65  TYR A O   1 
ATOM   512  C CB  . TYR A 1 65  ? 6.660   -8.948  -2.839  1.00 34.32 ? 65  TYR A CB  1 
ATOM   513  C CG  . TYR A 1 65  ? 6.967   -8.129  -4.063  1.00 37.53 ? 65  TYR A CG  1 
ATOM   514  C CD1 . TYR A 1 65  ? 7.117   -8.735  -5.309  1.00 37.37 ? 65  TYR A CD1 1 
ATOM   515  C CD2 . TYR A 1 65  ? 7.127   -6.746  -3.975  1.00 36.74 ? 65  TYR A CD2 1 
ATOM   516  C CE1 . TYR A 1 65  ? 7.416   -7.987  -6.440  1.00 38.77 ? 65  TYR A CE1 1 
ATOM   517  C CE2 . TYR A 1 65  ? 7.429   -5.985  -5.101  1.00 37.15 ? 65  TYR A CE2 1 
ATOM   518  C CZ  . TYR A 1 65  ? 7.571   -6.613  -6.331  1.00 37.00 ? 65  TYR A CZ  1 
ATOM   519  O OH  . TYR A 1 65  ? 7.857   -5.870  -7.452  1.00 35.44 ? 65  TYR A OH  1 
ATOM   520  N N   . ASN A 1 66  ? 5.559   -11.936 -2.216  1.00 36.37 ? 66  ASN A N   1 
ATOM   521  C CA  . ASN A 1 66  ? 5.693   -13.030 -1.257  1.00 37.49 ? 66  ASN A CA  1 
ATOM   522  C C   . ASN A 1 66  ? 7.183   -13.068 -0.888  1.00 40.27 ? 66  ASN A C   1 
ATOM   523  O O   . ASN A 1 66  ? 7.981   -12.334 -1.482  1.00 39.14 ? 66  ASN A O   1 
ATOM   524  C CB  . ASN A 1 66  ? 5.166   -14.371 -1.813  1.00 40.61 ? 66  ASN A CB  1 
ATOM   525  C CG  . ASN A 1 66  ? 6.014   -14.947 -2.949  1.00 38.70 ? 66  ASN A CG  1 
ATOM   526  O OD1 . ASN A 1 66  ? 7.034   -14.392 -3.351  1.00 38.79 ? 66  ASN A OD1 1 
ATOM   527  N ND2 . ASN A 1 66  ? 5.579   -16.088 -3.460  1.00 34.85 ? 66  ASN A ND2 1 
ATOM   528  N N   . PRO A 1 67  ? 7.584   -13.883 0.100   1.00 43.04 ? 67  PRO A N   1 
ATOM   529  C CA  . PRO A 1 67  ? 9.007   -13.917 0.461   1.00 43.18 ? 67  PRO A CA  1 
ATOM   530  C C   . PRO A 1 67  ? 9.969   -14.187 -0.706  1.00 46.30 ? 67  PRO A C   1 
ATOM   531  O O   . PRO A 1 67  ? 11.056  -13.615 -0.773  1.00 48.05 ? 67  PRO A O   1 
ATOM   532  C CB  . PRO A 1 67  ? 9.058   -15.013 1.516   1.00 43.01 ? 67  PRO A CB  1 
ATOM   533  C CG  . PRO A 1 67  ? 7.724   -14.858 2.201   1.00 42.46 ? 67  PRO A CG  1 
ATOM   534  C CD  . PRO A 1 67  ? 6.796   -14.737 1.012   1.00 42.52 ? 67  PRO A CD  1 
ATOM   535  N N   . SER A 1 68  ? 9.540   -15.008 -1.657  1.00 47.86 ? 68  SER A N   1 
ATOM   536  C CA  . SER A 1 68  ? 10.363  -15.336 -2.817  1.00 47.16 ? 68  SER A CA  1 
ATOM   537  C C   . SER A 1 68  ? 10.382  -14.200 -3.840  1.00 47.86 ? 68  SER A C   1 
ATOM   538  O O   . SER A 1 68  ? 10.821  -14.390 -4.978  1.00 52.17 ? 68  SER A O   1 
ATOM   539  C CB  . SER A 1 68  ? 9.849   -16.623 -3.475  1.00 45.11 ? 68  SER A CB  1 
ATOM   540  O OG  . SER A 1 68  ? 9.674   -17.656 -2.515  1.00 47.16 ? 68  SER A OG  1 
ATOM   541  N N   . ASN A 1 69  ? 9.887   -13.034 -3.440  1.00 45.68 ? 69  ASN A N   1 
ATOM   542  C CA  . ASN A 1 69  ? 9.831   -11.850 -4.298  1.00 46.36 ? 69  ASN A CA  1 
ATOM   543  C C   . ASN A 1 69  ? 9.057   -11.974 -5.610  1.00 43.95 ? 69  ASN A C   1 
ATOM   544  O O   . ASN A 1 69  ? 9.408   -11.341 -6.610  1.00 42.97 ? 69  ASN A O   1 
ATOM   545  C CB  . ASN A 1 69  ? 11.230  -11.279 -4.553  1.00 51.35 ? 69  ASN A CB  1 
ATOM   546  C CG  . ASN A 1 69  ? 11.856  -10.685 -3.303  1.00 57.12 ? 69  ASN A CG  1 
ATOM   547  O OD1 . ASN A 1 69  ? 11.246  -9.870  -2.611  1.00 59.66 ? 69  ASN A OD1 1 
ATOM   548  N ND2 . ASN A 1 69  ? 13.081  -11.088 -3.011  1.00 60.54 ? 69  ASN A ND2 1 
ATOM   549  N N   . LYS A 1 70  ? 8.001   -12.783 -5.612  1.00 41.85 ? 70  LYS A N   1 
ATOM   550  C CA  . LYS A 1 70  ? 7.156   -12.928 -6.792  1.00 41.34 ? 70  LYS A CA  1 
ATOM   551  C C   . LYS A 1 70  ? 5.915   -12.070 -6.514  1.00 38.84 ? 70  LYS A C   1 
ATOM   552  O O   . LYS A 1 70  ? 5.372   -12.107 -5.406  1.00 36.04 ? 70  LYS A O   1 
ATOM   553  C CB  . LYS A 1 70  ? 6.709   -14.384 -6.980  1.00 44.29 ? 70  LYS A CB  1 
ATOM   554  C CG  . LYS A 1 70  ? 7.788   -15.422 -6.774  1.00 51.89 ? 70  LYS A CG  1 
ATOM   555  C CD  . LYS A 1 70  ? 8.870   -15.331 -7.830  1.00 60.47 ? 70  LYS A CD  1 
ATOM   556  C CE  . LYS A 1 70  ? 9.961   -16.364 -7.581  1.00 65.69 ? 70  LYS A CE  1 
ATOM   557  N NZ  . LYS A 1 70  ? 11.074  -16.259 -8.564  1.00 70.54 ? 70  LYS A NZ  1 
ATOM   558  N N   . PRO A 1 71  ? 5.487   -11.243 -7.488  1.00 38.63 ? 71  PRO A N   1 
ATOM   559  C CA  . PRO A 1 71  ? 4.301   -10.390 -7.315  1.00 36.95 ? 71  PRO A CA  1 
ATOM   560  C C   . PRO A 1 71  ? 2.980   -11.165 -7.282  1.00 37.24 ? 71  PRO A C   1 
ATOM   561  O O   . PRO A 1 71  ? 2.596   -11.815 -8.254  1.00 42.04 ? 71  PRO A O   1 
ATOM   562  C CB  . PRO A 1 71  ? 4.377   -9.452  -8.523  1.00 36.85 ? 71  PRO A CB  1 
ATOM   563  C CG  . PRO A 1 71  ? 5.098   -10.269 -9.551  1.00 38.45 ? 71  PRO A CG  1 
ATOM   564  C CD  . PRO A 1 71  ? 6.191   -10.909 -8.734  1.00 36.30 ? 71  PRO A CD  1 
ATOM   565  N N   . ILE A 1 72  ? 2.295   -11.083 -6.147  1.00 36.14 ? 72  ILE A N   1 
ATOM   566  C CA  . ILE A 1 72  ? 1.017   -11.744 -5.910  1.00 35.52 ? 72  ILE A CA  1 
ATOM   567  C C   . ILE A 1 72  ? -0.143  -10.889 -6.437  1.00 37.13 ? 72  ILE A C   1 
ATOM   568  O O   . ILE A 1 72  ? -1.172  -11.415 -6.865  1.00 40.85 ? 72  ILE A O   1 
ATOM   569  C CB  . ILE A 1 72  ? 0.811   -11.975 -4.381  1.00 37.66 ? 72  ILE A CB  1 
ATOM   570  C CG1 . ILE A 1 72  ? 1.959   -12.811 -3.807  1.00 40.90 ? 72  ILE A CG1 1 
ATOM   571  C CG2 . ILE A 1 72  ? -0.530  -12.625 -4.102  1.00 37.25 ? 72  ILE A CG2 1 
ATOM   572  C CD1 . ILE A 1 72  ? 2.142   -14.169 -4.465  1.00 38.98 ? 72  ILE A CD1 1 
ATOM   573  N N   . TRP A 1 73  ? 0.018   -9.570  -6.378  1.00 33.41 ? 73  TRP A N   1 
ATOM   574  C CA  . TRP A 1 73  ? -0.994  -8.627  -6.837  1.00 32.08 ? 73  TRP A CA  1 
ATOM   575  C C   . TRP A 1 73  ? -0.300  -7.300  -7.100  1.00 33.27 ? 73  TRP A C   1 
ATOM   576  O O   . TRP A 1 73  ? 0.732   -7.007  -6.492  1.00 35.27 ? 73  TRP A O   1 
ATOM   577  C CB  . TRP A 1 73  ? -2.070  -8.446  -5.754  1.00 31.27 ? 73  TRP A CB  1 
ATOM   578  C CG  . TRP A 1 73  ? -3.129  -7.403  -6.069  1.00 30.87 ? 73  TRP A CG  1 
ATOM   579  C CD1 . TRP A 1 73  ? -4.328  -7.612  -6.690  1.00 26.86 ? 73  TRP A CD1 1 
ATOM   580  C CD2 . TRP A 1 73  ? -3.069  -5.999  -5.774  1.00 30.75 ? 73  TRP A CD2 1 
ATOM   581  N NE1 . TRP A 1 73  ? -5.014  -6.429  -6.805  1.00 29.17 ? 73  TRP A NE1 1 
ATOM   582  C CE2 . TRP A 1 73  ? -4.269  -5.421  -6.255  1.00 29.67 ? 73  TRP A CE2 1 
ATOM   583  C CE3 . TRP A 1 73  ? -2.117  -5.171  -5.156  1.00 29.17 ? 73  TRP A CE3 1 
ATOM   584  C CZ2 . TRP A 1 73  ? -4.545  -4.054  -6.139  1.00 30.08 ? 73  TRP A CZ2 1 
ATOM   585  C CZ3 . TRP A 1 73  ? -2.388  -3.811  -5.042  1.00 31.35 ? 73  TRP A CZ3 1 
ATOM   586  C CH2 . TRP A 1 73  ? -3.595  -3.266  -5.533  1.00 31.45 ? 73  TRP A CH2 1 
ATOM   587  N N   . ALA A 1 74  ? -0.830  -6.512  -8.025  1.00 32.41 ? 74  ALA A N   1 
ATOM   588  C CA  . ALA A 1 74  ? -0.249  -5.209  -8.325  1.00 33.35 ? 74  ALA A CA  1 
ATOM   589  C C   . ALA A 1 74  ? -1.348  -4.290  -8.811  1.00 34.89 ? 74  ALA A C   1 
ATOM   590  O O   . ALA A 1 74  ? -2.393  -4.762  -9.257  1.00 35.94 ? 74  ALA A O   1 
ATOM   591  C CB  . ALA A 1 74  ? 0.841   -5.322  -9.370  1.00 32.10 ? 74  ALA A CB  1 
ATOM   592  N N   . SER A 1 75  ? -1.152  -2.988  -8.635  1.00 36.09 ? 75  SER A N   1 
ATOM   593  C CA  . SER A 1 75  ? -2.127  -2.009  -9.081  1.00 36.94 ? 75  SER A CA  1 
ATOM   594  C C   . SER A 1 75  ? -2.007  -1.821  -10.591 1.00 40.98 ? 75  SER A C   1 
ATOM   595  O O   . SER A 1 75  ? -2.956  -1.378  -11.236 1.00 42.29 ? 75  SER A O   1 
ATOM   596  C CB  . SER A 1 75  ? -1.943  -0.671  -8.353  1.00 31.91 ? 75  SER A CB  1 
ATOM   597  O OG  . SER A 1 75  ? -0.592  -0.246  -8.358  1.00 33.19 ? 75  SER A OG  1 
ATOM   598  N N   . ASN A 1 76  ? -0.853  -2.205  -11.147 1.00 43.42 ? 76  ASN A N   1 
ATOM   599  C CA  . ASN A 1 76  ? -0.571  -2.089  -12.586 1.00 45.80 ? 76  ASN A CA  1 
ATOM   600  C C   . ASN A 1 76  ? -0.588  -0.622  -13.002 1.00 45.32 ? 76  ASN A C   1 
ATOM   601  O O   . ASN A 1 76  ? -1.123  -0.252  -14.053 1.00 49.99 ? 76  ASN A O   1 
ATOM   602  C CB  . ASN A 1 76  ? -1.569  -2.897  -13.431 1.00 50.56 ? 76  ASN A CB  1 
ATOM   603  C CG  . ASN A 1 76  ? -1.561  -4.382  -13.097 1.00 57.41 ? 76  ASN A CG  1 
ATOM   604  O OD1 . ASN A 1 76  ? -0.503  -5.009  -13.011 1.00 61.44 ? 76  ASN A OD1 1 
ATOM   605  N ND2 . ASN A 1 76  ? -2.745  -4.951  -12.908 1.00 61.97 ? 76  ASN A ND2 1 
ATOM   606  N N   . THR A 1 77  ? 0.001   0.213   -12.157 1.00 41.24 ? 77  THR A N   1 
ATOM   607  C CA  . THR A 1 77  ? 0.074   1.641   -12.393 1.00 38.27 ? 77  THR A CA  1 
ATOM   608  C C   . THR A 1 77  ? 1.539   2.041   -12.539 1.00 39.77 ? 77  THR A C   1 
ATOM   609  O O   . THR A 1 77  ? 1.892   3.219   -12.446 1.00 39.88 ? 77  THR A O   1 
ATOM   610  C CB  . THR A 1 77  ? -0.576  2.421   -11.228 1.00 39.52 ? 77  THR A CB  1 
ATOM   611  O OG1 . THR A 1 77  ? -0.141  1.868   -9.975  1.00 34.26 ? 77  THR A OG1 1 
ATOM   612  C CG2 . THR A 1 77  ? -2.097  2.347   -11.316 1.00 37.44 ? 77  THR A CG2 1 
ATOM   613  N N   . GLY A 1 78  ? 2.390   1.036   -12.737 1.00 40.80 ? 78  GLY A N   1 
ATOM   614  C CA  . GLY A 1 78  ? 3.806   1.284   -12.911 1.00 43.81 ? 78  GLY A CA  1 
ATOM   615  C C   . GLY A 1 78  ? 4.002   2.132   -14.151 1.00 49.61 ? 78  GLY A C   1 
ATOM   616  O O   . GLY A 1 78  ? 3.226   2.036   -15.111 1.00 49.69 ? 78  GLY A O   1 
ATOM   617  N N   . GLY A 1 79  ? 5.019   2.979   -14.134 1.00 53.16 ? 79  GLY A N   1 
ATOM   618  C CA  . GLY A 1 79  ? 5.270   3.828   -15.276 1.00 55.31 ? 79  GLY A CA  1 
ATOM   619  C C   . GLY A 1 79  ? 6.470   4.721   -15.082 1.00 55.99 ? 79  GLY A C   1 
ATOM   620  O O   . GLY A 1 79  ? 7.611   4.250   -14.975 1.00 55.74 ? 79  GLY A O   1 
ATOM   621  N N   . GLN A 1 80  ? 6.204   6.021   -15.035 1.00 55.60 ? 80  GLN A N   1 
ATOM   622  C CA  . GLN A 1 80  ? 7.248   7.021   -14.874 1.00 58.67 ? 80  GLN A CA  1 
ATOM   623  C C   . GLN A 1 80  ? 7.963   6.889   -13.531 1.00 57.50 ? 80  GLN A C   1 
ATOM   624  O O   . GLN A 1 80  ? 7.336   6.651   -12.505 1.00 59.29 ? 80  GLN A O   1 
ATOM   625  C CB  . GLN A 1 80  ? 6.628   8.407   -15.014 1.00 62.11 ? 80  GLN A CB  1 
ATOM   626  C CG  . GLN A 1 80  ? 7.621   9.534   -15.155 1.00 70.93 ? 80  GLN A CG  1 
ATOM   627  C CD  . GLN A 1 80  ? 6.989   10.756  -15.783 1.00 78.46 ? 80  GLN A CD  1 
ATOM   628  O OE1 . GLN A 1 80  ? 5.803   10.750  -16.120 1.00 81.36 ? 80  GLN A OE1 1 
ATOM   629  N NE2 . GLN A 1 80  ? 7.778   11.804  -15.965 1.00 82.45 ? 80  GLN A NE2 1 
ATOM   630  N N   . ASN A 1 81  ? 9.281   7.022   -13.533 1.00 53.59 ? 81  ASN A N   1 
ATOM   631  C CA  . ASN A 1 81  ? 10.013  6.918   -12.284 1.00 49.89 ? 81  ASN A CA  1 
ATOM   632  C C   . ASN A 1 81  ? 10.006  8.278   -11.583 1.00 47.64 ? 81  ASN A C   1 
ATOM   633  O O   . ASN A 1 81  ? 10.286  9.306   -12.206 1.00 47.12 ? 81  ASN A O   1 
ATOM   634  C CB  . ASN A 1 81  ? 11.442  6.449   -12.538 1.00 51.62 ? 81  ASN A CB  1 
ATOM   635  C CG  . ASN A 1 81  ? 12.092  5.879   -11.294 1.00 55.69 ? 81  ASN A CG  1 
ATOM   636  O OD1 . ASN A 1 81  ? 12.688  6.612   -10.496 1.00 54.82 ? 81  ASN A OD1 1 
ATOM   637  N ND2 . ASN A 1 81  ? 11.975  4.561   -11.116 1.00 52.85 ? 81  ASN A ND2 1 
ATOM   638  N N   . GLY A 1 82  ? 9.644   8.280   -10.302 1.00 44.68 ? 82  GLY A N   1 
ATOM   639  C CA  . GLY A 1 82  ? 9.592   9.513   -9.537  1.00 38.81 ? 82  GLY A CA  1 
ATOM   640  C C   . GLY A 1 82  ? 9.168   9.278   -8.094  1.00 38.12 ? 82  GLY A C   1 
ATOM   641  O O   . GLY A 1 82  ? 9.476   8.242   -7.505  1.00 38.32 ? 82  GLY A O   1 
ATOM   642  N N   . ASN A 1 83  ? 8.471   10.253  -7.521  1.00 34.44 ? 83  ASN A N   1 
ATOM   643  C CA  . ASN A 1 83  ? 8.003   10.164  -6.141  1.00 30.54 ? 83  ASN A CA  1 
ATOM   644  C C   . ASN A 1 83  ? 6.495   10.016  -6.135  1.00 25.87 ? 83  ASN A C   1 
ATOM   645  O O   . ASN A 1 83  ? 5.798   10.773  -6.802  1.00 24.92 ? 83  ASN A O   1 
ATOM   646  C CB  . ASN A 1 83  ? 8.396   11.418  -5.363  1.00 30.69 ? 83  ASN A CB  1 
ATOM   647  C CG  . ASN A 1 83  ? 9.893   11.629  -5.332  1.00 33.77 ? 83  ASN A CG  1 
ATOM   648  O OD1 . ASN A 1 83  ? 10.623  10.840  -4.744  1.00 36.28 ? 83  ASN A OD1 1 
ATOM   649  N ND2 . ASN A 1 83  ? 10.358  12.683  -5.984  1.00 34.48 ? 83  ASN A ND2 1 
ATOM   650  N N   . TYR A 1 84  ? 6.014   9.018   -5.400  1.00 27.26 ? 84  TYR A N   1 
ATOM   651  C CA  . TYR A 1 84  ? 4.587   8.718   -5.288  1.00 26.88 ? 84  TYR A CA  1 
ATOM   652  C C   . TYR A 1 84  ? 4.216   8.474   -3.833  1.00 27.73 ? 84  TYR A C   1 
ATOM   653  O O   . TYR A 1 84  ? 5.092   8.213   -2.994  1.00 25.95 ? 84  TYR A O   1 
ATOM   654  C CB  . TYR A 1 84  ? 4.245   7.440   -6.060  1.00 26.24 ? 84  TYR A CB  1 
ATOM   655  C CG  . TYR A 1 84  ? 4.492   7.525   -7.541  1.00 34.28 ? 84  TYR A CG  1 
ATOM   656  C CD1 . TYR A 1 84  ? 5.745   7.224   -8.083  1.00 35.01 ? 84  TYR A CD1 1 
ATOM   657  C CD2 . TYR A 1 84  ? 3.470   7.897   -8.407  1.00 34.59 ? 84  TYR A CD2 1 
ATOM   658  C CE1 . TYR A 1 84  ? 5.966   7.297   -9.453  1.00 37.39 ? 84  TYR A CE1 1 
ATOM   659  C CE2 . TYR A 1 84  ? 3.678   7.971   -9.773  1.00 37.69 ? 84  TYR A CE2 1 
ATOM   660  C CZ  . TYR A 1 84  ? 4.924   7.672   -10.287 1.00 39.38 ? 84  TYR A CZ  1 
ATOM   661  O OH  . TYR A 1 84  ? 5.115   7.770   -11.639 1.00 42.88 ? 84  TYR A OH  1 
ATOM   662  N N   . VAL A 1 85  ? 2.913   8.551   -3.550  1.00 25.23 ? 85  VAL A N   1 
ATOM   663  C CA  . VAL A 1 85  ? 2.376   8.297   -2.216  1.00 23.26 ? 85  VAL A CA  1 
ATOM   664  C C   . VAL A 1 85  ? 1.076   7.517   -2.355  1.00 23.88 ? 85  VAL A C   1 
ATOM   665  O O   . VAL A 1 85  ? 0.348   7.677   -3.342  1.00 24.56 ? 85  VAL A O   1 
ATOM   666  C CB  . VAL A 1 85  ? 2.061   9.596   -1.401  1.00 20.86 ? 85  VAL A CB  1 
ATOM   667  C CG1 . VAL A 1 85  ? 3.334   10.331  -1.020  1.00 20.26 ? 85  VAL A CG1 1 
ATOM   668  C CG2 . VAL A 1 85  ? 1.121   10.500  -2.169  1.00 21.53 ? 85  VAL A CG2 1 
ATOM   669  N N   . CYS A 1 86  ? 0.859   6.590   -1.431  1.00 22.66 ? 86  CYS A N   1 
ATOM   670  C CA  . CYS A 1 86  ? -0.368  5.816   -1.380  1.00 20.46 ? 86  CYS A CA  1 
ATOM   671  C C   . CYS A 1 86  ? -1.011  6.317   -0.086  1.00 19.91 ? 86  CYS A C   1 
ATOM   672  O O   . CYS A 1 86  ? -0.435  6.167   0.990   1.00 23.33 ? 86  CYS A O   1 
ATOM   673  C CB  . CYS A 1 86  ? -0.064  4.330   -1.287  1.00 16.74 ? 86  CYS A CB  1 
ATOM   674  S SG  . CYS A 1 86  ? -1.557  3.347   -1.151  1.00 25.19 ? 86  CYS A SG  1 
ATOM   675  N N   . ILE A 1 87  ? -2.179  6.939   -0.190  1.00 17.19 ? 87  ILE A N   1 
ATOM   676  C CA  . ILE A 1 87  ? -2.844  7.502   0.973   1.00 19.40 ? 87  ILE A CA  1 
ATOM   677  C C   . ILE A 1 87  ? -4.167  6.847   1.330   1.00 20.06 ? 87  ILE A C   1 
ATOM   678  O O   . ILE A 1 87  ? -4.979  6.557   0.446   1.00 19.20 ? 87  ILE A O   1 
ATOM   679  C CB  . ILE A 1 87  ? -3.145  9.018   0.747   1.00 19.78 ? 87  ILE A CB  1 
ATOM   680  C CG1 . ILE A 1 87  ? -1.891  9.756   0.300   1.00 18.33 ? 87  ILE A CG1 1 
ATOM   681  C CG2 . ILE A 1 87  ? -3.691  9.667   2.031   1.00 17.74 ? 87  ILE A CG2 1 
ATOM   682  C CD1 . ILE A 1 87  ? -2.147  11.201  -0.024  1.00 21.78 ? 87  ILE A CD1 1 
ATOM   683  N N   . LEU A 1 88  ? -4.353  6.570   2.620   1.00 19.38 ? 88  LEU A N   1 
ATOM   684  C CA  . LEU A 1 88  ? -5.621  6.045   3.132   1.00 20.01 ? 88  LEU A CA  1 
ATOM   685  C C   . LEU A 1 88  ? -6.271  7.366   3.553   1.00 22.06 ? 88  LEU A C   1 
ATOM   686  O O   . LEU A 1 88  ? -5.926  7.947   4.590   1.00 21.24 ? 88  LEU A O   1 
ATOM   687  C CB  . LEU A 1 88  ? -5.421  5.135   4.352   1.00 20.63 ? 88  LEU A CB  1 
ATOM   688  C CG  . LEU A 1 88  ? -6.630  4.874   5.278   1.00 21.42 ? 88  LEU A CG  1 
ATOM   689  C CD1 . LEU A 1 88  ? -7.897  4.600   4.501   1.00 18.73 ? 88  LEU A CD1 1 
ATOM   690  C CD2 . LEU A 1 88  ? -6.328  3.707   6.203   1.00 16.85 ? 88  LEU A CD2 1 
ATOM   691  N N   . GLN A 1 89  ? -7.166  7.862   2.706   1.00 21.53 ? 89  GLN A N   1 
ATOM   692  C CA  . GLN A 1 89  ? -7.813  9.152   2.920   1.00 19.94 ? 89  GLN A CA  1 
ATOM   693  C C   . GLN A 1 89  ? -8.932  9.185   3.942   1.00 18.62 ? 89  GLN A C   1 
ATOM   694  O O   . GLN A 1 89  ? -9.541  8.167   4.270   1.00 18.33 ? 89  GLN A O   1 
ATOM   695  C CB  . GLN A 1 89  ? -8.338  9.715   1.587   1.00 20.04 ? 89  GLN A CB  1 
ATOM   696  C CG  . GLN A 1 89  ? -7.378  9.578   0.418   1.00 18.39 ? 89  GLN A CG  1 
ATOM   697  C CD  . GLN A 1 89  ? -7.837  10.290  -0.845  1.00 19.35 ? 89  GLN A CD  1 
ATOM   698  O OE1 . GLN A 1 89  ? -7.012  10.711  -1.645  1.00 23.29 ? 89  GLN A OE1 1 
ATOM   699  N NE2 . GLN A 1 89  ? -9.148  10.424  -1.032  1.00 17.86 ? 89  GLN A NE2 1 
ATOM   700  N N   . LYS A 1 90  ? -9.230  10.396  4.400   1.00 20.28 ? 90  LYS A N   1 
ATOM   701  C CA  . LYS A 1 90  ? -10.294 10.623  5.360   1.00 22.53 ? 90  LYS A CA  1 
ATOM   702  C C   . LYS A 1 90  ? -11.673 10.225  4.812   1.00 24.54 ? 90  LYS A C   1 
ATOM   703  O O   . LYS A 1 90  ? -12.599 9.959   5.590   1.00 27.41 ? 90  LYS A O   1 
ATOM   704  C CB  . LYS A 1 90  ? -10.288 12.088  5.822   1.00 22.87 ? 90  LYS A CB  1 
ATOM   705  C CG  . LYS A 1 90  ? -10.511 13.114  4.730   1.00 23.26 ? 90  LYS A CG  1 
ATOM   706  C CD  . LYS A 1 90  ? -10.354 14.511  5.287   1.00 24.67 ? 90  LYS A CD  1 
ATOM   707  C CE  . LYS A 1 90  ? -10.669 15.573  4.245   1.00 25.18 ? 90  LYS A CE  1 
ATOM   708  N NZ  . LYS A 1 90  ? -10.399 16.938  4.795   1.00 28.33 ? 90  LYS A NZ  1 
ATOM   709  N N   . ASP A 1 91  ? -11.809 10.170  3.487   1.00 25.10 ? 91  ASP A N   1 
ATOM   710  C CA  . ASP A 1 91  ? -13.069 9.787   2.862   1.00 24.64 ? 91  ASP A CA  1 
ATOM   711  C C   . ASP A 1 91  ? -13.148 8.282   2.610   1.00 26.68 ? 91  ASP A C   1 
ATOM   712  O O   . ASP A 1 91  ? -14.018 7.814   1.877   1.00 28.07 ? 91  ASP A O   1 
ATOM   713  C CB  . ASP A 1 91  ? -13.313 10.575  1.565   1.00 25.38 ? 91  ASP A CB  1 
ATOM   714  C CG  . ASP A 1 91  ? -12.344 10.212  0.448   1.00 27.97 ? 91  ASP A CG  1 
ATOM   715  O OD1 . ASP A 1 91  ? -11.353 9.483   0.670   1.00 26.10 ? 91  ASP A OD1 1 
ATOM   716  O OD2 . ASP A 1 91  ? -12.574 10.688  -0.680  1.00 28.72 ? 91  ASP A OD2 1 
ATOM   717  N N   . ARG A 1 92  ? -12.240 7.534   3.239   1.00 23.52 ? 92  ARG A N   1 
ATOM   718  C CA  . ARG A 1 92  ? -12.158 6.076   3.146   1.00 21.30 ? 92  ARG A CA  1 
ATOM   719  C C   . ARG A 1 92  ? -11.664 5.496   1.820   1.00 22.21 ? 92  ARG A C   1 
ATOM   720  O O   . ARG A 1 92  ? -11.746 4.284   1.594   1.00 25.22 ? 92  ARG A O   1 
ATOM   721  C CB  . ARG A 1 92  ? -13.475 5.409   3.569   1.00 22.15 ? 92  ARG A CB  1 
ATOM   722  C CG  . ARG A 1 92  ? -13.282 3.985   4.082   1.00 26.21 ? 92  ARG A CG  1 
ATOM   723  C CD  . ARG A 1 92  ? -14.585 3.359   4.519   1.00 30.28 ? 92  ARG A CD  1 
ATOM   724  N NE  . ARG A 1 92  ? -15.470 3.102   3.390   1.00 34.53 ? 92  ARG A NE  1 
ATOM   725  C CZ  . ARG A 1 92  ? -16.719 2.661   3.503   1.00 37.99 ? 92  ARG A CZ  1 
ATOM   726  N NH1 . ARG A 1 92  ? -17.241 2.417   4.704   1.00 39.08 ? 92  ARG A NH1 1 
ATOM   727  N NH2 . ARG A 1 92  ? -17.449 2.473   2.410   1.00 35.96 ? 92  ARG A NH2 1 
ATOM   728  N N   . ASN A 1 93  ? -11.146 6.346   0.943   1.00 21.49 ? 93  ASN A N   1 
ATOM   729  C CA  . ASN A 1 93  ? -10.607 5.878   -0.335  1.00 22.46 ? 93  ASN A CA  1 
ATOM   730  C C   . ASN A 1 93  ? -9.101  5.702   -0.124  1.00 21.33 ? 93  ASN A C   1 
ATOM   731  O O   . ASN A 1 93  ? -8.503  6.398   0.699   1.00 21.11 ? 93  ASN A O   1 
ATOM   732  C CB  . ASN A 1 93  ? -10.856 6.923   -1.443  1.00 21.79 ? 93  ASN A CB  1 
ATOM   733  C CG  . ASN A 1 93  ? -11.005 6.304   -2.827  1.00 20.59 ? 93  ASN A CG  1 
ATOM   734  O OD1 . ASN A 1 93  ? -10.865 5.103   -3.003  1.00 21.82 ? 93  ASN A OD1 1 
ATOM   735  N ND2 . ASN A 1 93  ? -11.320 7.127   -3.810  1.00 22.93 ? 93  ASN A ND2 1 
ATOM   736  N N   . VAL A 1 94  ? -8.516  4.701   -0.774  1.00 22.42 ? 94  VAL A N   1 
ATOM   737  C CA  . VAL A 1 94  ? -7.080  4.468   -0.706  1.00 20.85 ? 94  VAL A CA  1 
ATOM   738  C C   . VAL A 1 94  ? -6.666  4.868   -2.118  1.00 22.20 ? 94  VAL A C   1 
ATOM   739  O O   . VAL A 1 94  ? -7.111  4.262   -3.095  1.00 24.27 ? 94  VAL A O   1 
ATOM   740  C CB  . VAL A 1 94  ? -6.751  2.994   -0.435  1.00 20.95 ? 94  VAL A CB  1 
ATOM   741  C CG1 . VAL A 1 94  ? -5.258  2.789   -0.478  1.00 19.06 ? 94  VAL A CG1 1 
ATOM   742  C CG2 . VAL A 1 94  ? -7.316  2.577   0.910   1.00 17.50 ? 94  VAL A CG2 1 
ATOM   743  N N   . VAL A 1 95  ? -5.847  5.906   -2.225  1.00 21.30 ? 95  VAL A N   1 
ATOM   744  C CA  . VAL A 1 95  ? -5.447  6.438   -3.517  1.00 20.93 ? 95  VAL A CA  1 
ATOM   745  C C   . VAL A 1 95  ? -3.927  6.599   -3.684  1.00 23.79 ? 95  VAL A C   1 
ATOM   746  O O   . VAL A 1 95  ? -3.224  6.893   -2.720  1.00 23.73 ? 95  VAL A O   1 
ATOM   747  C CB  . VAL A 1 95  ? -6.104  7.831   -3.703  1.00 18.43 ? 95  VAL A CB  1 
ATOM   748  C CG1 . VAL A 1 95  ? -5.917  8.354   -5.115  1.00 16.94 ? 95  VAL A CG1 1 
ATOM   749  C CG2 . VAL A 1 95  ? -7.570  7.777   -3.320  1.00 14.67 ? 95  VAL A CG2 1 
ATOM   750  N N   . ILE A 1 96  ? -3.433  6.391   -4.907  1.00 25.03 ? 96  ILE A N   1 
ATOM   751  C CA  . ILE A 1 96  ? -2.013  6.584   -5.226  1.00 26.19 ? 96  ILE A CA  1 
ATOM   752  C C   . ILE A 1 96  ? -1.935  7.893   -6.037  1.00 25.24 ? 96  ILE A C   1 
ATOM   753  O O   . ILE A 1 96  ? -2.669  8.060   -7.012  1.00 27.15 ? 96  ILE A O   1 
ATOM   754  C CB  . ILE A 1 96  ? -1.436  5.441   -6.114  1.00 24.82 ? 96  ILE A CB  1 
ATOM   755  C CG1 . ILE A 1 96  ? -1.340  4.134   -5.336  1.00 21.84 ? 96  ILE A CG1 1 
ATOM   756  C CG2 . ILE A 1 96  ? -0.057  5.816   -6.642  1.00 21.72 ? 96  ILE A CG2 1 
ATOM   757  C CD1 . ILE A 1 96  ? -0.870  2.960   -6.181  1.00 24.16 ? 96  ILE A CD1 1 
ATOM   758  N N   . TYR A 1 97  ? -1.121  8.844   -5.590  1.00 22.52 ? 97  TYR A N   1 
ATOM   759  C CA  . TYR A 1 97  ? -0.951  10.109  -6.300  1.00 22.78 ? 97  TYR A CA  1 
ATOM   760  C C   . TYR A 1 97  ? 0.517   10.226  -6.668  1.00 25.80 ? 97  TYR A C   1 
ATOM   761  O O   . TYR A 1 97  ? 1.388   9.730   -5.941  1.00 26.27 ? 97  TYR A O   1 
ATOM   762  C CB  . TYR A 1 97  ? -1.302  11.327  -5.432  1.00 21.06 ? 97  TYR A CB  1 
ATOM   763  C CG  . TYR A 1 97  ? -2.752  11.492  -5.049  1.00 19.71 ? 97  TYR A CG  1 
ATOM   764  C CD1 . TYR A 1 97  ? -3.253  10.912  -3.885  1.00 21.12 ? 97  TYR A CD1 1 
ATOM   765  C CD2 . TYR A 1 97  ? -3.604  12.287  -5.808  1.00 19.83 ? 97  TYR A CD2 1 
ATOM   766  C CE1 . TYR A 1 97  ? -4.565  11.124  -3.486  1.00 22.84 ? 97  TYR A CE1 1 
ATOM   767  C CE2 . TYR A 1 97  ? -4.922  12.506  -5.421  1.00 21.25 ? 97  TYR A CE2 1 
ATOM   768  C CZ  . TYR A 1 97  ? -5.394  11.924  -4.259  1.00 26.03 ? 97  TYR A CZ  1 
ATOM   769  O OH  . TYR A 1 97  ? -6.694  12.140  -3.874  1.00 26.57 ? 97  TYR A OH  1 
ATOM   770  N N   . GLY A 1 98  ? 0.794   10.908  -7.774  1.00 27.62 ? 98  GLY A N   1 
ATOM   771  C CA  . GLY A 1 98  ? 2.169   11.096  -8.205  1.00 27.47 ? 98  GLY A CA  1 
ATOM   772  C C   . GLY A 1 98  ? 2.234   11.538  -9.653  1.00 29.68 ? 98  GLY A C   1 
ATOM   773  O O   . GLY A 1 98  ? 1.258   11.379  -10.390 1.00 27.30 ? 98  GLY A O   1 
ATOM   774  N N   . THR A 1 99  ? 3.359   12.104  -10.072 1.00 28.56 ? 99  THR A N   1 
ATOM   775  C CA  . THR A 1 99  ? 4.515   12.323  -9.217  1.00 29.86 ? 99  THR A CA  1 
ATOM   776  C C   . THR A 1 99  ? 4.411   13.684  -8.541  1.00 27.48 ? 99  THR A C   1 
ATOM   777  O O   . THR A 1 99  ? 3.379   14.348  -8.622  1.00 30.05 ? 99  THR A O   1 
ATOM   778  C CB  . THR A 1 99  ? 5.814   12.304  -10.054 1.00 34.21 ? 99  THR A CB  1 
ATOM   779  O OG1 . THR A 1 99  ? 5.631   13.108  -11.226 1.00 33.32 ? 99  THR A OG1 1 
ATOM   780  C CG2 . THR A 1 99  ? 6.178   10.892  -10.470 1.00 34.15 ? 99  THR A CG2 1 
ATOM   781  N N   . ASP A 1 100 ? 5.481   14.083  -7.862  1.00 26.79 ? 100 ASP A N   1 
ATOM   782  C CA  . ASP A 1 100 ? 5.542   15.372  -7.193  1.00 29.01 ? 100 ASP A CA  1 
ATOM   783  C C   . ASP A 1 100 ? 5.576   16.470  -8.251  1.00 32.53 ? 100 ASP A C   1 
ATOM   784  O O   . ASP A 1 100 ? 6.193   16.310  -9.306  1.00 35.85 ? 100 ASP A O   1 
ATOM   785  C CB  . ASP A 1 100 ? 6.785   15.445  -6.302  1.00 30.53 ? 100 ASP A CB  1 
ATOM   786  C CG  . ASP A 1 100 ? 8.056   15.060  -7.036  1.00 33.17 ? 100 ASP A CG  1 
ATOM   787  O OD1 . ASP A 1 100 ? 8.145   13.918  -7.533  1.00 31.88 ? 100 ASP A OD1 1 
ATOM   788  O OD2 . ASP A 1 100 ? 8.979   15.890  -7.114  1.00 34.22 ? 100 ASP A OD2 1 
ATOM   789  N N   . ARG A 1 101 ? 4.880   17.567  -7.989  1.00 32.26 ? 101 ARG A N   1 
ATOM   790  C CA  . ARG A 1 101 ? 4.821   18.685  -8.925  1.00 31.79 ? 101 ARG A CA  1 
ATOM   791  C C   . ARG A 1 101 ? 5.483   19.934  -8.360  1.00 33.54 ? 101 ARG A C   1 
ATOM   792  O O   . ARG A 1 101 ? 5.909   20.816  -9.100  1.00 36.92 ? 101 ARG A O   1 
ATOM   793  C CB  . ARG A 1 101 ? 3.362   19.007  -9.254  1.00 34.27 ? 101 ARG A CB  1 
ATOM   794  C CG  . ARG A 1 101 ? 2.565   17.832  -9.789  1.00 38.40 ? 101 ARG A CG  1 
ATOM   795  C CD  . ARG A 1 101 ? 3.181   17.303  -11.073 1.00 47.69 ? 101 ARG A CD  1 
ATOM   796  N NE  . ARG A 1 101 ? 2.578   16.042  -11.504 1.00 54.09 ? 101 ARG A NE  1 
ATOM   797  C CZ  . ARG A 1 101 ? 3.004   15.322  -12.540 1.00 56.28 ? 101 ARG A CZ  1 
ATOM   798  N NH1 . ARG A 1 101 ? 4.039   15.739  -13.261 1.00 58.63 ? 101 ARG A NH1 1 
ATOM   799  N NH2 . ARG A 1 101 ? 2.412   14.174  -12.847 1.00 54.32 ? 101 ARG A NH2 1 
ATOM   800  N N   . TRP A 1 102 ? 5.577   19.999  -7.039  1.00 33.37 ? 102 TRP A N   1 
ATOM   801  C CA  . TRP A 1 102 ? 6.138   21.152  -6.358  1.00 30.38 ? 102 TRP A CA  1 
ATOM   802  C C   . TRP A 1 102 ? 6.495   20.740  -4.925  1.00 29.59 ? 102 TRP A C   1 
ATOM   803  O O   . TRP A 1 102 ? 5.887   19.822  -4.368  1.00 27.83 ? 102 TRP A O   1 
ATOM   804  C CB  . TRP A 1 102 ? 5.076   22.270  -6.339  1.00 29.90 ? 102 TRP A CB  1 
ATOM   805  C CG  . TRP A 1 102 ? 5.496   23.522  -5.639  1.00 31.41 ? 102 TRP A CG  1 
ATOM   806  C CD1 . TRP A 1 102 ? 6.181   24.567  -6.183  1.00 33.77 ? 102 TRP A CD1 1 
ATOM   807  C CD2 . TRP A 1 102 ? 5.307   23.844  -4.252  1.00 32.85 ? 102 TRP A CD2 1 
ATOM   808  N NE1 . TRP A 1 102 ? 6.445   25.513  -5.221  1.00 35.94 ? 102 TRP A NE1 1 
ATOM   809  C CE2 . TRP A 1 102 ? 5.921   25.099  -4.028  1.00 34.41 ? 102 TRP A CE2 1 
ATOM   810  C CE3 . TRP A 1 102 ? 4.686   23.190  -3.174  1.00 32.55 ? 102 TRP A CE3 1 
ATOM   811  C CZ2 . TRP A 1 102 ? 5.935   25.719  -2.771  1.00 33.89 ? 102 TRP A CZ2 1 
ATOM   812  C CZ3 . TRP A 1 102 ? 4.701   23.809  -1.917  1.00 31.11 ? 102 TRP A CZ3 1 
ATOM   813  C CH2 . TRP A 1 102 ? 5.323   25.063  -1.732  1.00 32.16 ? 102 TRP A CH2 1 
ATOM   814  N N   . ALA A 1 103 ? 7.481   21.413  -4.343  1.00 26.64 ? 103 ALA A N   1 
ATOM   815  C CA  . ALA A 1 103 ? 7.903   21.149  -2.974  1.00 27.75 ? 103 ALA A CA  1 
ATOM   816  C C   . ALA A 1 103 ? 8.600   22.393  -2.423  1.00 29.20 ? 103 ALA A C   1 
ATOM   817  O O   . ALA A 1 103 ? 9.090   23.220  -3.193  1.00 30.65 ? 103 ALA A O   1 
ATOM   818  C CB  . ALA A 1 103 ? 8.834   19.941  -2.922  1.00 26.66 ? 103 ALA A CB  1 
ATOM   819  N N   . THR A 1 104 ? 8.571   22.560  -1.102  1.00 28.44 ? 104 THR A N   1 
ATOM   820  C CA  . THR A 1 104 ? 9.225   23.693  -0.444  1.00 27.88 ? 104 THR A CA  1 
ATOM   821  C C   . THR A 1 104 ? 10.739  23.423  -0.386  1.00 30.18 ? 104 THR A C   1 
ATOM   822  O O   . THR A 1 104 ? 11.531  24.334  -0.157  1.00 31.08 ? 104 THR A O   1 
ATOM   823  C CB  . THR A 1 104 ? 8.705   23.885  1.009   1.00 24.85 ? 104 THR A CB  1 
ATOM   824  O OG1 . THR A 1 104 ? 8.702   22.617  1.679   1.00 26.24 ? 104 THR A OG1 1 
ATOM   825  C CG2 . THR A 1 104 ? 7.302   24.455  1.028   1.00 20.65 ? 104 THR A CG2 1 
ATOM   826  N N   . GLY A 1 105 ? 11.124  22.159  -0.567  1.00 30.05 ? 105 GLY A N   1 
ATOM   827  C CA  . GLY A 1 105 ? 12.529  21.781  -0.524  1.00 30.51 ? 105 GLY A CA  1 
ATOM   828  C C   . GLY A 1 105 ? 13.108  21.867  0.880   1.00 33.69 ? 105 GLY A C   1 
ATOM   829  O O   . GLY A 1 105 ? 14.306  22.077  1.047   1.00 34.89 ? 105 GLY A O   1 
ATOM   830  N N   . THR A 1 106 ? 12.266  21.644  1.888   1.00 35.00 ? 106 THR A N   1 
ATOM   831  C CA  . THR A 1 106 ? 12.673  21.707  3.295   1.00 34.37 ? 106 THR A CA  1 
ATOM   832  C C   . THR A 1 106 ? 12.902  20.337  3.950   1.00 35.38 ? 106 THR A C   1 
ATOM   833  O O   . THR A 1 106 ? 12.874  20.209  5.168   1.00 34.87 ? 106 THR A O   1 
ATOM   834  C CB  . THR A 1 106 ? 11.640  22.523  4.129   1.00 34.07 ? 106 THR A CB  1 
ATOM   835  O OG1 . THR A 1 106 ? 10.315  22.048  3.853   1.00 32.88 ? 106 THR A OG1 1 
ATOM   836  C CG2 . THR A 1 106 ? 11.711  24.007  3.774   1.00 27.55 ? 106 THR A CG2 1 
ATOM   837  N N   . HIS A 1 107 ? 13.130  19.320  3.126   1.00 37.79 ? 107 HIS A N   1 
ATOM   838  C CA  . HIS A 1 107 ? 13.381  17.960  3.600   1.00 42.42 ? 107 HIS A CA  1 
ATOM   839  C C   . HIS A 1 107 ? 14.744  17.864  4.280   1.00 49.18 ? 107 HIS A C   1 
ATOM   840  O O   . HIS A 1 107 ? 15.723  18.432  3.797   1.00 51.00 ? 107 HIS A O   1 
ATOM   841  C CB  1 HIS A 1 107 ? 13.311  16.959  2.441   0.50 39.98 ? 107 HIS A CB  1 
ATOM   842  C CB  2 HIS A 1 107 ? 13.311  16.987  2.406   0.50 40.98 ? 107 HIS A CB  1 
ATOM   843  C CG  1 HIS A 1 107 ? 14.368  17.159  1.402   0.50 37.63 ? 107 HIS A CG  1 
ATOM   844  C CG  2 HIS A 1 107 ? 14.212  15.793  2.523   0.50 38.46 ? 107 HIS A CG  1 
ATOM   845  N ND1 1 HIS A 1 107 ? 14.256  18.099  0.396   0.50 34.39 ? 107 HIS A ND1 1 
ATOM   846  N ND1 2 HIS A 1 107 ? 13.918  14.706  3.315   0.50 41.03 ? 107 HIS A ND1 1 
ATOM   847  C CD2 1 HIS A 1 107 ? 15.566  16.561  1.222   0.50 36.83 ? 107 HIS A CD2 1 
ATOM   848  C CD2 2 HIS A 1 107 ? 15.402  15.520  1.938   0.50 37.00 ? 107 HIS A CD2 1 
ATOM   849  C CE1 1 HIS A 1 107 ? 15.339  18.069  -0.352  0.50 37.08 ? 107 HIS A CE1 1 
ATOM   850  C CE1 2 HIS A 1 107 ? 14.887  13.812  3.216   0.50 36.75 ? 107 HIS A CE1 1 
ATOM   851  N NE2 1 HIS A 1 107 ? 16.153  17.144  0.125   0.50 37.66 ? 107 HIS A NE2 1 
ATOM   852  N NE2 2 HIS A 1 107 ? 15.799  14.286  2.389   0.50 40.70 ? 107 HIS A NE2 1 
ATOM   853  N N   . THR A 1 108 ? 14.792  17.146  5.396   1.00 58.40 ? 108 THR A N   1 
ATOM   854  C CA  . THR A 1 108 ? 16.037  16.932  6.120   1.00 67.34 ? 108 THR A CA  1 
ATOM   855  C C   . THR A 1 108 ? 16.799  15.791  5.416   1.00 72.36 ? 108 THR A C   1 
ATOM   856  O O   . THR A 1 108 ? 16.612  14.607  5.791   1.00 76.13 ? 108 THR A O   1 
ATOM   857  C CB  . THR A 1 108 ? 15.767  16.581  7.617   1.00 67.03 ? 108 THR A CB  1 
ATOM   858  O OG1 . THR A 1 108 ? 14.836  15.490  7.700   1.00 66.01 ? 108 THR A OG1 1 
ATOM   859  C CG2 . THR A 1 108 ? 15.202  17.788  8.363   1.00 64.09 ? 108 THR A CG2 1 
HETATM 860  C C1  . MAN B 2 .   ? -14.938 9.146   -8.997  0.50 32.56 ? 1   MAN B C1  1 
HETATM 861  C C2  . MAN B 2 .   ? -13.771 9.406   -8.037  0.50 31.76 ? 1   MAN B C2  1 
HETATM 862  C C3  . MAN B 2 .   ? -14.076 10.616  -7.145  0.50 29.78 ? 1   MAN B C3  1 
HETATM 863  C C4  . MAN B 2 .   ? -14.451 11.816  -7.997  0.50 30.43 ? 1   MAN B C4  1 
HETATM 864  C C5  . MAN B 2 .   ? -15.585 11.470  -8.961  0.50 30.65 ? 1   MAN B C5  1 
HETATM 865  C C6  . MAN B 2 .   ? -15.847 12.617  -9.924  0.50 29.19 ? 1   MAN B C6  1 
HETATM 866  O O1  . MAN B 2 .   ? -16.079 8.788   -8.297  0.50 36.13 ? 1   MAN B O1  1 
HETATM 867  O O2  . MAN B 2 .   ? -12.585 9.642   -8.781  0.50 33.05 ? 1   MAN B O2  1 
HETATM 868  O O3  . MAN B 2 .   ? -12.922 10.965  -6.358  0.50 27.31 ? 1   MAN B O3  1 
HETATM 869  O O4  . MAN B 2 .   ? -14.839 12.894  -7.154  0.50 28.20 ? 1   MAN B O4  1 
HETATM 870  O O5  . MAN B 2 .   ? -15.230 10.322  -9.768  0.50 35.27 ? 1   MAN B O5  1 
HETATM 871  O O6  . MAN B 2 .   ? -16.916 12.259  -10.818 0.50 27.10 ? 1   MAN B O6  1 
HETATM 872  C C1  . MAN B 2 .   ? -12.521 10.055  -5.380  0.50 25.93 ? 2   MAN B C1  1 
HETATM 873  C C2  . MAN B 2 .   ? -11.952 10.827  -4.194  0.50 28.18 ? 2   MAN B C2  1 
HETATM 874  C C3  . MAN B 2 .   ? -10.675 11.570  -4.610  0.50 27.71 ? 2   MAN B C3  1 
HETATM 875  C C4  . MAN B 2 .   ? -9.680  10.611  -5.273  0.50 25.32 ? 2   MAN B C4  1 
HETATM 876  C C5  . MAN B 2 .   ? -10.353 9.806   -6.385  0.50 26.15 ? 2   MAN B C5  1 
HETATM 877  C C6  . MAN B 2 .   ? -9.464  8.717   -6.953  0.50 25.16 ? 2   MAN B C6  1 
HETATM 878  O O2  . MAN B 2 .   ? -11.663 9.923   -3.141  0.50 30.16 ? 2   MAN B O2  1 
HETATM 879  O O3  . MAN B 2 .   ? -10.066 12.157  -3.468  0.50 26.76 ? 2   MAN B O3  1 
HETATM 880  O O4  . MAN B 2 .   ? -8.595  11.353  -5.812  0.50 23.95 ? 2   MAN B O4  1 
HETATM 881  O O5  . MAN B 2 .   ? -11.542 9.159   -5.882  0.50 26.41 ? 2   MAN B O5  1 
HETATM 882  O O6  . MAN B 2 .   ? -10.235 7.687   -7.556  0.50 30.37 ? 2   MAN B O6  1 
HETATM 883  C C1  . MAN B 2 .   ? -17.126 13.210  -11.824 0.50 26.29 ? 3   MAN B C1  1 
HETATM 884  C C2  . MAN B 2 .   ? -18.491 12.956  -12.454 0.50 28.23 ? 3   MAN B C2  1 
HETATM 885  C C3  . MAN B 2 .   ? -18.468 11.610  -13.181 0.50 27.36 ? 3   MAN B C3  1 
HETATM 886  C C4  . MAN B 2 .   ? -17.340 11.593  -14.210 0.50 24.49 ? 3   MAN B C4  1 
HETATM 887  C C5  . MAN B 2 .   ? -16.003 11.931  -13.548 0.50 24.06 ? 3   MAN B C5  1 
HETATM 888  C C6  . MAN B 2 .   ? -14.895 12.093  -14.574 0.50 20.99 ? 3   MAN B C6  1 
HETATM 889  O O2  . MAN B 2 .   ? -18.802 14.001  -13.364 0.50 32.06 ? 3   MAN B O2  1 
HETATM 890  O O3  . MAN B 2 .   ? -19.710 11.384  -13.831 0.50 26.77 ? 3   MAN B O3  1 
HETATM 891  O O4  . MAN B 2 .   ? -17.267 10.311  -14.819 0.50 23.83 ? 3   MAN B O4  1 
HETATM 892  O O5  . MAN B 2 .   ? -16.106 13.181  -12.819 0.50 24.72 ? 3   MAN B O5  1 
HETATM 893  O O6  . MAN B 2 .   ? -13.740 12.683  -14.000 0.50 20.58 ? 3   MAN B O6  1 
HETATM 894  C C1  . MAN C 3 .   ? 6.039   -4.137  -13.240 0.20 15.51 ? 1   MAN C C1  1 
HETATM 895  C C2  . MAN C 3 .   ? 6.976   -3.551  -12.187 0.20 14.92 ? 1   MAN C C2  1 
HETATM 896  C C3  . MAN C 3 .   ? 7.479   -4.651  -11.262 0.20 14.81 ? 1   MAN C C3  1 
HETATM 897  C C4  . MAN C 3 .   ? 6.297   -5.415  -10.670 0.20 15.14 ? 1   MAN C C4  1 
HETATM 898  C C5  . MAN C 3 .   ? 5.380   -5.931  -11.777 0.20 16.12 ? 1   MAN C C5  1 
HETATM 899  C C6  . MAN C 3 .   ? 4.125   -6.588  -11.219 0.20 15.56 ? 1   MAN C C6  1 
HETATM 900  O O1  . MAN C 3 .   ? 6.732   -5.019  -14.052 0.20 18.01 ? 1   MAN C O1  1 
HETATM 901  O O2  . MAN C 3 .   ? 6.290   -2.568  -11.428 0.20 12.26 ? 1   MAN C O2  1 
HETATM 902  O O3  . MAN C 3 .   ? 8.243   -4.075  -10.215 0.20 14.73 ? 1   MAN C O3  1 
HETATM 903  O O4  . MAN C 3 .   ? 6.766   -6.511  -9.900  0.20 13.26 ? 1   MAN C O4  1 
HETATM 904  O O5  . MAN C 3 .   ? 4.953   -4.841  -12.622 0.20 18.05 ? 1   MAN C O5  1 
HETATM 905  O O6  . MAN C 3 .   ? 3.226   -6.907  -12.301 0.20 16.36 ? 1   MAN C O6  1 
HETATM 906  C C1  . MAN C 3 .   ? 3.066   -8.283  -12.518 0.20 16.34 ? 2   MAN C C1  1 
HETATM 907  C C2  . MAN C 3 .   ? 2.392   -8.499  -13.874 0.20 17.04 ? 2   MAN C C2  1 
HETATM 908  C C3  . MAN C 3 .   ? 0.966   -7.966  -13.833 0.20 16.88 ? 2   MAN C C3  1 
HETATM 909  C C4  . MAN C 3 .   ? 0.201   -8.616  -12.687 0.20 16.12 ? 2   MAN C C4  1 
HETATM 910  C C5  . MAN C 3 .   ? 0.952   -8.431  -11.367 0.20 14.84 ? 2   MAN C C5  1 
HETATM 911  C C6  . MAN C 3 .   ? 0.310   -9.194  -10.222 0.20 13.12 ? 2   MAN C C6  1 
HETATM 912  O O2  . MAN C 3 .   ? 2.379   -9.882  -14.198 0.20 18.64 ? 2   MAN C O2  1 
HETATM 913  O O3  . MAN C 3 .   ? 0.310   -8.255  -15.061 0.20 18.86 ? 2   MAN C O3  1 
HETATM 914  O O4  . MAN C 3 .   ? -1.087  -8.025  -12.596 0.20 16.75 ? 2   MAN C O4  1 
HETATM 915  O O5  . MAN C 3 .   ? 2.309   -8.906  -11.486 0.20 14.19 ? 2   MAN C O5  1 
HETATM 916  O O6  . MAN C 3 .   ? 0.387   -10.597 -10.425 0.20 14.74 ? 2   MAN C O6  1 
HETATM 917  C C1  . MAN D 2 .   ? -10.197 -13.597 3.744   0.70 36.53 ? 1   MAN D C1  1 
HETATM 918  C C2  . MAN D 2 .   ? -9.278  -13.342 4.943   0.70 33.92 ? 1   MAN D C2  1 
HETATM 919  C C3  . MAN D 2 .   ? -9.952  -12.397 5.936   0.70 34.24 ? 1   MAN D C3  1 
HETATM 920  C C4  . MAN D 2 .   ? -10.429 -11.125 5.235   0.70 33.10 ? 1   MAN D C4  1 
HETATM 921  C C5  . MAN D 2 .   ? -11.286 -11.465 4.018   0.70 34.15 ? 1   MAN D C5  1 
HETATM 922  C C6  . MAN D 2 .   ? -11.653 -10.240 3.206   0.70 33.43 ? 1   MAN D C6  1 
HETATM 923  O O1  . MAN D 2 .   ? -11.351 -14.263 4.141   0.70 38.60 ? 1   MAN D O1  1 
HETATM 924  O O2  . MAN D 2 .   ? -8.072  -12.758 4.484   0.70 30.81 ? 1   MAN D O2  1 
HETATM 925  O O3  . MAN D 2 .   ? -9.030  -12.042 6.985   0.70 34.21 ? 1   MAN D O3  1 
HETATM 926  O O4  . MAN D 2 .   ? -11.195 -10.351 6.148   0.70 34.16 ? 1   MAN D O4  1 
HETATM 927  O O5  . MAN D 2 .   ? -10.575 -12.356 3.127   0.70 37.26 ? 1   MAN D O5  1 
HETATM 928  O O6  . MAN D 2 .   ? -12.434 -10.644 2.062   0.70 36.49 ? 1   MAN D O6  1 
HETATM 929  C C1  . MAN D 2 .   ? -9.431  -12.394 8.276   0.70 38.83 ? 2   MAN D C1  1 
HETATM 930  C C2  . MAN D 2 .   ? -8.536  -11.700 9.309   0.70 40.07 ? 2   MAN D C2  1 
HETATM 931  C C3  . MAN D 2 .   ? -7.130  -12.315 9.351   0.70 43.66 ? 2   MAN D C3  1 
HETATM 932  C C4  . MAN D 2 .   ? -7.208  -13.836 9.456   0.70 46.33 ? 2   MAN D C4  1 
HETATM 933  C C5  . MAN D 2 .   ? -8.104  -14.388 8.350   0.70 48.08 ? 2   MAN D C5  1 
HETATM 934  C C6  . MAN D 2 .   ? -8.272  -15.898 8.415   0.70 50.70 ? 2   MAN D C6  1 
HETATM 935  O O2  . MAN D 2 .   ? -9.128  -11.795 10.595  0.70 39.78 ? 2   MAN D O2  1 
HETATM 936  O O3  . MAN D 2 .   ? -6.431  -11.809 10.480  0.70 40.71 ? 2   MAN D O3  1 
HETATM 937  O O4  . MAN D 2 .   ? -5.904  -14.393 9.354   0.70 49.08 ? 2   MAN D O4  1 
HETATM 938  O O5  . MAN D 2 .   ? -9.416  -13.803 8.461   0.70 43.06 ? 2   MAN D O5  1 
HETATM 939  O O6  . MAN D 2 .   ? -9.050  -16.276 9.544   0.70 57.88 ? 2   MAN D O6  1 
HETATM 940  C C1  . MAN D 2 .   ? -13.804 -10.412 2.235   0.70 38.80 ? 3   MAN D C1  1 
HETATM 941  C C2  . MAN D 2 .   ? -14.595 -11.327 1.311   0.70 41.39 ? 3   MAN D C2  1 
HETATM 942  C C3  . MAN D 2 .   ? -14.339 -10.960 -0.151  0.70 41.26 ? 3   MAN D C3  1 
HETATM 943  C C4  . MAN D 2 .   ? -14.541 -9.464  -0.395  0.70 40.27 ? 3   MAN D C4  1 
HETATM 944  C C5  . MAN D 2 .   ? -13.814 -8.612  0.654   0.70 36.86 ? 3   MAN D C5  1 
HETATM 945  C C6  . MAN D 2 .   ? -14.225 -7.155  0.585   0.70 34.34 ? 3   MAN D C6  1 
HETATM 946  O O2  . MAN D 2 .   ? -15.982 -11.210 1.601   0.70 44.56 ? 3   MAN D O2  1 
HETATM 947  O O3  . MAN D 2 .   ? -15.229 -11.684 -0.985  0.70 41.98 ? 3   MAN D O3  1 
HETATM 948  O O4  . MAN D 2 .   ? -14.063 -9.136  -1.694  0.70 41.91 ? 3   MAN D O4  1 
HETATM 949  O O5  . MAN D 2 .   ? -14.143 -9.061  1.980   0.70 38.77 ? 3   MAN D O5  1 
HETATM 950  O O6  . MAN D 2 .   ? -15.603 -7.004  0.894   0.70 29.73 ? 3   MAN D O6  1 
HETATM 951  O O   . HOH E 4 .   ? 6.868   10.166  -2.191  1.00 28.91 ? 118 HOH A O   1 
HETATM 952  O O   . HOH E 4 .   ? 9.161   8.995   -1.417  1.00 43.75 ? 119 HOH A O   1 
HETATM 953  O O   . HOH E 4 .   ? 8.591   11.326  3.869   1.00 46.00 ? 120 HOH A O   1 
HETATM 954  O O   . HOH E 4 .   ? 3.740   10.964  6.827   1.00 27.81 ? 121 HOH A O   1 
HETATM 955  O O   . HOH E 4 .   ? -3.173  8.476   11.015  1.00 35.49 ? 122 HOH A O   1 
HETATM 956  O O   . HOH E 4 .   ? -6.571  8.977   12.939  1.00 42.08 ? 123 HOH A O   1 
HETATM 957  O O   . HOH E 4 .   ? -12.541 6.983   10.335  1.00 37.56 ? 124 HOH A O   1 
HETATM 958  O O   . HOH E 4 .   ? -6.811  -8.841  10.330  1.00 40.36 ? 125 HOH A O   1 
HETATM 959  O O   . HOH E 4 .   ? -2.227  -10.488 9.835   1.00 50.59 ? 126 HOH A O   1 
HETATM 960  O O   . HOH E 4 .   ? 1.844   -0.468  11.047  1.00 25.50 ? 127 HOH A O   1 
HETATM 961  O O   . HOH E 4 .   ? 2.443   3.151   8.857   1.00 44.42 ? 128 HOH A O   1 
HETATM 962  O O   . HOH E 4 .   ? -16.087 11.584  3.756   1.00 42.65 ? 129 HOH A O   1 
HETATM 963  O O   . HOH E 4 .   ? 9.359   0.200   -2.122  1.00 35.36 ? 130 HOH A O   1 
HETATM 964  O O   . HOH E 4 .   ? 10.763  1.049   -5.624  1.00 37.06 ? 131 HOH A O   1 
HETATM 965  O O   . HOH E 4 .   ? -6.491  4.755   13.977  0.50 4.51  ? 132 HOH A O   1 
HETATM 966  O O   . HOH E 4 .   ? -10.142 -1.686  11.820  1.00 42.76 ? 133 HOH A O   1 
HETATM 967  O O   . HOH E 4 .   ? -3.528  -13.074 8.670   1.00 41.84 ? 134 HOH A O   1 
HETATM 968  O O   . HOH E 4 .   ? -12.396 6.041   -6.843  1.00 40.96 ? 135 HOH A O   1 
HETATM 969  O O   . HOH E 4 .   ? -19.954 -0.566  3.310   1.00 62.91 ? 136 HOH A O   1 
HETATM 970  O O   . HOH E 4 .   ? -6.173  10.224  5.962   1.00 30.61 ? 137 HOH A O   1 
HETATM 971  O O   . HOH E 4 .   ? 0.395   3.202   11.042  1.00 52.32 ? 138 HOH A O   1 
HETATM 972  O O   . HOH E 4 .   ? -9.395  -0.403  -8.346  1.00 42.91 ? 139 HOH A O   1 
HETATM 973  O O   . HOH E 4 .   ? -18.186 -1.336  10.385  1.00 53.37 ? 140 HOH A O   1 
HETATM 974  O O   . HOH E 4 .   ? -15.335 6.102   10.489  1.00 44.25 ? 141 HOH A O   1 
HETATM 975  O O   . HOH E 4 .   ? -7.830  17.042  5.667   1.00 69.24 ? 142 HOH A O   1 
HETATM 976  O O   . HOH E 4 .   ? 5.964   30.322  -6.740  1.00 49.12 ? 143 HOH A O   1 
HETATM 977  O O   . HOH E 4 .   ? -6.861  -10.785 -7.155  1.00 54.01 ? 144 HOH A O   1 
HETATM 978  O O   . HOH E 4 .   ? -1.231  -18.363 4.435   1.00 66.14 ? 145 HOH A O   1 
HETATM 979  O O   . HOH E 4 .   ? 11.607  10.052  8.014   1.00 50.57 ? 146 HOH A O   1 
HETATM 980  O O   . HOH E 4 .   ? 1.091   -0.008  -16.137 1.00 56.14 ? 147 HOH A O   1 
HETATM 981  O O   . HOH E 4 .   ? 3.764   3.768   6.420   1.00 54.60 ? 148 HOH A O   1 
HETATM 982  O O   . HOH E 4 .   ? 9.642   0.859   4.938   1.00 44.72 ? 149 HOH A O   1 
HETATM 983  O O   . HOH E 4 .   ? 8.920   -2.312  6.382   1.00 42.83 ? 150 HOH A O   1 
HETATM 984  O O   . HOH E 4 .   ? 10.579  7.687   -3.785  1.00 45.14 ? 151 HOH A O   1 
HETATM 985  O O   . HOH E 4 .   ? 10.922  7.104   0.874   1.00 43.19 ? 152 HOH A O   1 
HETATM 986  O O   . HOH E 4 .   ? -14.439 -9.247  10.020  1.00 54.46 ? 153 HOH A O   1 
HETATM 987  O O   . HOH E 4 .   ? -3.972  -8.653  11.544  1.00 54.35 ? 154 HOH A O   1 
HETATM 988  O O   . HOH E 4 .   ? -13.622 10.042  8.213   1.00 46.73 ? 155 HOH A O   1 
HETATM 989  O O   . HOH E 4 .   ? -12.371 12.590  9.203   1.00 55.49 ? 156 HOH A O   1 
HETATM 990  O O   . HOH E 4 .   ? 3.915   0.873   10.128  1.00 47.35 ? 157 HOH A O   1 
HETATM 991  O O   . HOH E 4 .   ? 2.321   -4.408  -12.760 1.00 46.63 ? 158 HOH A O   1 
HETATM 992  O O   . HOH E 4 .   ? -8.689  -14.132 -0.019  1.00 42.76 ? 159 HOH A O   1 
HETATM 993  O O   . HOH E 4 .   ? 6.898   -9.090  5.848   1.00 46.64 ? 160 HOH A O   1 
HETATM 994  O O   . HOH E 4 .   ? 9.750   12.907  -9.596  1.00 55.47 ? 161 HOH A O   1 
HETATM 995  O O   . HOH E 4 .   ? 3.813   33.838  -7.284  1.00 58.51 ? 162 HOH A O   1 
HETATM 996  O O   . HOH E 4 .   ? 2.048   -1.737  -14.275 1.00 60.75 ? 163 HOH A O   1 
HETATM 997  O O   . HOH E 4 .   ? 11.382  26.580  -2.148  1.00 56.31 ? 164 HOH A O   1 
HETATM 998  O O   . HOH E 4 .   ? -4.152  -10.804 -8.122  1.00 47.24 ? 165 HOH A O   1 
HETATM 999  O O   . HOH E 4 .   ? 19.069  18.332  3.229   1.00 59.45 ? 166 HOH A O   1 
HETATM 1000 O O   . HOH E 4 .   ? -16.840 3.900   10.979  1.00 51.27 ? 167 HOH A O   1 
HETATM 1001 O O   . HOH E 4 .   ? -14.620 -15.009 4.476   1.00 51.81 ? 168 HOH A O   1 
HETATM 1002 O O   . HOH E 4 .   ? -3.121  5.287   -14.123 1.00 55.44 ? 169 HOH A O   1 
HETATM 1003 O O   . HOH E 4 .   ? 4.431   -5.892  -15.061 1.00 58.52 ? 170 HOH A O   1 
HETATM 1004 O O   . HOH E 4 .   ? 4.635   -7.714  14.306  1.00 63.55 ? 171 HOH A O   1 
HETATM 1005 O O   . HOH E 4 .   ? -10.647 -11.953 0.300   1.00 50.07 ? 172 HOH A O   1 
# 
